data_9HLH
#
_entry.id   9HLH
#
_cell.length_a   1.00
_cell.length_b   1.00
_cell.length_c   1.00
_cell.angle_alpha   90.00
_cell.angle_beta   90.00
_cell.angle_gamma   90.00
#
_symmetry.space_group_name_H-M   'P 1'
#
loop_
_entity.id
_entity.type
_entity.pdbx_description
1 polymer Neuraminidase
2 non-polymer '(3~{S},4~{R},5~{R},6~{R})-4-acetamido-3-azanyl-5-pentan-3-yloxy-6-(pent-4-ynoylamino)cyclohexene-1-carboxylic acid'
3 non-polymer 2-acetamido-2-deoxy-beta-D-glucopyranose
4 non-polymer 'CALCIUM ION'
5 water water
#
_entity_poly.entity_id   1
_entity_poly.type   'polypeptide(L)'
_entity_poly.pdbx_seq_one_letter_code
;VKLAGNSSLCPVSGWAPLSKDNSVRIGSKGDVFVIREPFISCSPLECRTFFLTQGALLNDKHSNGTIKDRSPYRTLMSVP
IGSVPSPYNARFESIAWSASACHDGINWLTIGITGPDNGAVAILKYNGIITDTIKSWRNNILRTQESECACVNGSCFTVM
TDGPSNGQASYKIFRIEKGKIVKSVEMNAPNYHYEECSCYPDSSEITCVCRDNWHGSNRPWVSFNQNLEYQIGYICSGIF
GDNPRPNDKTGSCGPVSSNGANGVKGFSFKYGNGVWIGRTKSISSRNGFEMIWDPNGWTGTDNNFSIKQDIVGINEWSGY
SGSFVMHPELTGLDCIVPCFWVELIRGRPKENTIWTSGSSISFCGVNSDTVGWSWPDGAELPFTIDK
;
_entity_poly.pdbx_strand_id   A,B,C,D
#
loop_
_chem_comp.id
_chem_comp.type
_chem_comp.name
_chem_comp.formula
A1IVW non-polymer '(3~{S},4~{R},5~{R},6~{R})-4-acetamido-3-azanyl-5-pentan-3-yloxy-6-(pent-4-ynoylamino)cyclohexene-1-carboxylic acid' 'C19 H29 N3 O5'
CA non-polymer 'CALCIUM ION' 'Ca 2'
NAG D-saccharide, beta linking 2-acetamido-2-deoxy-beta-D-glucopyranose 'C8 H15 N O6'
#
# COMPACT_ATOMS: atom_id res chain seq x y z
N VAL A 1 -18.15 -15.22 -10.03
CA VAL A 1 -18.53 -16.53 -10.54
C VAL A 1 -17.30 -17.45 -10.50
N LYS A 2 -17.55 -18.75 -10.44
CA LYS A 2 -16.46 -19.71 -10.30
C LYS A 2 -15.93 -20.12 -11.66
N LEU A 3 -14.64 -20.48 -11.69
CA LEU A 3 -14.00 -20.90 -12.93
C LEU A 3 -14.60 -22.20 -13.43
N ALA A 4 -14.90 -22.25 -14.73
CA ALA A 4 -15.51 -23.43 -15.31
C ALA A 4 -14.49 -24.56 -15.46
N GLY A 5 -13.29 -24.24 -15.94
CA GLY A 5 -12.25 -25.23 -16.10
C GLY A 5 -12.54 -26.30 -17.13
N ASN A 6 -13.43 -26.03 -18.08
CA ASN A 6 -13.90 -27.04 -19.00
C ASN A 6 -13.37 -26.86 -20.42
N SER A 7 -12.63 -25.79 -20.68
CA SER A 7 -12.03 -25.60 -21.99
C SER A 7 -10.67 -26.30 -22.06
N SER A 8 -10.20 -26.51 -23.29
CA SER A 8 -8.93 -27.16 -23.48
C SER A 8 -7.77 -26.18 -23.31
N LEU A 9 -6.57 -26.73 -23.18
CA LEU A 9 -5.37 -25.90 -23.23
C LEU A 9 -5.21 -25.32 -24.63
N CYS A 10 -4.86 -24.04 -24.70
CA CYS A 10 -4.54 -23.44 -25.99
C CYS A 10 -3.26 -24.09 -26.52
N PRO A 11 -3.24 -24.48 -27.80
CA PRO A 11 -2.00 -24.99 -28.38
C PRO A 11 -1.00 -23.87 -28.55
N VAL A 12 0.22 -24.09 -28.07
CA VAL A 12 1.24 -23.04 -28.06
C VAL A 12 2.48 -23.54 -28.80
N SER A 13 3.18 -22.60 -29.42
CA SER A 13 4.41 -22.90 -30.15
C SER A 13 5.64 -22.27 -29.50
N GLY A 14 5.46 -21.43 -28.50
CA GLY A 14 6.57 -20.77 -27.84
C GLY A 14 6.12 -20.23 -26.51
N TRP A 15 7.08 -19.68 -25.77
CA TRP A 15 6.84 -19.19 -24.43
C TRP A 15 7.34 -17.76 -24.32
N ALA A 16 6.47 -16.87 -23.90
CA ALA A 16 6.79 -15.45 -23.81
C ALA A 16 7.02 -15.07 -22.36
N PRO A 17 8.02 -14.22 -22.08
CA PRO A 17 8.30 -13.84 -20.69
C PRO A 17 7.18 -13.01 -20.08
N LEU A 18 6.67 -13.48 -18.96
CA LEU A 18 5.59 -12.81 -18.25
C LEU A 18 6.10 -11.91 -17.14
N SER A 19 7.00 -12.41 -16.30
CA SER A 19 7.36 -11.64 -15.12
C SER A 19 8.79 -11.95 -14.68
N LYS A 20 9.36 -11.01 -13.93
CA LYS A 20 10.67 -11.15 -13.32
C LYS A 20 10.73 -10.18 -12.16
N ASP A 21 11.02 -10.69 -10.96
CA ASP A 21 10.97 -9.89 -9.75
C ASP A 21 12.29 -9.19 -9.41
N ASN A 22 13.43 -9.83 -9.75
CA ASN A 22 14.76 -9.32 -9.42
C ASN A 22 14.93 -9.11 -7.91
N SER A 23 14.50 -10.11 -7.13
CA SER A 23 14.35 -9.92 -5.69
C SER A 23 15.69 -9.79 -4.98
N VAL A 24 16.70 -10.58 -5.39
CA VAL A 24 17.97 -10.57 -4.69
C VAL A 24 18.74 -9.26 -4.96
N ARG A 25 18.68 -8.78 -6.20
CA ARG A 25 19.33 -7.52 -6.56
C ARG A 25 18.74 -6.35 -5.76
N ILE A 26 17.42 -6.31 -5.63
CA ILE A 26 16.77 -5.26 -4.84
C ILE A 26 17.04 -5.47 -3.35
N GLY A 27 17.05 -6.73 -2.91
CA GLY A 27 17.27 -7.07 -1.52
C GLY A 27 18.69 -6.91 -1.04
N SER A 28 19.63 -6.61 -1.94
CA SER A 28 20.97 -6.24 -1.49
C SER A 28 20.93 -4.97 -0.64
N LYS A 29 20.12 -3.98 -1.02
CA LYS A 29 19.94 -2.76 -0.22
C LYS A 29 18.55 -2.66 0.41
N GLY A 30 17.51 -3.11 -0.28
CA GLY A 30 16.17 -3.04 0.26
C GLY A 30 15.88 -4.13 1.28
N ASP A 31 14.70 -4.03 1.89
CA ASP A 31 14.25 -5.01 2.88
C ASP A 31 13.36 -6.02 2.16
N VAL A 32 13.97 -7.11 1.72
CA VAL A 32 13.32 -8.13 0.91
C VAL A 32 13.45 -9.47 1.62
N PHE A 33 12.35 -10.22 1.66
CA PHE A 33 12.35 -11.54 2.29
C PHE A 33 13.33 -12.49 1.62
N VAL A 34 13.98 -13.30 2.44
CA VAL A 34 14.65 -14.51 1.96
C VAL A 34 13.54 -15.54 1.71
N ILE A 35 13.37 -15.95 0.45
CA ILE A 35 12.24 -16.77 0.06
C ILE A 35 12.72 -18.07 -0.56
N ARG A 36 11.92 -19.11 -0.39
CA ARG A 36 12.15 -20.40 -1.01
C ARG A 36 10.80 -20.95 -1.48
N GLU A 37 10.88 -21.80 -2.50
CA GLU A 37 9.71 -22.38 -3.16
C GLU A 37 8.66 -21.35 -3.59
N PRO A 38 9.02 -20.41 -4.48
CA PRO A 38 8.00 -19.48 -4.97
C PRO A 38 7.18 -20.12 -6.08
N PHE A 39 5.88 -19.84 -6.07
CA PHE A 39 5.00 -20.30 -7.13
C PHE A 39 3.96 -19.23 -7.39
N ILE A 40 3.38 -19.29 -8.58
CA ILE A 40 2.44 -18.28 -9.04
C ILE A 40 1.08 -18.93 -9.22
N SER A 41 0.05 -18.30 -8.65
CA SER A 41 -1.33 -18.66 -8.92
C SER A 41 -2.10 -17.41 -9.30
N CYS A 42 -3.16 -17.59 -10.08
CA CYS A 42 -3.89 -16.47 -10.65
C CYS A 42 -5.34 -16.49 -10.19
N SER A 43 -5.84 -15.31 -9.83
CA SER A 43 -7.26 -15.08 -9.62
C SER A 43 -7.87 -14.61 -10.93
N PRO A 44 -9.20 -14.55 -11.03
CA PRO A 44 -9.81 -13.97 -12.25
C PRO A 44 -9.51 -12.50 -12.48
N LEU A 45 -8.90 -11.81 -11.52
CA LEU A 45 -8.48 -10.42 -11.69
C LEU A 45 -6.99 -10.28 -11.94
N GLU A 46 -6.16 -10.97 -11.15
CA GLU A 46 -4.72 -10.76 -11.21
C GLU A 46 -4.00 -12.03 -10.78
N CYS A 47 -2.71 -12.10 -11.09
CA CYS A 47 -1.86 -13.20 -10.70
C CYS A 47 -0.98 -12.77 -9.53
N ARG A 48 -0.77 -13.68 -8.58
CA ARG A 48 0.05 -13.43 -7.41
C ARG A 48 1.19 -14.42 -7.35
N THR A 49 2.31 -13.97 -6.78
CA THR A 49 3.44 -14.85 -6.49
C THR A 49 3.40 -15.23 -5.03
N PHE A 50 3.21 -16.52 -4.77
CA PHE A 50 3.25 -17.07 -3.42
C PHE A 50 4.66 -17.55 -3.11
N PHE A 51 5.04 -17.49 -1.85
CA PHE A 51 6.38 -17.90 -1.44
C PHE A 51 6.37 -18.27 0.03
N LEU A 52 7.36 -19.08 0.41
CA LEU A 52 7.61 -19.45 1.80
C LEU A 52 8.78 -18.66 2.34
N THR A 53 8.65 -18.15 3.57
CA THR A 53 9.71 -17.37 4.19
C THR A 53 9.72 -17.65 5.68
N GLN A 54 10.89 -17.49 6.29
CA GLN A 54 11.05 -17.64 7.73
C GLN A 54 10.97 -16.32 8.49
N GLY A 55 10.67 -15.23 7.80
CA GLY A 55 10.75 -13.92 8.42
C GLY A 55 12.16 -13.38 8.50
N ALA A 56 13.05 -13.85 7.63
CA ALA A 56 14.41 -13.33 7.56
C ALA A 56 14.58 -12.55 6.27
N LEU A 57 15.16 -11.37 6.38
CA LEU A 57 15.41 -10.53 5.22
C LEU A 57 16.78 -10.83 4.64
N LEU A 58 16.96 -10.45 3.38
CA LEU A 58 18.26 -10.56 2.74
C LEU A 58 19.24 -9.59 3.41
N ASN A 59 20.50 -10.03 3.52
CA ASN A 59 21.54 -9.35 4.30
C ASN A 59 21.07 -9.09 5.74
N ASP A 60 20.83 -10.18 6.46
CA ASP A 60 20.41 -10.12 7.85
C ASP A 60 20.91 -11.37 8.57
N LYS A 61 21.10 -11.25 9.89
CA LYS A 61 21.67 -12.34 10.67
C LYS A 61 20.71 -13.53 10.79
N HIS A 62 19.41 -13.27 10.72
CA HIS A 62 18.41 -14.33 10.86
C HIS A 62 18.28 -15.20 9.63
N SER A 63 18.98 -14.88 8.55
CA SER A 63 18.96 -15.69 7.33
C SER A 63 20.19 -16.58 7.24
N ASP A 69 14.57 -26.21 6.96
CA ASP A 69 13.50 -26.19 5.98
C ASP A 69 12.12 -26.11 6.64
N ARG A 70 11.84 -27.06 7.53
CA ARG A 70 10.52 -27.17 8.14
C ARG A 70 10.51 -26.60 9.56
N SER A 71 10.80 -25.32 9.64
CA SER A 71 10.83 -24.59 10.90
C SER A 71 9.42 -24.17 11.31
N PRO A 72 9.21 -23.92 12.61
CA PRO A 72 7.92 -23.34 13.03
C PRO A 72 7.68 -21.93 12.54
N TYR A 73 8.72 -21.22 12.13
CA TYR A 73 8.60 -19.83 11.70
C TYR A 73 8.26 -19.69 10.23
N ARG A 74 8.25 -20.78 9.48
CA ARG A 74 7.98 -20.71 8.04
C ARG A 74 6.52 -20.35 7.80
N THR A 75 6.29 -19.33 6.98
CA THR A 75 4.96 -18.86 6.64
C THR A 75 4.82 -18.78 5.14
N LEU A 76 3.60 -18.93 4.66
CA LEU A 76 3.27 -18.68 3.26
C LEU A 76 2.77 -17.25 3.12
N MET A 77 3.40 -16.51 2.21
CA MET A 77 3.01 -15.13 1.97
C MET A 77 2.90 -14.93 0.46
N SER A 78 2.29 -13.81 0.05
CA SER A 78 2.11 -13.54 -1.36
C SER A 78 2.25 -12.06 -1.67
N VAL A 79 2.65 -11.78 -2.89
CA VAL A 79 2.73 -10.43 -3.44
C VAL A 79 2.08 -10.45 -4.82
N PRO A 80 1.72 -9.28 -5.36
CA PRO A 80 1.39 -9.23 -6.79
C PRO A 80 2.58 -9.66 -7.62
N ILE A 81 2.30 -10.26 -8.78
CA ILE A 81 3.35 -10.87 -9.60
C ILE A 81 4.33 -9.80 -10.09
N GLY A 82 5.61 -10.12 -10.01
CA GLY A 82 6.67 -9.21 -10.40
C GLY A 82 7.10 -8.22 -9.33
N SER A 83 6.40 -8.16 -8.20
CA SER A 83 6.82 -7.29 -7.12
C SER A 83 7.75 -8.05 -6.17
N VAL A 84 8.57 -7.30 -5.45
CA VAL A 84 9.55 -7.95 -4.57
C VAL A 84 8.83 -8.52 -3.36
N PRO A 85 9.28 -9.65 -2.84
CA PRO A 85 8.75 -10.13 -1.56
C PRO A 85 9.32 -9.33 -0.41
N SER A 86 8.54 -8.40 0.11
CA SER A 86 9.00 -7.50 1.16
C SER A 86 8.00 -7.51 2.30
N PRO A 87 8.45 -7.26 3.53
CA PRO A 87 7.51 -7.13 4.65
C PRO A 87 6.49 -6.02 4.47
N TYR A 88 6.81 -4.98 3.70
CA TYR A 88 5.93 -3.83 3.56
C TYR A 88 4.85 -4.01 2.50
N ASN A 89 4.94 -5.03 1.66
CA ASN A 89 3.92 -5.24 0.63
C ASN A 89 3.39 -6.67 0.54
N ALA A 90 3.94 -7.61 1.31
CA ALA A 90 3.48 -9.00 1.22
C ALA A 90 2.23 -9.21 2.05
N ARG A 91 1.37 -10.08 1.57
CA ARG A 91 0.14 -10.45 2.25
C ARG A 91 0.32 -11.82 2.88
N PHE A 92 0.05 -11.92 4.17
CA PHE A 92 0.14 -13.19 4.86
C PHE A 92 -0.95 -14.14 4.39
N GLU A 93 -0.59 -15.40 4.17
CA GLU A 93 -1.56 -16.41 3.77
C GLU A 93 -1.76 -17.48 4.84
N SER A 94 -0.70 -18.16 5.26
CA SER A 94 -0.81 -19.23 6.25
C SER A 94 0.58 -19.55 6.79
N ILE A 95 0.59 -20.23 7.92
CA ILE A 95 1.81 -20.83 8.46
C ILE A 95 2.04 -22.16 7.74
N ALA A 96 3.19 -22.30 7.11
CA ALA A 96 3.44 -23.44 6.24
C ALA A 96 4.92 -23.59 5.95
N TRP A 97 5.43 -24.81 6.04
CA TRP A 97 6.69 -25.16 5.38
C TRP A 97 6.49 -26.01 4.14
N SER A 98 5.23 -26.35 3.81
CA SER A 98 4.86 -26.93 2.52
C SER A 98 3.48 -26.38 2.19
N ALA A 99 3.30 -25.90 0.96
CA ALA A 99 2.15 -25.07 0.67
C ALA A 99 1.62 -25.33 -0.73
N SER A 100 0.35 -24.95 -0.91
CA SER A 100 -0.30 -24.84 -2.20
C SER A 100 -1.34 -23.74 -2.08
N ALA A 101 -1.73 -23.17 -3.22
CA ALA A 101 -2.73 -22.11 -3.24
C ALA A 101 -3.41 -22.08 -4.60
N CYS A 102 -4.70 -21.80 -4.59
CA CYS A 102 -5.44 -21.63 -5.84
C CYS A 102 -6.69 -20.81 -5.60
N HIS A 103 -7.16 -20.17 -6.66
CA HIS A 103 -8.36 -19.36 -6.64
C HIS A 103 -9.42 -20.06 -7.47
N ASP A 104 -10.58 -20.29 -6.87
CA ASP A 104 -11.66 -21.00 -7.56
C ASP A 104 -12.57 -20.08 -8.36
N GLY A 105 -12.24 -18.79 -8.43
CA GLY A 105 -13.10 -17.80 -9.02
C GLY A 105 -13.85 -16.94 -8.04
N ILE A 106 -14.04 -17.43 -6.80
CA ILE A 106 -14.67 -16.67 -5.74
C ILE A 106 -13.64 -16.16 -4.73
N ASN A 107 -12.91 -17.08 -4.11
CA ASN A 107 -11.94 -16.71 -3.07
C ASN A 107 -10.66 -17.51 -3.25
N TRP A 108 -9.65 -17.14 -2.46
CA TRP A 108 -8.39 -17.86 -2.45
C TRP A 108 -8.46 -19.05 -1.52
N LEU A 109 -8.13 -20.23 -2.04
CA LEU A 109 -7.85 -21.40 -1.22
C LEU A 109 -6.35 -21.48 -0.99
N THR A 110 -5.97 -21.69 0.26
CA THR A 110 -4.58 -21.87 0.63
C THR A 110 -4.46 -23.13 1.46
N ILE A 111 -3.54 -24.01 1.09
CA ILE A 111 -3.27 -25.23 1.84
C ILE A 111 -1.88 -25.10 2.45
N GLY A 112 -1.83 -25.02 3.77
CA GLY A 112 -0.57 -24.85 4.45
C GLY A 112 -0.24 -25.99 5.38
N ILE A 113 0.93 -26.59 5.21
CA ILE A 113 1.34 -27.71 6.04
C ILE A 113 2.40 -27.23 7.04
N THR A 114 2.11 -27.42 8.32
CA THR A 114 3.05 -27.13 9.38
C THR A 114 2.98 -28.27 10.39
N GLY A 115 3.80 -28.18 11.44
CA GLY A 115 3.84 -29.21 12.44
C GLY A 115 5.11 -30.03 12.37
N PRO A 116 5.25 -31.00 13.28
CA PRO A 116 6.45 -31.85 13.27
C PRO A 116 6.43 -32.84 12.10
N ASP A 117 7.60 -33.44 11.85
CA ASP A 117 7.75 -34.36 10.74
C ASP A 117 6.91 -35.61 10.92
N ASN A 118 6.73 -36.08 12.15
CA ASN A 118 5.91 -37.24 12.41
C ASN A 118 4.49 -36.89 12.83
N GLY A 119 4.12 -35.61 12.78
CA GLY A 119 2.78 -35.22 13.15
C GLY A 119 2.20 -34.04 12.37
N ALA A 120 2.64 -33.84 11.14
CA ALA A 120 2.29 -32.65 10.38
C ALA A 120 0.80 -32.63 10.02
N VAL A 121 0.25 -31.44 9.88
CA VAL A 121 -1.16 -31.23 9.55
C VAL A 121 -1.25 -30.20 8.43
N ALA A 122 -2.01 -30.52 7.39
CA ALA A 122 -2.29 -29.58 6.32
C ALA A 122 -3.46 -28.67 6.74
N ILE A 123 -3.20 -27.37 6.82
CA ILE A 123 -4.22 -26.41 7.22
C ILE A 123 -4.81 -25.80 5.96
N LEU A 124 -6.10 -26.01 5.74
CA LEU A 124 -6.80 -25.47 4.59
C LEU A 124 -7.51 -24.19 4.97
N LYS A 125 -7.20 -23.10 4.28
CA LYS A 125 -7.82 -21.81 4.52
C LYS A 125 -8.55 -21.36 3.26
N TYR A 126 -9.82 -21.02 3.41
CA TYR A 126 -10.62 -20.44 2.35
C TYR A 126 -11.00 -19.02 2.75
N ASN A 127 -10.59 -18.05 1.93
CA ASN A 127 -10.79 -16.62 2.18
C ASN A 127 -10.23 -16.22 3.54
N GLY A 128 -9.06 -16.75 3.87
CA GLY A 128 -8.41 -16.47 5.14
C GLY A 128 -9.00 -17.17 6.33
N ILE A 129 -10.01 -18.01 6.14
CA ILE A 129 -10.71 -18.68 7.24
C ILE A 129 -10.30 -20.15 7.23
N ILE A 130 -9.87 -20.66 8.38
CA ILE A 130 -9.55 -22.08 8.49
C ILE A 130 -10.82 -22.90 8.34
N THR A 131 -10.88 -23.70 7.29
CA THR A 131 -12.08 -24.45 6.92
C THR A 131 -11.95 -25.95 7.16
N ASP A 132 -10.75 -26.50 7.02
CA ASP A 132 -10.55 -27.94 7.20
C ASP A 132 -9.08 -28.19 7.49
N THR A 133 -8.80 -29.35 8.06
CA THR A 133 -7.43 -29.80 8.29
C THR A 133 -7.30 -31.27 7.92
N ILE A 134 -6.10 -31.67 7.50
CA ILE A 134 -5.78 -33.06 7.19
C ILE A 134 -4.59 -33.48 8.04
N LYS A 135 -4.78 -34.51 8.86
CA LYS A 135 -3.68 -35.09 9.61
C LYS A 135 -2.76 -35.88 8.69
N SER A 136 -1.51 -36.02 9.10
CA SER A 136 -0.60 -36.95 8.47
C SER A 136 -1.08 -38.38 8.68
N TRP A 137 -1.14 -39.15 7.59
CA TRP A 137 -1.61 -40.53 7.67
C TRP A 137 -0.48 -41.54 7.67
N ARG A 138 0.77 -41.10 7.55
CA ARG A 138 1.92 -41.99 7.61
C ARG A 138 3.02 -41.47 8.54
N ASN A 139 2.88 -40.25 9.06
CA ASN A 139 3.80 -39.65 10.03
C ASN A 139 5.22 -39.53 9.51
N ASN A 140 5.38 -39.31 8.19
CA ASN A 140 6.70 -39.14 7.60
C ASN A 140 6.64 -37.97 6.61
N ILE A 141 6.79 -36.75 7.15
CA ILE A 141 6.81 -35.49 6.40
C ILE A 141 5.67 -35.37 5.39
N LEU A 142 4.48 -35.04 5.87
CA LEU A 142 3.37 -34.75 4.97
C LEU A 142 3.70 -33.51 4.14
N ARG A 143 3.50 -33.60 2.84
CA ARG A 143 3.96 -32.55 1.94
C ARG A 143 3.04 -32.49 0.71
N THR A 144 3.11 -31.36 0.02
CA THR A 144 2.16 -31.06 -1.05
C THR A 144 2.93 -30.44 -2.22
N GLN A 145 2.16 -29.79 -3.12
CA GLN A 145 2.61 -29.48 -4.48
C GLN A 145 3.78 -28.52 -4.54
N GLU A 146 3.83 -27.52 -3.64
CA GLU A 146 4.67 -26.32 -3.79
C GLU A 146 4.38 -25.58 -5.09
N SER A 147 3.14 -25.68 -5.58
CA SER A 147 2.69 -24.92 -6.73
C SER A 147 1.19 -24.74 -6.61
N GLU A 148 0.59 -24.16 -7.63
CA GLU A 148 -0.84 -23.88 -7.59
C GLU A 148 -1.65 -25.17 -7.68
N CYS A 149 -2.78 -25.20 -6.97
CA CYS A 149 -3.72 -26.28 -7.20
C CYS A 149 -4.62 -25.94 -8.38
N ALA A 150 -5.34 -26.96 -8.86
CA ALA A 150 -6.12 -26.83 -10.07
C ALA A 150 -7.60 -26.87 -9.71
N CYS A 151 -8.32 -25.82 -10.11
CA CYS A 151 -9.74 -25.70 -9.80
C CYS A 151 -10.57 -25.92 -11.06
N VAL A 152 -11.58 -26.79 -10.95
CA VAL A 152 -12.56 -27.02 -12.01
C VAL A 152 -13.94 -26.94 -11.40
N ASN A 153 -14.77 -26.02 -11.89
CA ASN A 153 -16.20 -25.93 -11.58
C ASN A 153 -16.44 -25.78 -10.08
N GLY A 154 -15.81 -24.77 -9.49
CA GLY A 154 -15.99 -24.51 -8.08
C GLY A 154 -15.34 -25.49 -7.14
N SER A 155 -14.48 -26.37 -7.64
CA SER A 155 -13.82 -27.38 -6.83
C SER A 155 -12.34 -27.43 -7.19
N CYS A 156 -11.49 -27.45 -6.18
CA CYS A 156 -10.05 -27.39 -6.39
C CYS A 156 -9.39 -28.69 -5.92
N PHE A 157 -8.31 -29.06 -6.59
CA PHE A 157 -7.72 -30.38 -6.46
C PHE A 157 -6.24 -30.26 -6.18
N THR A 158 -5.76 -31.05 -5.23
CA THR A 158 -4.34 -31.09 -4.91
C THR A 158 -3.93 -32.53 -4.65
N VAL A 159 -2.62 -32.77 -4.75
CA VAL A 159 -2.01 -34.06 -4.49
C VAL A 159 -1.06 -33.89 -3.31
N MET A 160 -1.11 -34.83 -2.37
CA MET A 160 -0.28 -34.79 -1.18
C MET A 160 0.40 -36.13 -0.97
N THR A 161 1.62 -36.07 -0.42
CA THR A 161 2.48 -37.22 -0.21
C THR A 161 2.82 -37.37 1.26
N ASP A 162 2.76 -38.60 1.76
CA ASP A 162 3.18 -38.94 3.12
C ASP A 162 3.99 -40.22 3.06
N GLY A 163 5.24 -40.16 3.49
CA GLY A 163 6.12 -41.30 3.41
C GLY A 163 7.54 -40.91 3.04
N PRO A 164 8.40 -41.90 2.85
CA PRO A 164 9.81 -41.61 2.53
C PRO A 164 9.99 -40.97 1.17
N SER A 165 10.99 -40.09 1.08
CA SER A 165 11.39 -39.46 -0.16
C SER A 165 12.45 -40.25 -0.90
N ASN A 166 12.83 -41.42 -0.39
CA ASN A 166 13.82 -42.29 -1.02
C ASN A 166 13.30 -43.72 -1.11
N GLY A 167 12.00 -43.87 -1.30
CA GLY A 167 11.38 -45.18 -1.36
C GLY A 167 9.90 -45.04 -1.64
N GLN A 168 9.19 -46.15 -1.52
CA GLN A 168 7.75 -46.14 -1.75
C GLN A 168 7.04 -45.32 -0.66
N ALA A 169 6.22 -44.38 -1.08
CA ALA A 169 5.47 -43.51 -0.19
C ALA A 169 3.97 -43.63 -0.53
N SER A 170 3.17 -42.80 0.13
CA SER A 170 1.72 -42.84 -0.01
C SER A 170 1.23 -41.54 -0.61
N TYR A 171 0.40 -41.64 -1.64
CA TYR A 171 -0.03 -40.49 -2.43
C TYR A 171 -1.54 -40.41 -2.41
N LYS A 172 -2.06 -39.22 -2.14
CA LYS A 172 -3.48 -38.99 -2.00
C LYS A 172 -3.92 -37.84 -2.89
N ILE A 173 -5.14 -37.96 -3.42
CA ILE A 173 -5.77 -36.93 -4.21
C ILE A 173 -6.97 -36.38 -3.42
N PHE A 174 -7.11 -35.06 -3.42
CA PHE A 174 -8.13 -34.40 -2.63
C PHE A 174 -9.03 -33.55 -3.51
N ARG A 175 -10.33 -33.58 -3.23
CA ARG A 175 -11.30 -32.69 -3.85
C ARG A 175 -11.78 -31.72 -2.77
N ILE A 176 -11.61 -30.43 -3.03
CA ILE A 176 -11.83 -29.38 -2.03
C ILE A 176 -12.84 -28.39 -2.59
N GLU A 177 -13.87 -28.10 -1.81
CA GLU A 177 -14.91 -27.15 -2.20
C GLU A 177 -15.11 -26.16 -1.08
N LYS A 178 -14.84 -24.88 -1.37
CA LYS A 178 -14.91 -23.78 -0.39
C LYS A 178 -14.02 -24.05 0.83
N GLY A 179 -12.87 -24.67 0.59
CA GLY A 179 -11.95 -25.00 1.64
C GLY A 179 -12.22 -26.29 2.39
N LYS A 180 -13.28 -27.00 2.05
CA LYS A 180 -13.66 -28.23 2.74
C LYS A 180 -13.39 -29.44 1.84
N ILE A 181 -12.73 -30.43 2.41
CA ILE A 181 -12.45 -31.67 1.69
C ILE A 181 -13.74 -32.47 1.57
N VAL A 182 -14.23 -32.63 0.35
CA VAL A 182 -15.46 -33.37 0.12
C VAL A 182 -15.22 -34.78 -0.41
N LYS A 183 -14.02 -35.06 -0.91
CA LYS A 183 -13.68 -36.41 -1.33
C LYS A 183 -12.17 -36.58 -1.27
N SER A 184 -11.73 -37.71 -0.73
CA SER A 184 -10.32 -38.07 -0.69
C SER A 184 -10.15 -39.47 -1.26
N VAL A 185 -9.10 -39.65 -2.06
CA VAL A 185 -8.80 -40.92 -2.70
C VAL A 185 -7.31 -41.19 -2.57
N GLU A 186 -6.96 -42.36 -2.03
CA GLU A 186 -5.58 -42.78 -1.96
C GLU A 186 -5.20 -43.53 -3.24
N MET A 187 -4.12 -43.10 -3.87
CA MET A 187 -3.67 -43.73 -5.11
C MET A 187 -3.03 -45.07 -4.82
N ASN A 188 -3.33 -46.06 -5.66
CA ASN A 188 -2.69 -47.37 -5.59
C ASN A 188 -1.65 -47.41 -6.68
N ALA A 189 -0.43 -47.00 -6.36
CA ALA A 189 0.66 -46.87 -7.33
C ALA A 189 1.92 -47.52 -6.79
N PRO A 190 2.01 -48.86 -6.82
CA PRO A 190 3.25 -49.51 -6.44
C PRO A 190 4.35 -49.24 -7.45
N ASN A 191 5.58 -49.05 -6.94
CA ASN A 191 6.80 -48.71 -7.67
C ASN A 191 6.79 -47.31 -8.27
N TYR A 192 5.81 -46.48 -7.93
CA TYR A 192 5.78 -45.08 -8.34
C TYR A 192 6.29 -44.20 -7.20
N HIS A 193 6.53 -42.93 -7.51
CA HIS A 193 6.88 -41.95 -6.49
C HIS A 193 6.46 -40.57 -6.98
N TYR A 194 5.66 -39.89 -6.17
CA TYR A 194 5.07 -38.60 -6.54
C TYR A 194 5.44 -37.56 -5.49
N GLU A 195 6.24 -36.56 -5.89
CA GLU A 195 6.55 -35.42 -5.05
C GLU A 195 6.31 -34.13 -5.82
N GLU A 196 5.72 -33.15 -5.13
CA GLU A 196 5.64 -31.76 -5.58
C GLU A 196 4.99 -31.65 -6.96
N CYS A 197 3.73 -32.06 -7.01
CA CYS A 197 3.02 -32.20 -8.28
C CYS A 197 2.67 -30.84 -8.87
N SER A 198 2.83 -30.73 -10.18
CA SER A 198 2.40 -29.55 -10.93
C SER A 198 1.11 -29.91 -11.64
N CYS A 199 -0.01 -29.50 -11.06
CA CYS A 199 -1.33 -29.87 -11.54
C CYS A 199 -1.96 -28.70 -12.29
N TYR A 200 -2.62 -29.00 -13.40
CA TYR A 200 -3.33 -27.98 -14.16
C TYR A 200 -4.66 -28.55 -14.65
N PRO A 201 -5.66 -27.69 -14.82
CA PRO A 201 -6.93 -28.14 -15.39
C PRO A 201 -6.91 -28.13 -16.91
N ASP A 202 -7.59 -29.12 -17.49
CA ASP A 202 -7.69 -29.22 -18.94
C ASP A 202 -8.94 -30.05 -19.25
N SER A 203 -9.97 -29.39 -19.80
CA SER A 203 -11.21 -30.03 -20.25
C SER A 203 -11.90 -30.80 -19.13
N SER A 204 -12.17 -30.11 -18.02
CA SER A 204 -12.86 -30.63 -16.83
C SER A 204 -12.11 -31.78 -16.15
N GLU A 205 -10.82 -31.94 -16.44
CA GLU A 205 -10.00 -32.96 -15.81
C GLU A 205 -8.69 -32.33 -15.34
N ILE A 206 -8.04 -32.98 -14.40
CA ILE A 206 -6.79 -32.51 -13.81
C ILE A 206 -5.67 -33.43 -14.25
N THR A 207 -4.54 -32.84 -14.64
CA THR A 207 -3.33 -33.59 -14.93
C THR A 207 -2.20 -33.03 -14.09
N CYS A 208 -1.54 -33.90 -13.32
CA CYS A 208 -0.42 -33.52 -12.48
C CYS A 208 0.85 -34.17 -12.99
N VAL A 209 1.92 -33.40 -13.12
CA VAL A 209 3.22 -33.91 -13.49
C VAL A 209 4.16 -33.69 -12.33
N CYS A 210 4.67 -34.77 -11.77
CA CYS A 210 5.32 -34.75 -10.46
C CYS A 210 6.77 -35.19 -10.58
N ARG A 211 7.41 -35.39 -9.43
CA ARG A 211 8.83 -35.68 -9.33
C ARG A 211 9.01 -37.04 -8.66
N ASP A 212 9.73 -37.94 -9.33
CA ASP A 212 10.13 -39.22 -8.75
C ASP A 212 11.48 -39.00 -8.07
N ASN A 213 11.46 -38.94 -6.74
CA ASN A 213 12.68 -38.81 -5.96
C ASN A 213 13.34 -40.15 -5.66
N TRP A 214 12.68 -41.27 -5.98
CA TRP A 214 13.17 -42.58 -5.55
C TRP A 214 14.03 -43.24 -6.62
N HIS A 215 13.43 -43.57 -7.76
CA HIS A 215 14.13 -44.34 -8.77
C HIS A 215 13.73 -43.93 -10.18
N GLY A 216 13.35 -42.67 -10.37
CA GLY A 216 12.91 -42.22 -11.69
C GLY A 216 13.53 -40.92 -12.14
N SER A 217 14.10 -40.92 -13.34
CA SER A 217 14.62 -39.70 -13.94
C SER A 217 13.69 -39.15 -15.02
N ASN A 218 12.64 -39.88 -15.38
CA ASN A 218 11.51 -39.32 -16.10
C ASN A 218 10.41 -38.99 -15.10
N ARG A 219 9.47 -38.19 -15.54
CA ARG A 219 8.53 -37.68 -14.55
C ARG A 219 7.28 -38.53 -14.50
N PRO A 220 6.82 -38.88 -13.31
CA PRO A 220 5.51 -39.54 -13.18
C PRO A 220 4.38 -38.54 -13.41
N TRP A 221 3.23 -39.08 -13.78
CA TRP A 221 2.04 -38.25 -13.94
C TRP A 221 0.83 -38.97 -13.38
N VAL A 222 -0.16 -38.18 -12.97
CA VAL A 222 -1.46 -38.69 -12.55
C VAL A 222 -2.52 -37.77 -13.14
N SER A 223 -3.54 -38.38 -13.76
CA SER A 223 -4.66 -37.64 -14.33
C SER A 223 -5.95 -38.18 -13.74
N PHE A 224 -6.86 -37.29 -13.38
CA PHE A 224 -8.09 -37.69 -12.70
C PHE A 224 -9.20 -36.71 -13.03
N ASN A 225 -10.43 -37.16 -12.83
CA ASN A 225 -11.62 -36.34 -13.03
C ASN A 225 -12.14 -35.84 -11.68
N GLN A 226 -13.31 -35.21 -11.69
CA GLN A 226 -13.81 -34.55 -10.49
C GLN A 226 -14.25 -35.53 -9.42
N ASN A 227 -14.55 -36.77 -9.79
CA ASN A 227 -14.85 -37.80 -8.81
C ASN A 227 -13.63 -38.64 -8.46
N LEU A 228 -12.44 -38.21 -8.88
CA LEU A 228 -11.14 -38.72 -8.47
C LEU A 228 -10.90 -40.16 -8.95
N GLU A 229 -11.45 -40.54 -10.09
CA GLU A 229 -10.99 -41.73 -10.79
C GLU A 229 -9.72 -41.37 -11.54
N TYR A 230 -8.62 -42.04 -11.19
CA TYR A 230 -7.30 -41.60 -11.62
C TYR A 230 -6.66 -42.59 -12.58
N GLN A 231 -5.70 -42.08 -13.35
CA GLN A 231 -4.83 -42.88 -14.17
C GLN A 231 -3.40 -42.43 -13.91
N ILE A 232 -2.46 -43.38 -13.94
CA ILE A 232 -1.08 -43.11 -13.58
C ILE A 232 -0.14 -43.63 -14.66
N GLY A 233 1.04 -43.04 -14.68
CA GLY A 233 2.10 -43.47 -15.57
C GLY A 233 3.27 -42.53 -15.44
N TYR A 234 4.31 -42.81 -16.22
CA TYR A 234 5.44 -41.92 -16.36
C TYR A 234 5.43 -41.35 -17.77
N ILE A 235 6.00 -40.14 -17.91
CA ILE A 235 6.15 -39.54 -19.23
C ILE A 235 7.17 -40.38 -20.00
N CYS A 236 6.72 -41.03 -21.07
CA CYS A 236 7.48 -42.09 -21.72
C CYS A 236 8.53 -41.57 -22.69
N SER A 237 8.67 -40.25 -22.83
CA SER A 237 9.66 -39.68 -23.73
C SER A 237 11.08 -39.97 -23.29
N GLY A 238 11.97 -40.15 -24.27
CA GLY A 238 13.39 -40.27 -23.99
C GLY A 238 14.06 -38.97 -23.61
N ILE A 239 13.40 -37.84 -23.83
CA ILE A 239 13.84 -36.56 -23.29
C ILE A 239 13.38 -36.50 -21.85
N PHE A 240 14.26 -36.91 -20.93
CA PHE A 240 13.89 -37.04 -19.53
C PHE A 240 13.78 -35.67 -18.86
N GLY A 241 12.81 -35.53 -17.97
CA GLY A 241 12.49 -34.25 -17.39
C GLY A 241 13.15 -33.91 -16.07
N ASP A 242 13.52 -34.92 -15.29
CA ASP A 242 14.02 -34.68 -13.95
C ASP A 242 15.49 -34.25 -13.97
N ASN A 243 15.96 -33.80 -12.82
CA ASN A 243 17.35 -33.41 -12.61
C ASN A 243 17.78 -33.81 -11.20
N PRO A 244 18.71 -34.76 -11.04
CA PRO A 244 19.58 -35.41 -12.04
C PRO A 244 18.91 -36.40 -12.99
N ARG A 245 19.55 -36.67 -14.12
CA ARG A 245 19.02 -37.53 -15.17
C ARG A 245 20.19 -38.02 -16.01
N PRO A 246 20.01 -39.11 -16.75
CA PRO A 246 21.06 -39.56 -17.68
C PRO A 246 20.96 -38.82 -19.01
N ASN A 247 21.82 -39.21 -19.94
CA ASN A 247 21.78 -38.66 -21.28
C ASN A 247 20.52 -39.13 -22.01
N ASP A 248 20.12 -38.36 -23.02
CA ASP A 248 18.93 -38.70 -23.79
C ASP A 248 19.14 -40.00 -24.55
N LYS A 249 18.18 -40.91 -24.41
CA LYS A 249 18.28 -42.24 -25.00
C LYS A 249 16.86 -42.74 -25.24
N THR A 250 16.72 -44.03 -25.54
CA THR A 250 15.41 -44.63 -25.70
C THR A 250 14.79 -44.80 -24.32
N GLY A 251 13.93 -43.85 -23.94
CA GLY A 251 13.39 -43.82 -22.60
C GLY A 251 12.37 -44.92 -22.35
N SER A 252 12.03 -45.07 -21.07
CA SER A 252 11.08 -46.08 -20.66
C SER A 252 9.75 -45.41 -20.37
N CYS A 253 8.70 -46.22 -20.39
CA CYS A 253 7.36 -45.71 -20.15
C CYS A 253 6.98 -45.84 -18.68
N GLY A 254 7.71 -46.65 -17.92
CA GLY A 254 7.74 -46.59 -16.48
C GLY A 254 8.93 -45.76 -16.02
N PRO A 255 9.32 -45.90 -14.76
CA PRO A 255 10.41 -45.08 -14.23
C PRO A 255 11.77 -45.50 -14.80
N VAL A 256 12.58 -44.50 -15.14
CA VAL A 256 13.94 -44.73 -15.62
C VAL A 256 14.87 -44.76 -14.42
N SER A 257 15.46 -45.92 -14.15
CA SER A 257 16.19 -46.12 -12.90
C SER A 257 17.55 -45.45 -12.89
N SER A 258 18.19 -45.31 -14.05
CA SER A 258 19.51 -44.69 -14.11
C SER A 258 19.44 -43.22 -13.75
N ASN A 259 20.22 -42.83 -12.74
CA ASN A 259 20.20 -41.49 -12.13
C ASN A 259 18.80 -41.10 -11.67
N GLY A 260 18.06 -42.10 -11.19
CA GLY A 260 16.66 -41.91 -10.83
C GLY A 260 16.44 -41.33 -9.45
N ALA A 261 17.43 -41.48 -8.58
CA ALA A 261 17.32 -40.93 -7.24
C ALA A 261 17.44 -39.41 -7.27
N ASN A 262 16.96 -38.78 -6.20
CA ASN A 262 16.85 -37.32 -6.06
C ASN A 262 15.97 -36.75 -7.16
N GLY A 263 16.07 -35.45 -7.42
CA GLY A 263 15.27 -34.85 -8.45
C GLY A 263 15.05 -33.37 -8.18
N VAL A 264 14.13 -32.80 -8.95
CA VAL A 264 13.74 -31.40 -8.81
C VAL A 264 12.27 -31.30 -9.19
N LYS A 265 11.56 -30.39 -8.54
CA LYS A 265 10.17 -30.13 -8.89
C LYS A 265 10.09 -29.58 -10.31
N GLY A 266 9.25 -30.19 -11.12
CA GLY A 266 9.07 -29.74 -12.48
C GLY A 266 7.63 -29.80 -12.92
N PHE A 267 7.42 -29.75 -14.24
CA PHE A 267 6.09 -29.72 -14.82
C PHE A 267 6.18 -30.29 -16.22
N SER A 268 5.01 -30.52 -16.80
CA SER A 268 4.87 -30.83 -18.22
C SER A 268 3.43 -30.60 -18.63
N PHE A 269 3.24 -30.19 -19.88
CA PHE A 269 1.92 -29.93 -20.43
C PHE A 269 1.62 -30.96 -21.50
N LYS A 270 0.54 -31.71 -21.32
CA LYS A 270 0.16 -32.77 -22.23
C LYS A 270 -0.75 -32.22 -23.31
N TYR A 271 -0.42 -32.52 -24.57
CA TYR A 271 -1.22 -32.12 -25.73
C TYR A 271 -1.44 -33.38 -26.56
N GLY A 272 -2.50 -34.11 -26.23
CA GLY A 272 -2.75 -35.40 -26.86
C GLY A 272 -1.64 -36.38 -26.59
N ASN A 273 -1.04 -36.91 -27.66
CA ASN A 273 0.14 -37.75 -27.54
C ASN A 273 1.41 -36.94 -27.33
N GLY A 274 1.34 -35.61 -27.48
CA GLY A 274 2.51 -34.78 -27.33
C GLY A 274 2.60 -34.12 -25.97
N VAL A 275 3.82 -33.66 -25.64
CA VAL A 275 4.08 -33.05 -24.36
C VAL A 275 5.06 -31.89 -24.54
N TRP A 276 4.78 -30.78 -23.86
CA TRP A 276 5.77 -29.72 -23.64
C TRP A 276 6.52 -30.06 -22.36
N ILE A 277 7.83 -30.20 -22.46
CA ILE A 277 8.67 -30.60 -21.33
C ILE A 277 9.54 -29.43 -20.93
N GLY A 278 9.44 -29.02 -19.67
CA GLY A 278 10.39 -28.10 -19.07
C GLY A 278 11.38 -28.89 -18.23
N ARG A 279 12.65 -28.58 -18.41
CA ARG A 279 13.71 -29.28 -17.68
C ARG A 279 14.94 -28.40 -17.60
N THR A 280 15.84 -28.74 -16.68
CA THR A 280 17.13 -28.10 -16.63
C THR A 280 17.98 -28.52 -17.82
N LYS A 281 18.90 -27.63 -18.22
CA LYS A 281 19.82 -27.99 -19.30
C LYS A 281 20.86 -29.01 -18.84
N SER A 282 21.46 -28.78 -17.68
CA SER A 282 22.45 -29.69 -17.14
C SER A 282 21.80 -30.95 -16.59
N ILE A 283 22.44 -32.09 -16.82
CA ILE A 283 21.87 -33.38 -16.39
C ILE A 283 22.22 -33.73 -14.96
N SER A 284 23.05 -32.94 -14.29
CA SER A 284 23.47 -33.25 -12.93
C SER A 284 23.11 -32.16 -11.93
N SER A 285 23.36 -30.89 -12.26
CA SER A 285 23.08 -29.78 -11.37
C SER A 285 21.92 -28.95 -11.90
N ARG A 286 21.28 -28.22 -10.99
CA ARG A 286 20.14 -27.38 -11.33
C ARG A 286 20.63 -26.11 -12.04
N ASN A 287 21.02 -26.30 -13.29
CA ASN A 287 21.58 -25.24 -14.12
C ASN A 287 20.87 -25.24 -15.48
N GLY A 288 20.45 -24.06 -15.91
CA GLY A 288 19.78 -23.92 -17.18
C GLY A 288 18.32 -24.33 -17.14
N PHE A 289 17.59 -23.92 -18.16
CA PHE A 289 16.20 -24.34 -18.32
C PHE A 289 15.82 -24.24 -19.79
N GLU A 290 15.06 -25.22 -20.26
CA GLU A 290 14.62 -25.24 -21.65
C GLU A 290 13.22 -25.82 -21.74
N MET A 291 12.47 -25.35 -22.73
CA MET A 291 11.16 -25.89 -23.07
C MET A 291 11.29 -26.70 -24.35
N ILE A 292 10.89 -27.95 -24.30
CA ILE A 292 11.04 -28.88 -25.42
C ILE A 292 9.66 -29.39 -25.79
N TRP A 293 9.31 -29.22 -27.08
CA TRP A 293 8.07 -29.75 -27.62
C TRP A 293 8.37 -31.10 -28.26
N ASP A 294 7.76 -32.15 -27.73
CA ASP A 294 7.85 -33.49 -28.30
C ASP A 294 6.46 -33.93 -28.73
N PRO A 295 6.16 -34.01 -30.03
CA PRO A 295 4.78 -34.31 -30.46
C PRO A 295 4.32 -35.73 -30.17
N ASN A 296 5.21 -36.64 -29.78
CA ASN A 296 4.80 -37.99 -29.38
C ASN A 296 5.35 -38.38 -28.01
N GLY A 297 5.84 -37.41 -27.23
CA GLY A 297 6.57 -37.69 -26.02
C GLY A 297 5.76 -38.20 -24.85
N TRP A 298 4.45 -38.00 -24.84
CA TRP A 298 3.66 -38.47 -23.69
C TRP A 298 3.56 -40.00 -23.67
N THR A 299 3.58 -40.64 -24.85
CA THR A 299 3.50 -42.09 -24.95
C THR A 299 4.67 -42.72 -25.68
N GLY A 300 5.21 -42.08 -26.71
CA GLY A 300 6.33 -42.64 -27.43
C GLY A 300 7.63 -42.55 -26.66
N THR A 301 8.56 -43.43 -27.02
CA THR A 301 9.79 -43.61 -26.25
C THR A 301 11.04 -43.14 -26.97
N ASP A 302 10.91 -42.48 -28.11
CA ASP A 302 12.10 -41.97 -28.80
C ASP A 302 12.61 -40.71 -28.11
N ASN A 303 13.85 -40.33 -28.45
CA ASN A 303 14.44 -39.09 -28.00
C ASN A 303 14.43 -38.02 -29.08
N ASN A 304 13.42 -38.04 -29.95
CA ASN A 304 13.29 -37.07 -31.03
C ASN A 304 12.37 -35.94 -30.57
N PHE A 305 12.77 -34.71 -30.87
CA PHE A 305 12.01 -33.54 -30.45
C PHE A 305 11.95 -32.53 -31.60
N SER A 306 10.93 -31.68 -31.58
CA SER A 306 10.68 -30.74 -32.67
C SER A 306 11.15 -29.33 -32.33
N ILE A 307 10.73 -28.79 -31.18
CA ILE A 307 11.04 -27.43 -30.79
C ILE A 307 11.85 -27.47 -29.50
N LYS A 308 12.89 -26.65 -29.43
CA LYS A 308 13.59 -26.36 -28.18
C LYS A 308 13.76 -24.85 -28.06
N GLN A 309 13.25 -24.29 -26.97
CA GLN A 309 13.41 -22.88 -26.67
C GLN A 309 14.24 -22.73 -25.40
N ASP A 310 15.26 -21.89 -25.45
CA ASP A 310 16.09 -21.63 -24.28
C ASP A 310 15.37 -20.70 -23.31
N ILE A 311 15.39 -21.07 -22.04
CA ILE A 311 14.81 -20.25 -20.98
C ILE A 311 15.90 -19.65 -20.10
N VAL A 312 16.72 -20.49 -19.48
CA VAL A 312 17.85 -20.05 -18.67
C VAL A 312 19.11 -20.70 -19.24
N GLY A 313 20.18 -19.92 -19.35
CA GLY A 313 21.43 -20.44 -19.86
C GLY A 313 22.07 -21.43 -18.91
N ILE A 314 22.92 -22.29 -19.48
CA ILE A 314 23.48 -23.42 -18.73
C ILE A 314 24.44 -22.96 -17.63
N ASN A 315 25.01 -21.76 -17.73
CA ASN A 315 25.92 -21.27 -16.70
C ASN A 315 25.21 -20.59 -15.54
N GLU A 316 23.91 -20.36 -15.64
CA GLU A 316 23.16 -19.69 -14.59
C GLU A 316 22.34 -20.69 -13.79
N TRP A 317 22.12 -20.38 -12.53
CA TRP A 317 21.46 -21.31 -11.62
C TRP A 317 19.96 -21.32 -11.86
N SER A 318 19.40 -22.52 -11.94
CA SER A 318 17.97 -22.75 -12.04
C SER A 318 17.55 -23.51 -10.78
N GLY A 319 16.33 -24.03 -10.81
CA GLY A 319 15.84 -24.74 -9.65
C GLY A 319 14.46 -25.31 -9.88
N TYR A 320 13.59 -25.09 -8.91
CA TYR A 320 12.21 -25.54 -9.00
C TYR A 320 11.50 -24.87 -10.17
N SER A 321 10.70 -25.66 -10.88
CA SER A 321 9.79 -25.14 -11.87
C SER A 321 8.41 -25.74 -11.63
N GLY A 322 7.39 -24.99 -12.00
CA GLY A 322 6.02 -25.45 -11.83
C GLY A 322 5.09 -24.74 -12.77
N SER A 323 3.97 -25.39 -13.04
CA SER A 323 2.97 -24.88 -13.96
C SER A 323 1.99 -23.95 -13.25
N PHE A 324 1.38 -23.07 -14.03
CA PHE A 324 0.14 -22.42 -13.63
C PHE A 324 -0.64 -22.08 -14.89
N VAL A 325 -1.92 -21.78 -14.71
CA VAL A 325 -2.78 -21.53 -15.85
C VAL A 325 -3.48 -20.19 -15.71
N MET A 326 -3.88 -19.65 -16.84
CA MET A 326 -4.73 -18.47 -16.90
C MET A 326 -6.05 -18.89 -17.53
N HIS A 327 -7.12 -18.82 -16.76
CA HIS A 327 -8.44 -19.26 -17.18
C HIS A 327 -9.07 -18.27 -18.14
N PRO A 328 -10.08 -18.70 -18.92
CA PRO A 328 -10.82 -17.75 -19.77
C PRO A 328 -11.54 -16.65 -19.00
N GLU A 329 -11.81 -16.84 -17.70
CA GLU A 329 -12.48 -15.83 -16.91
C GLU A 329 -11.59 -14.61 -16.69
N LEU A 330 -10.27 -14.77 -16.85
CA LEU A 330 -9.32 -13.69 -16.70
C LEU A 330 -8.78 -13.19 -18.03
N THR A 331 -8.52 -14.10 -18.97
CA THR A 331 -7.95 -13.72 -20.25
C THR A 331 -8.99 -13.22 -21.25
N GLY A 332 -10.25 -13.60 -21.08
CA GLY A 332 -11.26 -13.33 -22.07
C GLY A 332 -11.26 -14.27 -23.25
N LEU A 333 -10.37 -15.26 -23.27
CA LEU A 333 -10.23 -16.18 -24.38
C LEU A 333 -11.26 -17.30 -24.28
N ASP A 334 -11.13 -18.28 -25.16
CA ASP A 334 -11.96 -19.48 -25.13
C ASP A 334 -11.23 -20.70 -24.64
N CYS A 335 -9.95 -20.57 -24.28
CA CYS A 335 -9.11 -21.70 -23.90
C CYS A 335 -8.30 -21.33 -22.68
N ILE A 336 -7.74 -22.35 -22.04
CA ILE A 336 -6.91 -22.19 -20.86
C ILE A 336 -5.46 -22.01 -21.31
N VAL A 337 -4.84 -20.91 -20.89
CA VAL A 337 -3.47 -20.58 -21.29
C VAL A 337 -2.48 -21.26 -20.36
N PRO A 338 -1.62 -22.15 -20.87
CA PRO A 338 -0.58 -22.73 -20.02
C PRO A 338 0.53 -21.73 -19.74
N CYS A 339 1.04 -21.78 -18.51
CA CYS A 339 2.09 -20.88 -18.07
C CYS A 339 2.98 -21.64 -17.11
N PHE A 340 4.20 -21.14 -16.91
CA PHE A 340 5.09 -21.77 -15.93
C PHE A 340 6.00 -20.73 -15.32
N TRP A 341 6.53 -21.08 -14.16
CA TRP A 341 7.54 -20.29 -13.45
C TRP A 341 8.78 -21.13 -13.22
N VAL A 342 9.93 -20.46 -13.09
CA VAL A 342 11.19 -21.12 -12.76
C VAL A 342 11.81 -20.39 -11.58
N GLU A 343 12.26 -21.14 -10.57
CA GLU A 343 12.94 -20.54 -9.42
C GLU A 343 14.43 -20.52 -9.69
N LEU A 344 15.04 -19.34 -9.58
CA LEU A 344 16.48 -19.17 -9.79
C LEU A 344 17.14 -19.05 -8.42
N ILE A 345 17.61 -20.18 -7.90
CA ILE A 345 18.10 -20.27 -6.53
C ILE A 345 19.48 -19.60 -6.44
N ARG A 346 19.65 -18.76 -5.43
CA ARG A 346 20.95 -18.18 -5.08
C ARG A 346 21.39 -18.70 -3.72
N GLY A 347 22.70 -18.70 -3.50
CA GLY A 347 23.25 -19.10 -2.21
C GLY A 347 23.80 -20.52 -2.20
N TRP A 355 22.96 -17.55 3.61
CA TRP A 355 21.54 -17.69 3.30
C TRP A 355 21.30 -18.45 1.99
N THR A 356 20.03 -18.79 1.75
CA THR A 356 19.63 -19.46 0.51
C THR A 356 18.27 -18.89 0.11
N SER A 357 18.27 -18.04 -0.91
CA SER A 357 17.06 -17.44 -1.45
C SER A 357 16.99 -17.68 -2.95
N GLY A 358 15.94 -17.16 -3.57
CA GLY A 358 15.85 -17.24 -5.00
C GLY A 358 14.66 -16.52 -5.60
N SER A 359 14.94 -15.68 -6.60
CA SER A 359 13.88 -15.00 -7.33
C SER A 359 13.23 -15.97 -8.32
N SER A 360 12.25 -15.48 -9.05
CA SER A 360 11.49 -16.33 -9.96
C SER A 360 11.16 -15.58 -11.24
N ILE A 361 11.22 -16.30 -12.35
CA ILE A 361 10.81 -15.79 -13.65
C ILE A 361 9.67 -16.66 -14.16
N SER A 362 8.73 -16.06 -14.87
CA SER A 362 7.54 -16.75 -15.32
C SER A 362 7.30 -16.50 -16.80
N PHE A 363 6.73 -17.51 -17.45
CA PHE A 363 6.48 -17.51 -18.88
C PHE A 363 5.07 -18.03 -19.14
N CYS A 364 4.44 -17.52 -20.20
CA CYS A 364 3.12 -17.98 -20.61
C CYS A 364 3.17 -18.40 -22.07
N GLY A 365 2.41 -19.44 -22.39
CA GLY A 365 2.44 -19.97 -23.74
C GLY A 365 1.69 -19.07 -24.71
N VAL A 366 2.28 -18.89 -25.89
CA VAL A 366 1.72 -18.07 -26.95
C VAL A 366 1.80 -18.85 -28.26
N ASN A 367 0.92 -18.51 -29.18
CA ASN A 367 0.98 -19.02 -30.54
C ASN A 367 1.55 -18.01 -31.52
N SER A 368 2.32 -17.04 -31.03
CA SER A 368 3.01 -16.06 -31.85
C SER A 368 4.51 -16.23 -31.68
N ASP A 369 5.27 -15.32 -32.29
CA ASP A 369 6.72 -15.42 -32.30
C ASP A 369 7.31 -15.11 -30.93
N THR A 370 8.34 -15.88 -30.55
CA THR A 370 9.10 -15.65 -29.33
C THR A 370 10.58 -15.86 -29.63
N VAL A 371 11.41 -15.69 -28.61
CA VAL A 371 12.85 -15.85 -28.74
C VAL A 371 13.38 -16.58 -27.51
N GLY A 372 14.36 -17.46 -27.73
CA GLY A 372 15.00 -18.15 -26.63
C GLY A 372 16.19 -17.38 -26.08
N TRP A 373 15.98 -16.67 -24.98
CA TRP A 373 17.02 -15.91 -24.31
C TRP A 373 17.32 -16.56 -22.96
N SER A 374 18.15 -15.89 -22.17
CA SER A 374 18.39 -16.23 -20.78
C SER A 374 17.96 -15.06 -19.90
N TRP A 375 17.18 -15.35 -18.87
CA TRP A 375 16.70 -14.33 -17.94
C TRP A 375 17.12 -14.75 -16.54
N PRO A 376 18.40 -14.54 -16.19
CA PRO A 376 18.90 -15.07 -14.92
C PRO A 376 18.66 -14.13 -13.75
N ASP A 377 19.01 -14.59 -12.54
CA ASP A 377 18.81 -13.79 -11.34
C ASP A 377 19.66 -12.54 -11.35
N GLY A 378 20.97 -12.69 -11.58
CA GLY A 378 21.86 -11.56 -11.75
C GLY A 378 22.27 -10.84 -10.48
N ALA A 379 22.36 -11.53 -9.35
CA ALA A 379 22.84 -10.91 -8.13
C ALA A 379 24.30 -11.30 -7.87
N GLU A 380 25.06 -10.34 -7.34
CA GLU A 380 26.48 -10.54 -7.07
C GLU A 380 26.64 -11.13 -5.67
N LEU A 381 27.06 -12.38 -5.61
CA LEU A 381 27.25 -13.07 -4.33
C LEU A 381 28.72 -13.34 -4.08
N VAL B 1 -15.88 2.57 -20.07
CA VAL B 1 -16.06 2.91 -21.48
C VAL B 1 -14.71 3.32 -22.06
N LYS B 2 -14.56 3.17 -23.38
CA LYS B 2 -13.28 3.44 -24.02
C LYS B 2 -13.18 4.90 -24.43
N LEU B 3 -11.95 5.40 -24.49
CA LEU B 3 -11.71 6.79 -24.85
C LEU B 3 -12.09 7.03 -26.31
N ALA B 4 -12.82 8.13 -26.54
CA ALA B 4 -13.26 8.44 -27.90
C ALA B 4 -12.10 8.95 -28.75
N GLY B 5 -11.30 9.85 -28.20
CA GLY B 5 -10.15 10.38 -28.91
C GLY B 5 -10.47 11.22 -30.13
N ASN B 6 -11.68 11.75 -30.21
CA ASN B 6 -12.13 12.47 -31.40
C ASN B 6 -12.21 13.98 -31.21
N SER B 7 -11.96 14.48 -30.01
CA SER B 7 -11.93 15.92 -29.79
C SER B 7 -10.56 16.48 -30.15
N SER B 8 -10.52 17.78 -30.36
CA SER B 8 -9.27 18.43 -30.72
C SER B 8 -8.42 18.70 -29.47
N LEU B 9 -7.15 19.02 -29.69
CA LEU B 9 -6.31 19.52 -28.61
C LEU B 9 -6.83 20.88 -28.15
N CYS B 10 -6.87 21.08 -26.84
CA CYS B 10 -7.19 22.40 -26.31
C CYS B 10 -6.08 23.37 -26.68
N PRO B 11 -6.40 24.56 -27.18
CA PRO B 11 -5.36 25.55 -27.43
C PRO B 11 -4.82 26.10 -26.11
N VAL B 12 -3.50 26.10 -25.98
CA VAL B 12 -2.85 26.46 -24.73
C VAL B 12 -1.88 27.60 -24.99
N SER B 13 -1.71 28.44 -23.97
CA SER B 13 -0.78 29.57 -24.03
C SER B 13 0.38 29.42 -23.07
N GLY B 14 0.35 28.43 -22.20
CA GLY B 14 1.42 28.23 -21.23
C GLY B 14 1.34 26.82 -20.68
N TRP B 15 2.33 26.50 -19.84
CA TRP B 15 2.46 25.16 -19.30
C TRP B 15 2.57 25.25 -17.78
N ALA B 16 1.71 24.54 -17.09
CA ALA B 16 1.66 24.58 -15.64
C ALA B 16 2.28 23.32 -15.06
N PRO B 17 3.04 23.43 -13.99
CA PRO B 17 3.70 22.25 -13.41
C PRO B 17 2.71 21.27 -12.82
N LEU B 18 2.75 20.04 -13.29
CA LEU B 18 1.86 18.98 -12.84
C LEU B 18 2.49 18.14 -11.74
N SER B 19 3.72 17.69 -11.90
CA SER B 19 4.27 16.73 -10.97
C SER B 19 5.79 16.86 -10.88
N LYS B 20 6.32 16.38 -9.76
CA LYS B 20 7.75 16.30 -9.53
C LYS B 20 7.98 15.23 -8.47
N ASP B 21 8.80 14.23 -8.79
CA ASP B 21 8.97 13.08 -7.91
C ASP B 21 10.09 13.25 -6.89
N ASN B 22 11.15 13.99 -7.23
CA ASN B 22 12.33 14.18 -6.38
C ASN B 22 12.96 12.84 -5.98
N SER B 23 13.11 11.95 -6.97
CA SER B 23 13.44 10.56 -6.68
C SER B 23 14.87 10.39 -6.17
N VAL B 24 15.81 11.15 -6.71
CA VAL B 24 17.22 10.97 -6.33
C VAL B 24 17.47 11.51 -4.92
N ARG B 25 16.83 12.63 -4.59
CA ARG B 25 16.95 13.20 -3.24
C ARG B 25 16.42 12.25 -2.18
N ILE B 26 15.27 11.63 -2.45
CA ILE B 26 14.70 10.66 -1.51
C ILE B 26 15.52 9.38 -1.50
N GLY B 27 16.02 8.96 -2.67
CA GLY B 27 16.84 7.78 -2.79
C GLY B 27 18.25 7.93 -2.24
N SER B 28 18.60 9.13 -1.77
CA SER B 28 19.84 9.28 -1.01
C SER B 28 19.80 8.43 0.26
N LYS B 29 18.67 8.41 0.96
CA LYS B 29 18.51 7.57 2.15
C LYS B 29 17.47 6.47 1.97
N GLY B 30 16.40 6.72 1.21
CA GLY B 30 15.38 5.72 1.01
C GLY B 30 15.77 4.68 -0.02
N ASP B 31 14.92 3.65 -0.14
CA ASP B 31 15.12 2.57 -1.10
C ASP B 31 14.33 2.91 -2.36
N VAL B 32 15.02 3.54 -3.32
CA VAL B 32 14.41 4.06 -4.53
C VAL B 32 15.13 3.44 -5.72
N PHE B 33 14.36 2.98 -6.71
CA PHE B 33 14.91 2.39 -7.93
C PHE B 33 15.80 3.38 -8.68
N VAL B 34 16.89 2.85 -9.22
CA VAL B 34 17.62 3.54 -10.28
C VAL B 34 16.81 3.36 -11.56
N ILE B 35 16.32 4.46 -12.12
CA ILE B 35 15.38 4.40 -13.23
C ILE B 35 15.93 5.16 -14.42
N ARG B 36 15.56 4.69 -15.62
CA ARG B 36 15.87 5.36 -16.86
C ARG B 36 14.65 5.30 -17.76
N GLU B 37 14.58 6.27 -18.66
CA GLU B 37 13.44 6.46 -19.58
C GLU B 37 12.08 6.47 -18.88
N PRO B 38 11.84 7.42 -17.98
CA PRO B 38 10.51 7.51 -17.38
C PRO B 38 9.54 8.22 -18.30
N PHE B 39 8.31 7.74 -18.33
CA PHE B 39 7.26 8.41 -19.09
C PHE B 39 5.95 8.27 -18.34
N ILE B 40 5.02 9.16 -18.66
CA ILE B 40 3.75 9.24 -17.96
C ILE B 40 2.63 8.90 -18.93
N SER B 41 1.74 8.00 -18.51
CA SER B 41 0.51 7.73 -19.22
C SER B 41 -0.64 7.81 -18.24
N CYS B 42 -1.82 8.15 -18.73
CA CYS B 42 -2.98 8.41 -17.89
C CYS B 42 -4.11 7.45 -18.21
N SER B 43 -4.74 6.94 -17.17
CA SER B 43 -6.00 6.21 -17.25
C SER B 43 -7.14 7.21 -17.07
N PRO B 44 -8.39 6.81 -17.33
CA PRO B 44 -9.52 7.71 -17.04
C PRO B 44 -9.71 8.04 -15.56
N LEU B 45 -8.97 7.40 -14.66
CA LEU B 45 -9.02 7.73 -13.24
C LEU B 45 -7.78 8.47 -12.75
N GLU B 46 -6.59 7.97 -13.09
CA GLU B 46 -5.36 8.52 -12.56
C GLU B 46 -4.26 8.45 -13.62
N CYS B 47 -3.23 9.25 -13.41
CA CYS B 47 -2.03 9.22 -14.23
C CYS B 47 -0.93 8.46 -13.50
N ARG B 48 -0.16 7.67 -14.24
CA ARG B 48 0.91 6.88 -13.69
C ARG B 48 2.23 7.22 -14.37
N THR B 49 3.31 7.11 -13.61
CA THR B 49 4.66 7.26 -14.14
C THR B 49 5.24 5.87 -14.39
N PHE B 50 5.50 5.56 -15.65
CA PHE B 50 6.15 4.32 -16.03
C PHE B 50 7.65 4.56 -16.14
N PHE B 51 8.43 3.51 -15.86
CA PHE B 51 9.89 3.63 -15.88
C PHE B 51 10.51 2.26 -16.09
N LEU B 52 11.73 2.27 -16.60
CA LEU B 52 12.55 1.07 -16.76
C LEU B 52 13.59 1.00 -15.66
N THR B 53 13.77 -0.18 -15.07
CA THR B 53 14.74 -0.36 -14.01
C THR B 53 15.36 -1.74 -14.13
N GLN B 54 16.58 -1.88 -13.62
CA GLN B 54 17.27 -3.17 -13.60
C GLN B 54 17.12 -3.89 -12.27
N GLY B 55 16.33 -3.34 -11.34
CA GLY B 55 16.29 -3.90 -10.01
C GLY B 55 17.43 -3.46 -9.13
N ALA B 56 18.05 -2.32 -9.45
CA ALA B 56 19.10 -1.74 -8.64
C ALA B 56 18.59 -0.49 -7.97
N LEU B 57 18.84 -0.36 -6.68
CA LEU B 57 18.43 0.80 -5.92
C LEU B 57 19.52 1.87 -5.96
N LEU B 58 19.14 3.10 -5.65
CA LEU B 58 20.11 4.18 -5.51
C LEU B 58 20.98 3.92 -4.29
N ASN B 59 22.25 4.30 -4.39
CA ASN B 59 23.29 3.98 -3.40
C ASN B 59 23.36 2.48 -3.12
N ASP B 60 23.70 1.73 -4.17
CA ASP B 60 23.78 0.27 -4.08
C ASP B 60 24.81 -0.23 -5.09
N LYS B 61 25.38 -1.40 -4.80
CA LYS B 61 26.46 -1.94 -5.63
C LYS B 61 25.95 -2.42 -6.98
N HIS B 62 24.69 -2.83 -7.06
CA HIS B 62 24.12 -3.34 -8.31
C HIS B 62 23.80 -2.24 -9.31
N SER B 63 23.96 -0.98 -8.94
CA SER B 63 23.72 0.13 -9.86
C SER B 63 25.03 0.68 -10.42
N ASP B 69 22.40 -1.19 -21.07
CA ASP B 69 21.09 -0.66 -21.41
C ASP B 69 20.06 -1.78 -21.61
N ARG B 70 20.38 -2.71 -22.51
CA ARG B 70 19.43 -3.77 -22.88
C ARG B 70 19.78 -5.08 -22.18
N SER B 71 19.73 -5.05 -20.87
CA SER B 71 20.02 -6.21 -20.04
C SER B 71 18.79 -7.11 -19.93
N PRO B 72 18.99 -8.39 -19.61
CA PRO B 72 17.83 -9.26 -19.32
C PRO B 72 17.08 -8.89 -18.07
N TYR B 73 17.68 -8.12 -17.16
CA TYR B 73 17.06 -7.77 -15.90
C TYR B 73 16.19 -6.52 -15.99
N ARG B 74 16.19 -5.83 -17.13
CA ARG B 74 15.42 -4.60 -17.27
C ARG B 74 13.94 -4.91 -17.29
N THR B 75 13.17 -4.23 -16.45
CA THR B 75 11.74 -4.41 -16.35
C THR B 75 11.05 -3.06 -16.45
N LEU B 76 9.81 -3.08 -16.93
CA LEU B 76 8.97 -1.89 -16.91
C LEU B 76 8.11 -1.93 -15.67
N MET B 77 8.14 -0.85 -14.89
CA MET B 77 7.38 -0.76 -13.65
C MET B 77 6.67 0.59 -13.64
N SER B 78 5.68 0.73 -12.76
CA SER B 78 4.94 1.98 -12.70
C SER B 78 4.57 2.33 -11.26
N VAL B 79 4.42 3.62 -11.02
CA VAL B 79 3.95 4.17 -9.75
C VAL B 79 2.88 5.21 -10.07
N PRO B 80 2.06 5.59 -9.08
CA PRO B 80 1.25 6.79 -9.25
C PRO B 80 2.13 8.01 -9.46
N ILE B 81 1.62 8.97 -10.23
CA ILE B 81 2.43 10.12 -10.64
C ILE B 81 2.86 10.94 -9.42
N GLY B 82 4.12 11.34 -9.41
CA GLY B 82 4.69 12.09 -8.31
C GLY B 82 5.20 11.26 -7.15
N SER B 83 4.95 9.95 -7.15
CA SER B 83 5.49 9.12 -6.10
C SER B 83 6.86 8.57 -6.51
N VAL B 84 7.66 8.20 -5.52
CA VAL B 84 9.02 7.74 -5.81
C VAL B 84 8.96 6.35 -6.43
N PRO B 85 9.84 6.03 -7.36
CA PRO B 85 9.94 4.65 -7.82
C PRO B 85 10.66 3.79 -6.79
N SER B 86 9.89 3.03 -6.03
CA SER B 86 10.45 2.22 -4.95
C SER B 86 9.97 0.79 -5.08
N PRO B 87 10.74 -0.19 -4.61
CA PRO B 87 10.26 -1.57 -4.61
C PRO B 87 8.99 -1.78 -3.80
N TYR B 88 8.72 -0.94 -2.81
CA TYR B 88 7.59 -1.13 -1.92
C TYR B 88 6.28 -0.55 -2.46
N ASN B 89 6.32 0.29 -3.50
CA ASN B 89 5.10 0.86 -4.04
C ASN B 89 4.96 0.72 -5.56
N ALA B 90 5.97 0.22 -6.26
CA ALA B 90 5.89 0.12 -7.71
C ALA B 90 5.12 -1.11 -8.15
N ARG B 91 4.39 -0.98 -9.24
CA ARG B 91 3.64 -2.07 -9.85
C ARG B 91 4.41 -2.60 -11.06
N PHE B 92 4.64 -3.90 -11.08
CA PHE B 92 5.30 -4.52 -12.23
C PHE B 92 4.39 -4.48 -13.45
N GLU B 93 4.97 -4.16 -14.60
CA GLU B 93 4.23 -4.13 -15.85
C GLU B 93 4.70 -5.21 -16.82
N SER B 94 5.98 -5.21 -17.18
CA SER B 94 6.52 -6.17 -18.14
C SER B 94 8.04 -6.16 -18.05
N ILE B 95 8.64 -7.21 -18.62
CA ILE B 95 10.08 -7.26 -18.83
C ILE B 95 10.37 -6.52 -20.13
N ALA B 96 11.22 -5.51 -20.05
CA ALA B 96 11.44 -4.61 -21.19
C ALA B 96 12.69 -3.79 -20.99
N TRP B 97 13.50 -3.68 -22.04
CA TRP B 97 14.48 -2.62 -22.14
C TRP B 97 14.09 -1.55 -23.13
N SER B 98 12.94 -1.70 -23.78
CA SER B 98 12.29 -0.64 -24.55
C SER B 98 10.79 -0.84 -24.39
N ALA B 99 10.06 0.23 -24.11
CA ALA B 99 8.70 0.08 -23.61
C ALA B 99 7.79 1.17 -24.14
N SER B 100 6.50 0.88 -24.08
CA SER B 100 5.42 1.84 -24.27
C SER B 100 4.24 1.36 -23.46
N ALA B 101 3.34 2.28 -23.11
CA ALA B 101 2.17 1.95 -22.32
C ALA B 101 1.06 2.95 -22.59
N CYS B 102 -0.17 2.47 -22.63
CA CYS B 102 -1.31 3.36 -22.78
C CYS B 102 -2.57 2.67 -22.26
N HIS B 103 -3.53 3.49 -21.86
CA HIS B 103 -4.81 3.02 -21.35
C HIS B 103 -5.88 3.40 -22.37
N ASP B 104 -6.64 2.41 -22.82
CA ASP B 104 -7.66 2.65 -23.84
C ASP B 104 -9.01 3.06 -23.25
N GLY B 105 -9.08 3.25 -21.93
CA GLY B 105 -10.31 3.49 -21.24
C GLY B 105 -10.86 2.30 -20.50
N ILE B 106 -10.47 1.08 -20.89
CA ILE B 106 -10.86 -0.14 -20.20
C ILE B 106 -9.70 -0.70 -19.37
N ASN B 107 -8.58 -1.01 -20.01
CA ASN B 107 -7.45 -1.60 -19.32
C ASN B 107 -6.16 -0.97 -19.79
N TRP B 108 -5.07 -1.34 -19.13
CA TRP B 108 -3.73 -0.88 -19.51
C TRP B 108 -3.15 -1.78 -20.59
N LEU B 109 -2.74 -1.17 -21.70
CA LEU B 109 -1.90 -1.84 -22.67
C LEU B 109 -0.44 -1.50 -22.37
N THR B 110 0.40 -2.52 -22.35
CA THR B 110 1.83 -2.36 -22.16
C THR B 110 2.55 -3.09 -23.27
N ILE B 111 3.48 -2.41 -23.93
CA ILE B 111 4.30 -3.00 -24.97
C ILE B 111 5.73 -3.05 -24.45
N GLY B 112 6.23 -4.26 -24.22
CA GLY B 112 7.56 -4.42 -23.68
C GLY B 112 8.48 -5.18 -24.61
N ILE B 113 9.63 -4.59 -24.92
CA ILE B 113 10.59 -5.20 -25.83
C ILE B 113 11.76 -5.75 -25.01
N THR B 114 12.01 -7.04 -25.13
CA THR B 114 13.15 -7.68 -24.52
C THR B 114 13.75 -8.64 -25.54
N GLY B 115 14.82 -9.33 -25.15
CA GLY B 115 15.50 -10.24 -26.04
C GLY B 115 16.83 -9.71 -26.53
N PRO B 116 17.53 -10.50 -27.33
CA PRO B 116 18.82 -10.05 -27.87
C PRO B 116 18.65 -8.98 -28.94
N ASP B 117 19.76 -8.32 -29.26
CA ASP B 117 19.75 -7.23 -30.23
C ASP B 117 19.38 -7.71 -31.62
N ASN B 118 19.78 -8.92 -32.00
CA ASN B 118 19.44 -9.48 -33.29
C ASN B 118 18.23 -10.38 -33.25
N GLY B 119 17.54 -10.47 -32.12
CA GLY B 119 16.36 -11.31 -32.02
C GLY B 119 15.27 -10.80 -31.11
N ALA B 120 15.17 -9.48 -30.92
CA ALA B 120 14.27 -8.92 -29.94
C ALA B 120 12.81 -9.13 -30.32
N VAL B 121 11.94 -9.20 -29.30
CA VAL B 121 10.51 -9.41 -29.47
C VAL B 121 9.77 -8.40 -28.61
N ALA B 122 8.79 -7.72 -29.21
CA ALA B 122 7.91 -6.81 -28.48
C ALA B 122 6.79 -7.64 -27.85
N ILE B 123 6.70 -7.60 -26.53
CA ILE B 123 5.68 -8.35 -25.80
C ILE B 123 4.54 -7.40 -25.47
N LEU B 124 3.36 -7.68 -26.00
CA LEU B 124 2.18 -6.85 -25.77
C LEU B 124 1.35 -7.48 -24.66
N LYS B 125 1.10 -6.71 -23.62
CA LYS B 125 0.29 -7.16 -22.49
C LYS B 125 -0.93 -6.26 -22.36
N TYR B 126 -2.11 -6.87 -22.32
CA TYR B 126 -3.36 -6.18 -22.06
C TYR B 126 -3.92 -6.68 -20.75
N ASN B 127 -4.10 -5.76 -19.78
CA ASN B 127 -4.57 -6.07 -18.43
C ASN B 127 -3.69 -7.13 -17.77
N GLY B 128 -2.38 -7.00 -17.97
CA GLY B 128 -1.42 -7.93 -17.42
C GLY B 128 -1.34 -9.26 -18.12
N ILE B 129 -2.10 -9.47 -19.20
CA ILE B 129 -2.15 -10.74 -19.90
C ILE B 129 -1.41 -10.59 -21.22
N ILE B 130 -0.48 -11.49 -21.50
CA ILE B 130 0.22 -11.49 -22.78
C ILE B 130 -0.76 -11.82 -23.89
N THR B 131 -0.99 -10.87 -24.78
CA THR B 131 -1.99 -10.97 -25.83
C THR B 131 -1.40 -11.15 -27.23
N ASP B 132 -0.23 -10.58 -27.48
CA ASP B 132 0.39 -10.67 -28.80
C ASP B 132 1.88 -10.41 -28.66
N THR B 133 2.64 -10.84 -29.66
CA THR B 133 4.06 -10.55 -29.74
C THR B 133 4.43 -10.16 -31.16
N ILE B 134 5.46 -9.33 -31.30
CA ILE B 134 6.00 -8.93 -32.59
C ILE B 134 7.48 -9.28 -32.63
N LYS B 135 7.87 -10.11 -33.58
CA LYS B 135 9.28 -10.41 -33.81
C LYS B 135 9.98 -9.21 -34.44
N SER B 136 11.29 -9.14 -34.23
CA SER B 136 12.12 -8.21 -34.97
C SER B 136 12.14 -8.59 -36.45
N TRP B 137 11.90 -7.61 -37.32
CA TRP B 137 11.87 -7.86 -38.75
C TRP B 137 13.15 -7.44 -39.45
N ARG B 138 14.11 -6.86 -38.73
CA ARG B 138 15.40 -6.50 -39.31
C ARG B 138 16.58 -6.96 -38.46
N ASN B 139 16.31 -7.49 -37.27
CA ASN B 139 17.33 -8.05 -36.36
C ASN B 139 18.39 -7.04 -35.96
N ASN B 140 18.00 -5.76 -35.82
CA ASN B 140 18.93 -4.72 -35.41
C ASN B 140 18.22 -3.82 -34.39
N ILE B 141 18.22 -4.26 -33.13
CA ILE B 141 17.65 -3.55 -31.97
C ILE B 141 16.24 -3.03 -32.24
N LEU B 142 15.25 -3.91 -32.15
CA LEU B 142 13.86 -3.50 -32.23
C LEU B 142 13.54 -2.60 -31.04
N ARG B 143 12.92 -1.45 -31.31
CA ARG B 143 12.73 -0.44 -30.28
C ARG B 143 11.47 0.35 -30.55
N THR B 144 10.99 1.03 -29.52
CA THR B 144 9.68 1.67 -29.57
C THR B 144 9.77 3.05 -28.90
N GLN B 145 8.60 3.61 -28.55
CA GLN B 145 8.44 5.02 -28.27
C GLN B 145 9.23 5.49 -27.04
N GLU B 146 9.23 4.69 -25.98
CA GLU B 146 9.60 5.12 -24.62
C GLU B 146 8.74 6.30 -24.14
N SER B 147 7.50 6.34 -24.60
CA SER B 147 6.49 7.23 -24.08
C SER B 147 5.15 6.54 -24.24
N GLU B 148 4.08 7.26 -23.94
CA GLU B 148 2.77 6.67 -24.01
C GLU B 148 2.35 6.45 -25.46
N CYS B 149 1.60 5.37 -25.70
CA CYS B 149 0.96 5.21 -26.98
C CYS B 149 -0.35 6.00 -27.00
N ALA B 150 -0.90 6.17 -28.19
CA ALA B 150 -2.08 7.01 -28.38
C ALA B 150 -3.27 6.13 -28.73
N CYS B 151 -4.33 6.24 -27.94
CA CYS B 151 -5.53 5.43 -28.13
C CYS B 151 -6.66 6.29 -28.67
N VAL B 152 -7.30 5.81 -29.74
CA VAL B 152 -8.49 6.44 -30.31
C VAL B 152 -9.54 5.35 -30.51
N ASN B 153 -10.69 5.51 -29.86
CA ASN B 153 -11.89 4.69 -30.09
C ASN B 153 -11.61 3.20 -29.86
N GLY B 154 -11.10 2.90 -28.67
CA GLY B 154 -10.83 1.51 -28.33
C GLY B 154 -9.66 0.88 -29.04
N SER B 155 -8.82 1.67 -29.70
CA SER B 155 -7.68 1.15 -30.44
C SER B 155 -6.47 2.03 -30.17
N CYS B 156 -5.34 1.41 -29.89
CA CYS B 156 -4.14 2.13 -29.50
C CYS B 156 -3.04 1.94 -30.55
N PHE B 157 -2.21 2.96 -30.71
CA PHE B 157 -1.30 3.05 -31.83
C PHE B 157 0.10 3.34 -31.33
N THR B 158 1.08 2.62 -31.89
CA THR B 158 2.47 2.86 -31.55
C THR B 158 3.31 2.77 -32.81
N VAL B 159 4.51 3.34 -32.74
CA VAL B 159 5.50 3.32 -33.81
C VAL B 159 6.72 2.57 -33.30
N MET B 160 7.25 1.67 -34.13
CA MET B 160 8.41 0.87 -33.77
C MET B 160 9.45 0.92 -34.87
N THR B 161 10.72 0.86 -34.47
CA THR B 161 11.86 0.99 -35.36
C THR B 161 12.74 -0.25 -35.27
N ASP B 162 13.18 -0.74 -36.42
CA ASP B 162 14.13 -1.85 -36.51
C ASP B 162 15.17 -1.50 -37.55
N GLY B 163 16.43 -1.46 -37.16
CA GLY B 163 17.49 -1.05 -38.04
C GLY B 163 18.53 -0.18 -37.36
N PRO B 164 19.49 0.32 -38.13
CA PRO B 164 20.56 1.13 -37.54
C PRO B 164 20.08 2.47 -37.02
N SER B 165 20.72 2.92 -35.94
CA SER B 165 20.47 4.23 -35.36
C SER B 165 21.36 5.30 -35.94
N ASN B 166 22.19 4.97 -36.92
CA ASN B 166 23.08 5.91 -37.58
C ASN B 166 22.96 5.81 -39.11
N GLY B 167 21.76 5.49 -39.58
CA GLY B 167 21.53 5.32 -41.00
C GLY B 167 20.06 5.03 -41.25
N GLN B 168 19.76 4.65 -42.48
CA GLN B 168 18.38 4.34 -42.84
C GLN B 168 17.92 3.07 -42.12
N ALA B 169 16.78 3.15 -41.45
CA ALA B 169 16.19 2.05 -40.71
C ALA B 169 14.76 1.82 -41.20
N SER B 170 14.06 0.91 -40.54
CA SER B 170 12.73 0.50 -40.94
C SER B 170 11.73 0.90 -39.86
N TYR B 171 10.64 1.54 -40.27
CA TYR B 171 9.68 2.12 -39.34
C TYR B 171 8.30 1.55 -39.63
N LYS B 172 7.63 1.10 -38.57
CA LYS B 172 6.34 0.44 -38.68
C LYS B 172 5.33 1.12 -37.77
N ILE B 173 4.09 1.16 -38.22
CA ILE B 173 2.96 1.67 -37.45
C ILE B 173 2.04 0.50 -37.14
N PHE B 174 1.56 0.44 -35.90
CA PHE B 174 0.75 -0.67 -35.43
C PHE B 174 -0.59 -0.18 -34.92
N ARG B 175 -1.65 -0.93 -35.24
CA ARG B 175 -2.97 -0.71 -34.67
C ARG B 175 -3.28 -1.88 -33.74
N ILE B 176 -3.55 -1.57 -32.48
CA ILE B 176 -3.67 -2.57 -31.43
C ILE B 176 -5.03 -2.43 -30.76
N GLU B 177 -5.76 -3.53 -30.65
CA GLU B 177 -7.07 -3.55 -30.03
C GLU B 177 -7.11 -4.67 -29.01
N LYS B 178 -7.30 -4.29 -27.74
CA LYS B 178 -7.31 -5.22 -26.60
C LYS B 178 -6.01 -6.03 -26.52
N GLY B 179 -4.90 -5.38 -26.86
CA GLY B 179 -3.60 -6.01 -26.85
C GLY B 179 -3.26 -6.82 -28.08
N LYS B 180 -4.14 -6.89 -29.07
CA LYS B 180 -3.91 -7.68 -30.27
C LYS B 180 -3.68 -6.75 -31.47
N ILE B 181 -2.62 -7.03 -32.21
CA ILE B 181 -2.30 -6.26 -33.41
C ILE B 181 -3.29 -6.64 -34.50
N VAL B 182 -4.12 -5.68 -34.91
CA VAL B 182 -5.11 -5.93 -35.93
C VAL B 182 -4.73 -5.35 -37.29
N LYS B 183 -3.74 -4.46 -37.33
CA LYS B 183 -3.23 -3.94 -38.60
C LYS B 183 -1.81 -3.44 -38.39
N SER B 184 -0.94 -3.77 -39.33
CA SER B 184 0.44 -3.29 -39.32
C SER B 184 0.75 -2.70 -40.68
N VAL B 185 1.45 -1.57 -40.68
CA VAL B 185 1.83 -0.87 -41.90
C VAL B 185 3.28 -0.44 -41.78
N GLU B 186 4.08 -0.80 -42.78
CA GLU B 186 5.47 -0.36 -42.86
C GLU B 186 5.54 0.96 -43.61
N MET B 187 6.17 1.96 -42.99
CA MET B 187 6.30 3.27 -43.61
C MET B 187 7.34 3.23 -44.72
N ASN B 188 7.03 3.87 -45.84
CA ASN B 188 7.98 4.03 -46.94
C ASN B 188 8.53 5.44 -46.83
N ALA B 189 9.63 5.59 -46.10
CA ALA B 189 10.22 6.90 -45.81
C ALA B 189 11.72 6.87 -46.08
N PRO B 190 12.13 6.92 -47.35
CA PRO B 190 13.56 7.02 -47.64
C PRO B 190 14.11 8.38 -47.21
N ASN B 191 15.34 8.35 -46.69
CA ASN B 191 16.09 9.48 -46.14
C ASN B 191 15.50 10.04 -44.85
N TYR B 192 14.53 9.36 -44.25
CA TYR B 192 13.99 9.73 -42.95
C TYR B 192 14.62 8.86 -41.86
N HIS B 193 14.39 9.26 -40.61
CA HIS B 193 14.82 8.44 -39.48
C HIS B 193 13.91 8.74 -38.30
N TYR B 194 13.28 7.70 -37.75
CA TYR B 194 12.30 7.82 -36.68
C TYR B 194 12.73 6.98 -35.49
N GLU B 195 13.04 7.66 -34.38
CA GLU B 195 13.34 7.00 -33.12
C GLU B 195 12.50 7.63 -32.01
N GLU B 196 11.97 6.78 -31.12
CA GLU B 196 11.37 7.19 -29.85
C GLU B 196 10.26 8.21 -30.04
N CYS B 197 9.23 7.79 -30.75
CA CYS B 197 8.18 8.71 -31.18
C CYS B 197 7.28 9.13 -30.01
N SER B 198 6.94 10.41 -30.00
CA SER B 198 5.98 10.95 -29.02
C SER B 198 4.65 11.13 -29.76
N CYS B 199 3.75 10.17 -29.58
CA CYS B 199 2.49 10.13 -30.31
C CYS B 199 1.37 10.60 -29.40
N TYR B 200 0.45 11.39 -29.96
CA TYR B 200 -0.73 11.84 -29.23
C TYR B 200 -1.95 11.81 -30.13
N PRO B 201 -3.13 11.59 -29.57
CA PRO B 201 -4.35 11.65 -30.38
C PRO B 201 -4.87 13.07 -30.51
N ASP B 202 -5.43 13.35 -31.68
CA ASP B 202 -6.01 14.67 -31.96
C ASP B 202 -7.03 14.48 -33.09
N SER B 203 -8.32 14.59 -32.75
CA SER B 203 -9.43 14.54 -33.71
C SER B 203 -9.44 13.25 -34.52
N SER B 204 -9.48 12.11 -33.82
CA SER B 204 -9.54 10.77 -34.39
C SER B 204 -8.32 10.41 -35.23
N GLU B 205 -7.22 11.15 -35.09
CA GLU B 205 -5.99 10.89 -35.81
C GLU B 205 -4.82 10.94 -34.83
N ILE B 206 -3.72 10.30 -35.21
CA ILE B 206 -2.52 10.22 -34.40
C ILE B 206 -1.43 11.04 -35.06
N THR B 207 -0.70 11.82 -34.25
CA THR B 207 0.47 12.54 -34.71
C THR B 207 1.64 12.17 -33.82
N CYS B 208 2.73 11.70 -34.42
CA CYS B 208 3.94 11.33 -33.70
C CYS B 208 5.06 12.28 -34.08
N VAL B 209 5.77 12.79 -33.08
CA VAL B 209 6.95 13.62 -33.29
C VAL B 209 8.15 12.88 -32.73
N CYS B 210 9.09 12.55 -33.61
CA CYS B 210 10.12 11.57 -33.30
C CYS B 210 11.50 12.22 -33.38
N ARG B 211 12.53 11.38 -33.30
CA ARG B 211 13.92 11.80 -33.25
C ARG B 211 14.68 11.25 -34.44
N ASP B 212 15.32 12.14 -35.20
CA ASP B 212 16.22 11.74 -36.28
C ASP B 212 17.61 11.61 -35.68
N ASN B 213 18.05 10.36 -35.49
CA ASN B 213 19.40 10.10 -34.99
C ASN B 213 20.44 10.06 -36.09
N TRP B 214 20.04 10.10 -37.36
CA TRP B 214 20.96 9.88 -38.46
C TRP B 214 21.52 11.20 -39.01
N HIS B 215 20.66 12.03 -39.59
CA HIS B 215 21.13 13.23 -40.27
C HIS B 215 20.17 14.40 -40.11
N GLY B 216 19.42 14.43 -39.00
CA GLY B 216 18.45 15.49 -38.80
C GLY B 216 18.51 16.14 -37.44
N SER B 217 18.59 17.47 -37.42
CA SER B 217 18.52 18.22 -36.18
C SER B 217 17.16 18.89 -35.98
N ASN B 218 16.29 18.83 -36.97
CA ASN B 218 14.87 19.08 -36.78
C ASN B 218 14.15 17.75 -36.62
N ARG B 219 12.94 17.81 -36.12
CA ARG B 219 12.32 16.54 -35.75
C ARG B 219 11.43 16.04 -36.88
N PRO B 220 11.54 14.76 -37.21
CA PRO B 220 10.58 14.15 -38.14
C PRO B 220 9.23 13.95 -37.48
N TRP B 221 8.20 13.87 -38.31
CA TRP B 221 6.86 13.58 -37.82
C TRP B 221 6.16 12.61 -38.75
N VAL B 222 5.22 11.87 -38.18
CA VAL B 222 4.33 11.00 -38.95
C VAL B 222 2.93 11.16 -38.38
N SER B 223 1.95 11.35 -39.26
CA SER B 223 0.55 11.47 -38.88
C SER B 223 -0.26 10.45 -39.66
N PHE B 224 -1.18 9.78 -38.98
CA PHE B 224 -1.94 8.69 -39.59
C PHE B 224 -3.30 8.59 -38.95
N ASN B 225 -4.22 7.95 -39.66
CA ASN B 225 -5.57 7.70 -39.18
C ASN B 225 -5.68 6.26 -38.68
N GLN B 226 -6.92 5.84 -38.36
CA GLN B 226 -7.11 4.54 -37.73
C GLN B 226 -6.86 3.37 -38.67
N ASN B 227 -6.94 3.60 -39.98
CA ASN B 227 -6.59 2.58 -40.95
C ASN B 227 -5.15 2.70 -41.43
N LEU B 228 -4.35 3.54 -40.76
CA LEU B 228 -2.89 3.64 -40.91
C LEU B 228 -2.47 4.16 -42.29
N GLU B 229 -3.28 5.01 -42.90
CA GLU B 229 -2.81 5.83 -44.01
C GLU B 229 -2.02 6.99 -43.43
N TYR B 230 -0.74 7.08 -43.77
CA TYR B 230 0.17 7.96 -43.07
C TYR B 230 0.67 9.09 -43.97
N GLN B 231 1.11 10.16 -43.31
CA GLN B 231 1.82 11.25 -43.96
C GLN B 231 3.09 11.53 -43.16
N ILE B 232 4.16 11.90 -43.87
CA ILE B 232 5.46 12.07 -43.23
C ILE B 232 6.04 13.42 -43.60
N GLY B 233 6.95 13.88 -42.75
CA GLY B 233 7.70 15.09 -42.99
C GLY B 233 8.54 15.42 -41.78
N TYR B 234 9.27 16.52 -41.90
CA TYR B 234 10.01 17.08 -40.78
C TYR B 234 9.35 18.38 -40.37
N ILE B 235 9.50 18.72 -39.09
CA ILE B 235 9.00 20.01 -38.60
C ILE B 235 9.87 21.10 -39.24
N CYS B 236 9.25 21.93 -40.08
CA CYS B 236 9.97 22.81 -40.98
C CYS B 236 10.44 24.10 -40.33
N SER B 237 10.17 24.28 -39.03
CA SER B 237 10.58 25.49 -38.32
C SER B 237 12.10 25.60 -38.22
N GLY B 238 12.59 26.84 -38.27
CA GLY B 238 14.00 27.11 -38.02
C GLY B 238 14.40 27.02 -36.58
N ILE B 239 13.43 26.97 -35.66
CA ILE B 239 13.68 26.64 -34.26
C ILE B 239 13.76 25.12 -34.17
N PHE B 240 14.99 24.60 -34.27
CA PHE B 240 15.19 23.16 -34.34
C PHE B 240 14.97 22.51 -32.98
N GLY B 241 14.38 21.32 -33.00
CA GLY B 241 13.96 20.67 -31.77
C GLY B 241 14.94 19.68 -31.15
N ASP B 242 15.81 19.10 -31.97
CA ASP B 242 16.68 18.04 -31.48
C ASP B 242 17.87 18.59 -30.71
N ASN B 243 18.59 17.69 -30.04
CA ASN B 243 19.81 18.03 -29.32
C ASN B 243 20.80 16.87 -29.46
N PRO B 244 21.94 17.06 -30.15
CA PRO B 244 22.54 18.31 -30.65
C PRO B 244 21.85 18.94 -31.86
N ARG B 245 22.09 20.24 -32.08
CA ARG B 245 21.47 21.01 -33.14
C ARG B 245 22.34 22.22 -33.41
N PRO B 246 22.21 22.83 -34.59
CA PRO B 246 22.93 24.08 -34.86
C PRO B 246 22.18 25.28 -34.30
N ASN B 247 22.73 26.46 -34.57
CA ASN B 247 22.06 27.69 -34.17
C ASN B 247 20.80 27.90 -35.01
N ASP B 248 19.88 28.70 -34.46
CA ASP B 248 18.63 28.97 -35.15
C ASP B 248 18.89 29.75 -36.43
N LYS B 249 18.32 29.26 -37.53
CA LYS B 249 18.54 29.84 -38.85
C LYS B 249 17.31 29.54 -39.70
N THR B 250 17.42 29.77 -41.00
CA THR B 250 16.34 29.43 -41.92
C THR B 250 16.31 27.91 -42.08
N GLY B 251 15.44 27.25 -41.34
CA GLY B 251 15.41 25.81 -41.31
C GLY B 251 14.88 25.19 -42.59
N SER B 252 15.07 23.88 -42.68
CA SER B 252 14.62 23.13 -43.85
C SER B 252 13.36 22.38 -43.50
N CYS B 253 12.62 22.02 -44.54
CA CYS B 253 11.38 21.30 -44.35
C CYS B 253 11.59 19.78 -44.42
N GLY B 254 12.73 19.35 -44.95
CA GLY B 254 13.24 18.02 -44.74
C GLY B 254 14.26 18.04 -43.61
N PRO B 255 15.10 17.00 -43.52
CA PRO B 255 16.06 16.92 -42.41
C PRO B 255 17.17 17.95 -42.55
N VAL B 256 17.54 18.56 -41.43
CA VAL B 256 18.64 19.52 -41.36
C VAL B 256 19.91 18.74 -41.05
N SER B 257 20.84 18.71 -42.01
CA SER B 257 21.98 17.81 -41.90
C SER B 257 23.03 18.31 -40.91
N SER B 258 23.14 19.62 -40.73
CA SER B 258 24.15 20.18 -39.84
C SER B 258 23.83 19.82 -38.39
N ASN B 259 24.80 19.16 -37.73
CA ASN B 259 24.65 18.60 -36.39
C ASN B 259 23.46 17.65 -36.31
N GLY B 260 23.21 16.92 -37.39
CA GLY B 260 22.04 16.08 -37.51
C GLY B 260 22.18 14.72 -36.86
N ALA B 261 23.42 14.27 -36.69
CA ALA B 261 23.66 12.99 -36.05
C ALA B 261 23.35 13.07 -34.56
N ASN B 262 23.13 11.90 -33.95
CA ASN B 262 22.70 11.73 -32.56
C ASN B 262 21.38 12.44 -32.32
N GLY B 263 21.04 12.71 -31.08
CA GLY B 263 19.78 13.38 -30.78
C GLY B 263 19.30 13.04 -29.39
N VAL B 264 18.05 13.43 -29.14
CA VAL B 264 17.39 13.16 -27.87
C VAL B 264 15.91 12.97 -28.17
N LYS B 265 15.27 12.10 -27.39
CA LYS B 265 13.83 11.91 -27.51
C LYS B 265 13.12 13.21 -27.15
N GLY B 266 12.22 13.65 -28.02
CA GLY B 266 11.46 14.85 -27.76
C GLY B 266 10.02 14.73 -28.21
N PHE B 267 9.36 15.87 -28.34
CA PHE B 267 7.96 15.92 -28.69
C PHE B 267 7.68 17.26 -29.36
N SER B 268 6.49 17.36 -29.93
CA SER B 268 5.94 18.63 -30.39
C SER B 268 4.44 18.48 -30.56
N PHE B 269 3.72 19.57 -30.33
CA PHE B 269 2.27 19.59 -30.46
C PHE B 269 1.89 20.48 -31.63
N LYS B 270 1.18 19.91 -32.60
CA LYS B 270 0.79 20.61 -33.80
C LYS B 270 -0.55 21.28 -33.60
N TYR B 271 -0.62 22.57 -33.93
CA TYR B 271 -1.86 23.35 -33.86
C TYR B 271 -2.03 24.04 -35.21
N GLY B 272 -2.67 23.34 -36.14
CA GLY B 272 -2.78 23.83 -37.50
C GLY B 272 -1.43 23.98 -38.17
N ASN B 273 -1.14 25.20 -38.63
CA ASN B 273 0.18 25.52 -39.14
C ASN B 273 1.19 25.79 -38.03
N GLY B 274 0.73 25.92 -36.78
CA GLY B 274 1.61 26.21 -35.68
C GLY B 274 2.01 24.98 -34.88
N VAL B 275 3.10 25.13 -34.12
CA VAL B 275 3.63 24.03 -33.34
C VAL B 275 4.13 24.57 -32.00
N TRP B 276 3.84 23.83 -30.93
CA TRP B 276 4.52 24.00 -29.65
C TRP B 276 5.74 23.09 -29.67
N ILE B 277 6.93 23.67 -29.50
CA ILE B 277 8.18 22.93 -29.57
C ILE B 277 8.81 22.88 -28.19
N GLY B 278 9.04 21.67 -27.70
CA GLY B 278 9.86 21.47 -26.51
C GLY B 278 11.26 21.05 -26.95
N ARG B 279 12.27 21.69 -26.36
CA ARG B 279 13.65 21.39 -26.71
C ARG B 279 14.55 21.78 -25.56
N THR B 280 15.76 21.25 -25.58
CA THR B 280 16.78 21.67 -24.63
C THR B 280 17.22 23.10 -24.93
N LYS B 281 17.67 23.79 -23.89
CA LYS B 281 18.19 25.14 -24.09
C LYS B 281 19.55 25.12 -24.78
N SER B 282 20.45 24.25 -24.34
CA SER B 282 21.78 24.13 -24.92
C SER B 282 21.71 23.38 -26.24
N ILE B 283 22.51 23.83 -27.22
CA ILE B 283 22.49 23.21 -28.54
C ILE B 283 23.40 22.01 -28.66
N SER B 284 24.19 21.69 -27.64
CA SER B 284 25.13 20.59 -27.70
C SER B 284 24.87 19.53 -26.64
N SER B 285 24.68 19.93 -25.39
CA SER B 285 24.45 19.01 -24.29
C SER B 285 23.01 19.07 -23.83
N ARG B 286 22.56 17.98 -23.19
CA ARG B 286 21.19 17.88 -22.69
C ARG B 286 21.04 18.72 -21.42
N ASN B 287 21.01 20.03 -21.63
CA ASN B 287 20.94 21.01 -20.56
C ASN B 287 19.81 22.00 -20.86
N GLY B 288 18.97 22.27 -19.86
CA GLY B 288 17.88 23.20 -20.02
C GLY B 288 16.69 22.61 -20.75
N PHE B 289 15.56 23.30 -20.64
CA PHE B 289 14.38 22.93 -21.40
C PHE B 289 13.48 24.16 -21.54
N GLU B 290 12.90 24.33 -22.71
CA GLU B 290 12.01 25.45 -22.97
C GLU B 290 10.89 25.00 -23.89
N MET B 291 9.74 25.64 -23.73
CA MET B 291 8.60 25.46 -24.62
C MET B 291 8.43 26.70 -25.48
N ILE B 292 8.44 26.51 -26.79
CA ILE B 292 8.41 27.59 -27.76
C ILE B 292 7.16 27.44 -28.62
N TRP B 293 6.35 28.50 -28.66
CA TRP B 293 5.19 28.55 -29.52
C TRP B 293 5.58 29.26 -30.81
N ASP B 294 5.50 28.54 -31.92
CA ASP B 294 5.72 29.10 -33.25
C ASP B 294 4.43 28.97 -34.05
N PRO B 295 3.72 30.07 -34.33
CA PRO B 295 2.41 29.96 -34.99
C PRO B 295 2.47 29.51 -36.45
N ASN B 296 3.65 29.48 -37.07
CA ASN B 296 3.77 28.95 -38.43
C ASN B 296 4.86 27.88 -38.54
N GLY B 297 5.32 27.35 -37.41
CA GLY B 297 6.48 26.48 -37.38
C GLY B 297 6.31 25.09 -37.95
N TRP B 298 5.08 24.60 -38.08
CA TRP B 298 4.90 23.24 -38.61
C TRP B 298 5.21 23.19 -40.10
N THR B 299 4.99 24.28 -40.83
CA THR B 299 5.25 24.34 -42.26
C THR B 299 6.22 25.45 -42.67
N GLY B 300 6.16 26.61 -42.01
CA GLY B 300 7.06 27.70 -42.37
C GLY B 300 8.47 27.46 -41.88
N THR B 301 9.41 28.12 -42.55
CA THR B 301 10.83 27.87 -42.34
C THR B 301 11.58 29.00 -41.66
N ASP B 302 10.89 30.01 -41.16
CA ASP B 302 11.57 31.09 -40.46
C ASP B 302 11.95 30.65 -39.05
N ASN B 303 12.85 31.42 -38.42
CA ASN B 303 13.22 31.22 -37.03
C ASN B 303 12.54 32.23 -36.10
N ASN B 304 11.34 32.67 -36.46
CA ASN B 304 10.57 33.63 -35.66
C ASN B 304 9.62 32.86 -34.74
N PHE B 305 9.53 33.30 -33.49
CA PHE B 305 8.69 32.64 -32.51
C PHE B 305 7.98 33.68 -31.67
N SER B 306 6.84 33.28 -31.08
CA SER B 306 5.99 34.20 -30.34
C SER B 306 6.16 34.06 -28.83
N ILE B 307 6.06 32.85 -28.30
CA ILE B 307 6.11 32.60 -26.87
C ILE B 307 7.31 31.69 -26.58
N LYS B 308 8.06 32.02 -25.53
CA LYS B 308 9.04 31.12 -24.97
C LYS B 308 8.85 31.07 -23.46
N GLN B 309 8.63 29.87 -22.93
CA GLN B 309 8.51 29.66 -21.50
C GLN B 309 9.67 28.78 -21.03
N ASP B 310 10.37 29.22 -20.00
CA ASP B 310 11.47 28.45 -19.44
C ASP B 310 10.93 27.29 -18.61
N ILE B 311 11.47 26.10 -18.84
CA ILE B 311 11.12 24.91 -18.07
C ILE B 311 12.25 24.49 -17.15
N VAL B 312 13.44 24.22 -17.70
CA VAL B 312 14.63 23.90 -16.93
C VAL B 312 15.72 24.90 -17.31
N GLY B 313 16.43 25.40 -16.32
CA GLY B 313 17.51 26.35 -16.58
C GLY B 313 18.68 25.68 -17.27
N ILE B 314 19.48 26.52 -17.95
CA ILE B 314 20.55 26.01 -18.82
C ILE B 314 21.68 25.35 -18.03
N ASN B 315 21.81 25.64 -16.74
CA ASN B 315 22.87 25.03 -15.94
C ASN B 315 22.47 23.69 -15.34
N GLU B 316 21.20 23.30 -15.43
CA GLU B 316 20.74 22.05 -14.87
C GLU B 316 20.55 21.00 -15.96
N TRP B 317 20.73 19.74 -15.57
CA TRP B 317 20.69 18.65 -16.54
C TRP B 317 19.26 18.32 -16.94
N SER B 318 19.05 18.19 -18.23
CA SER B 318 17.79 17.75 -18.82
C SER B 318 18.05 16.43 -19.52
N GLY B 319 17.09 16.00 -20.32
CA GLY B 319 17.25 14.74 -21.02
C GLY B 319 16.07 14.44 -21.92
N TYR B 320 15.58 13.21 -21.82
CA TYR B 320 14.43 12.79 -22.60
C TYR B 320 13.20 13.61 -22.24
N SER B 321 12.43 13.98 -23.26
CA SER B 321 11.12 14.57 -23.08
C SER B 321 10.13 13.83 -23.97
N GLY B 322 8.88 13.80 -23.53
CA GLY B 322 7.84 13.13 -24.29
C GLY B 322 6.48 13.67 -23.91
N SER B 323 5.55 13.51 -24.84
CA SER B 323 4.20 13.99 -24.68
C SER B 323 3.33 12.96 -23.96
N PHE B 324 2.27 13.47 -23.33
CA PHE B 324 1.13 12.64 -22.96
C PHE B 324 -0.10 13.52 -22.94
N VAL B 325 -1.27 12.89 -22.94
CA VAL B 325 -2.52 13.63 -23.04
C VAL B 325 -3.43 13.25 -21.89
N MET B 326 -4.34 14.16 -21.58
CA MET B 326 -5.44 13.90 -20.66
C MET B 326 -6.73 14.01 -21.44
N HIS B 327 -7.45 12.89 -21.54
CA HIS B 327 -8.65 12.79 -22.33
C HIS B 327 -9.83 13.45 -21.63
N PRO B 328 -10.89 13.80 -22.36
CA PRO B 328 -12.11 14.32 -21.71
C PRO B 328 -12.76 13.34 -20.75
N GLU B 329 -12.48 12.04 -20.87
CA GLU B 329 -13.08 11.06 -19.97
C GLU B 329 -12.53 11.18 -18.56
N LEU B 330 -11.36 11.82 -18.41
CA LEU B 330 -10.72 12.02 -17.11
C LEU B 330 -10.84 13.47 -16.64
N THR B 331 -10.73 14.43 -17.55
CA THR B 331 -10.76 15.84 -17.18
C THR B 331 -12.18 16.39 -17.05
N GLY B 332 -13.16 15.77 -17.70
CA GLY B 332 -14.49 16.33 -17.79
C GLY B 332 -14.65 17.42 -18.82
N LEU B 333 -13.59 17.75 -19.56
CA LEU B 333 -13.61 18.84 -20.52
C LEU B 333 -14.21 18.36 -21.85
N ASP B 334 -14.17 19.23 -22.84
CA ASP B 334 -14.60 18.89 -24.19
C ASP B 334 -13.43 18.69 -25.15
N CYS B 335 -12.20 18.83 -24.67
CA CYS B 335 -11.02 18.78 -25.51
C CYS B 335 -9.95 17.94 -24.84
N ILE B 336 -8.95 17.55 -25.63
CA ILE B 336 -7.83 16.76 -25.16
C ILE B 336 -6.73 17.71 -24.68
N VAL B 337 -6.32 17.56 -23.43
CA VAL B 337 -5.32 18.44 -22.82
C VAL B 337 -3.91 17.94 -23.15
N PRO B 338 -3.09 18.73 -23.85
CA PRO B 338 -1.71 18.33 -24.07
C PRO B 338 -0.88 18.46 -22.81
N CYS B 339 0.03 17.52 -22.61
CA CYS B 339 0.90 17.50 -21.44
C CYS B 339 2.24 16.93 -21.87
N PHE B 340 3.28 17.20 -21.08
CA PHE B 340 4.57 16.60 -21.37
C PHE B 340 5.35 16.38 -20.08
N TRP B 341 6.34 15.50 -20.18
CA TRP B 341 7.28 15.23 -19.09
C TRP B 341 8.69 15.46 -19.59
N VAL B 342 9.60 15.76 -18.65
CA VAL B 342 11.02 15.92 -18.95
C VAL B 342 11.80 15.05 -17.98
N GLU B 343 12.75 14.28 -18.50
CA GLU B 343 13.62 13.46 -17.65
C GLU B 343 14.86 14.27 -17.29
N LEU B 344 15.13 14.40 -15.99
CA LEU B 344 16.30 15.11 -15.49
C LEU B 344 17.34 14.06 -15.08
N ILE B 345 18.26 13.78 -16.00
CA ILE B 345 19.22 12.69 -15.83
C ILE B 345 20.30 13.11 -14.85
N ARG B 346 20.63 12.23 -13.91
CA ARG B 346 21.75 12.39 -13.01
C ARG B 346 22.76 11.28 -13.25
N GLY B 347 24.02 11.54 -12.92
CA GLY B 347 25.07 10.55 -13.06
C GLY B 347 25.96 10.77 -14.27
N TRP B 355 26.44 5.12 -11.16
CA TRP B 355 25.09 4.87 -11.64
C TRP B 355 24.58 6.00 -12.54
N THR B 356 23.40 5.79 -13.12
CA THR B 356 22.75 6.80 -13.95
C THR B 356 21.25 6.67 -13.72
N SER B 357 20.66 7.63 -13.02
CA SER B 357 19.24 7.64 -12.72
C SER B 357 18.66 9.02 -13.01
N GLY B 358 17.39 9.05 -13.39
CA GLY B 358 16.77 10.31 -13.69
C GLY B 358 15.35 10.47 -13.20
N SER B 359 15.13 11.45 -12.33
CA SER B 359 13.78 11.83 -11.93
C SER B 359 13.09 12.57 -13.06
N SER B 360 11.80 12.83 -12.90
CA SER B 360 11.02 13.41 -13.99
C SER B 360 10.11 14.50 -13.45
N ILE B 361 9.92 15.54 -14.25
CA ILE B 361 8.96 16.60 -13.98
C ILE B 361 7.99 16.65 -15.15
N SER B 362 6.75 16.99 -14.87
CA SER B 362 5.69 16.96 -15.88
C SER B 362 4.88 18.25 -15.84
N PHE B 363 4.40 18.65 -17.01
CA PHE B 363 3.67 19.88 -17.21
C PHE B 363 2.45 19.60 -18.08
N CYS B 364 1.38 20.35 -17.85
CA CYS B 364 0.16 20.24 -18.65
C CYS B 364 -0.21 21.61 -19.18
N GLY B 365 -0.73 21.63 -20.41
CA GLY B 365 -1.05 22.90 -21.05
C GLY B 365 -2.29 23.52 -20.45
N VAL B 366 -2.23 24.84 -20.25
CA VAL B 366 -3.32 25.62 -19.71
C VAL B 366 -3.51 26.86 -20.57
N ASN B 367 -4.73 27.39 -20.53
CA ASN B 367 -5.02 28.68 -21.16
C ASN B 367 -5.12 29.80 -20.14
N SER B 368 -4.51 29.63 -18.98
CA SER B 368 -4.44 30.66 -17.94
C SER B 368 -2.98 31.05 -17.72
N ASP B 369 -2.75 31.90 -16.73
CA ASP B 369 -1.43 32.45 -16.46
C ASP B 369 -0.49 31.39 -15.89
N THR B 370 0.76 31.43 -16.35
CA THR B 370 1.82 30.57 -15.82
C THR B 370 3.09 31.39 -15.70
N VAL B 371 4.16 30.76 -15.24
CA VAL B 371 5.45 31.41 -15.06
C VAL B 371 6.55 30.45 -15.51
N GLY B 372 7.58 31.01 -16.14
CA GLY B 372 8.74 30.23 -16.54
C GLY B 372 9.79 30.16 -15.45
N TRP B 373 9.81 29.06 -14.71
CA TRP B 373 10.79 28.82 -13.66
C TRP B 373 11.71 27.68 -14.08
N SER B 374 12.55 27.25 -13.14
CA SER B 374 13.35 26.05 -13.29
C SER B 374 12.97 25.08 -12.18
N TRP B 375 12.71 23.83 -12.54
CA TRP B 375 12.34 22.78 -11.58
C TRP B 375 13.33 21.64 -11.74
N PRO B 376 14.55 21.79 -11.20
CA PRO B 376 15.59 20.80 -11.46
C PRO B 376 15.55 19.63 -10.50
N ASP B 377 16.42 18.63 -10.72
CA ASP B 377 16.45 17.44 -9.90
C ASP B 377 16.89 17.77 -8.46
N GLY B 378 18.00 18.48 -8.31
CA GLY B 378 18.44 18.95 -7.01
C GLY B 378 19.08 17.93 -6.10
N ALA B 379 19.74 16.91 -6.63
CA ALA B 379 20.45 15.95 -5.80
C ALA B 379 21.94 16.25 -5.80
N GLU B 380 22.57 16.02 -4.65
CA GLU B 380 23.99 16.30 -4.46
C GLU B 380 24.79 15.07 -4.86
N LEU B 381 25.52 15.17 -5.97
CA LEU B 381 26.32 14.06 -6.46
C LEU B 381 27.81 14.37 -6.35
N VAL C 1 -22.06 12.80 -3.35
CA VAL C 1 -22.80 14.04 -3.20
C VAL C 1 -21.91 15.08 -2.54
N LYS C 2 -22.21 16.35 -2.77
CA LYS C 2 -21.36 17.42 -2.27
C LYS C 2 -21.80 17.85 -0.88
N LEU C 3 -20.84 18.36 -0.10
CA LEU C 3 -21.12 18.80 1.26
C LEU C 3 -22.05 20.00 1.25
N ALA C 4 -23.08 19.96 2.11
CA ALA C 4 -24.03 21.06 2.17
C ALA C 4 -23.43 22.28 2.85
N GLY C 5 -22.74 22.07 3.97
CA GLY C 5 -22.10 23.16 4.68
C GLY C 5 -23.04 24.17 5.29
N ASN C 6 -24.31 23.80 5.52
CA ASN C 6 -25.30 24.74 5.99
C ASN C 6 -25.69 24.55 7.45
N SER C 7 -25.16 23.52 8.11
CA SER C 7 -25.45 23.34 9.53
C SER C 7 -24.50 24.20 10.37
N SER C 8 -24.89 24.41 11.62
CA SER C 8 -24.05 25.20 12.52
C SER C 8 -22.92 24.35 13.09
N LEU C 9 -21.94 25.02 13.69
CA LEU C 9 -20.93 24.32 14.48
C LEU C 9 -21.58 23.70 15.71
N CYS C 10 -21.22 22.48 16.01
CA CYS C 10 -21.66 21.87 17.26
C CYS C 10 -21.04 22.62 18.44
N PRO C 11 -21.82 22.97 19.46
CA PRO C 11 -21.23 23.59 20.65
C PRO C 11 -20.43 22.57 21.43
N VAL C 12 -19.20 22.94 21.76
CA VAL C 12 -18.27 22.02 22.40
C VAL C 12 -17.78 22.62 23.71
N SER C 13 -17.48 21.74 24.66
CA SER C 13 -16.97 22.14 25.96
C SER C 13 -15.54 21.68 26.20
N GLY C 14 -14.99 20.85 25.33
CA GLY C 14 -13.65 20.34 25.49
C GLY C 14 -13.15 19.79 24.17
N TRP C 15 -11.89 19.39 24.17
CA TRP C 15 -11.23 18.92 22.97
C TRP C 15 -10.61 17.56 23.22
N ALA C 16 -10.96 16.59 22.41
CA ALA C 16 -10.49 15.23 22.57
C ALA C 16 -9.40 14.92 21.56
N PRO C 17 -8.35 14.20 21.96
CA PRO C 17 -7.25 13.90 21.04
C PRO C 17 -7.68 12.97 19.92
N LEU C 18 -7.49 13.43 18.69
CA LEU C 18 -7.85 12.68 17.50
C LEU C 18 -6.68 11.88 16.95
N SER C 19 -5.52 12.49 16.80
CA SER C 19 -4.44 11.81 16.10
C SER C 19 -3.08 12.29 16.59
N LYS C 20 -2.08 11.44 16.36
CA LYS C 20 -0.68 11.74 16.64
C LYS C 20 0.17 10.83 15.78
N ASP C 21 1.05 11.42 14.98
CA ASP C 21 1.81 10.65 14.01
C ASP C 21 3.15 10.13 14.53
N ASN C 22 3.79 10.86 15.47
CA ASN C 22 5.10 10.52 16.03
C ASN C 22 6.15 10.38 14.93
N SER C 23 6.17 11.35 14.00
CA SER C 23 6.93 11.20 12.77
C SER C 23 8.45 11.25 13.01
N VAL C 24 8.91 12.12 13.91
CA VAL C 24 10.34 12.28 14.11
C VAL C 24 10.93 11.07 14.83
N ARG C 25 10.19 10.52 15.81
CA ARG C 25 10.63 9.33 16.51
C ARG C 25 10.77 8.13 15.56
N ILE C 26 9.80 7.96 14.66
CA ILE C 26 9.88 6.87 13.69
C ILE C 26 10.96 7.15 12.64
N GLY C 27 11.08 8.41 12.23
CA GLY C 27 12.09 8.82 11.27
C GLY C 27 13.50 8.85 11.81
N SER C 28 13.67 8.57 13.10
CA SER C 28 15.01 8.33 13.62
C SER C 28 15.67 7.13 12.94
N LYS C 29 14.92 6.07 12.71
CA LYS C 29 15.41 4.89 11.99
C LYS C 29 14.70 4.66 10.66
N GLY C 30 13.41 4.97 10.57
CA GLY C 30 12.69 4.77 9.33
C GLY C 30 12.95 5.86 8.31
N ASP C 31 12.39 5.67 7.12
CA ASP C 31 12.50 6.63 6.02
C ASP C 31 11.27 7.50 6.03
N VAL C 32 11.37 8.64 6.71
CA VAL C 32 10.25 9.55 6.94
C VAL C 32 10.63 10.92 6.39
N PHE C 33 9.71 11.55 5.68
CA PHE C 33 9.94 12.88 5.12
C PHE C 33 10.21 13.91 6.22
N VAL C 34 11.13 14.82 5.91
CA VAL C 34 11.24 16.07 6.66
C VAL C 34 10.10 16.96 6.16
N ILE C 35 9.18 17.30 7.05
CA ILE C 35 7.95 17.98 6.66
C ILE C 35 7.83 19.31 7.40
N ARG C 36 7.18 20.26 6.74
CA ARG C 36 6.84 21.55 7.34
C ARG C 36 5.45 21.93 6.89
N GLU C 37 4.81 22.75 7.71
CA GLU C 37 3.42 23.17 7.53
C GLU C 37 2.43 22.02 7.29
N PRO C 38 2.28 21.09 8.24
CA PRO C 38 1.29 20.05 8.06
C PRO C 38 -0.10 20.55 8.43
N PHE C 39 -1.10 20.12 7.66
CA PHE C 39 -2.48 20.45 7.97
C PHE C 39 -3.35 19.27 7.59
N ILE C 40 -4.53 19.21 8.18
CA ILE C 40 -5.44 18.10 8.04
C ILE C 40 -6.71 18.59 7.34
N SER C 41 -7.12 17.87 6.30
CA SER C 41 -8.41 18.08 5.67
C SER C 41 -9.11 16.73 5.56
N CYS C 42 -10.43 16.77 5.55
CA CYS C 42 -11.24 15.56 5.61
C CYS C 42 -12.13 15.43 4.38
N SER C 43 -12.17 14.23 3.83
CA SER C 43 -13.14 13.85 2.81
C SER C 43 -14.36 13.27 3.53
N PRO C 44 -15.49 13.06 2.81
CA PRO C 44 -16.64 12.38 3.44
C PRO C 44 -16.36 10.94 3.86
N LEU C 45 -15.24 10.35 3.48
CA LEU C 45 -14.85 9.02 3.92
C LEU C 45 -13.80 9.04 5.02
N GLU C 46 -12.74 9.84 4.87
CA GLU C 46 -11.62 9.78 5.78
C GLU C 46 -10.93 11.14 5.81
N CYS C 47 -10.10 11.33 6.83
CA CYS C 47 -9.29 12.52 6.98
C CYS C 47 -7.85 12.23 6.59
N ARG C 48 -7.22 13.21 5.93
CA ARG C 48 -5.84 13.08 5.49
C ARG C 48 -5.00 14.18 6.09
N THR C 49 -3.72 13.88 6.31
CA THR C 49 -2.75 14.89 6.72
C THR C 49 -1.95 15.32 5.51
N PHE C 50 -2.08 16.59 5.14
CA PHE C 50 -1.31 17.18 4.06
C PHE C 50 -0.06 17.83 4.64
N PHE C 51 1.01 17.86 3.85
CA PHE C 51 2.28 18.42 4.32
C PHE C 51 3.11 18.84 3.12
N LEU C 52 4.03 19.77 3.38
CA LEU C 52 5.02 20.21 2.40
C LEU C 52 6.36 19.57 2.70
N THR C 53 7.04 19.10 1.66
CA THR C 53 8.34 18.46 1.81
C THR C 53 9.21 18.80 0.61
N GLN C 54 10.52 18.78 0.83
CA GLN C 54 11.49 19.00 -0.24
C GLN C 54 12.01 17.71 -0.84
N GLY C 55 11.48 16.57 -0.42
CA GLY C 55 12.06 15.31 -0.83
C GLY C 55 13.27 14.91 -0.04
N ALA C 56 13.42 15.44 1.17
CA ALA C 56 14.51 15.08 2.06
C ALA C 56 13.96 14.27 3.22
N LEU C 57 14.63 13.17 3.53
CA LEU C 57 14.23 12.32 4.63
C LEU C 57 14.95 12.74 5.91
N LEU C 58 14.37 12.36 7.05
CA LEU C 58 15.02 12.57 8.33
C LEU C 58 16.29 11.75 8.41
N ASN C 59 17.31 12.32 9.06
CA ASN C 59 18.68 11.78 9.08
C ASN C 59 19.21 11.55 7.66
N ASP C 60 19.31 12.65 6.91
CA ASP C 60 19.85 12.63 5.56
C ASP C 60 20.47 13.99 5.27
N LYS C 61 21.46 14.00 4.37
CA LYS C 61 22.20 15.23 4.09
C LYS C 61 21.42 16.24 3.26
N HIS C 62 20.35 15.80 2.58
CA HIS C 62 19.53 16.69 1.78
C HIS C 62 18.57 17.52 2.63
N SER C 63 18.53 17.30 3.94
CA SER C 63 17.71 18.09 4.83
C SER C 63 18.56 19.07 5.64
N ASP C 69 12.93 27.85 2.17
CA ASP C 69 11.48 27.69 2.33
C ASP C 69 10.78 27.49 0.98
N ARG C 70 10.99 28.43 0.06
CA ARG C 70 10.29 28.43 -1.22
C ARG C 70 11.18 27.90 -2.34
N SER C 71 11.60 26.67 -2.19
CA SER C 71 12.46 25.99 -3.15
C SER C 71 11.63 25.44 -4.31
N PRO C 72 12.26 25.22 -5.47
CA PRO C 72 11.55 24.51 -6.56
C PRO C 72 11.22 23.07 -6.25
N TYR C 73 11.88 22.46 -5.27
CA TYR C 73 11.68 21.05 -4.96
C TYR C 73 10.54 20.82 -3.97
N ARG C 74 9.96 21.88 -3.42
CA ARG C 74 8.90 21.73 -2.43
C ARG C 74 7.64 21.20 -3.09
N THR C 75 7.07 20.14 -2.53
CA THR C 75 5.87 19.52 -3.04
C THR C 75 4.87 19.36 -1.91
N LEU C 76 3.59 19.35 -2.27
CA LEU C 76 2.53 19.01 -1.33
C LEU C 76 2.21 17.54 -1.46
N MET C 77 2.24 16.82 -0.34
CA MET C 77 1.95 15.40 -0.32
C MET C 77 0.96 15.14 0.81
N SER C 78 0.36 13.96 0.81
CA SER C 78 -0.60 13.63 1.85
C SER C 78 -0.51 12.16 2.24
N VAL C 79 -0.90 11.88 3.48
CA VAL C 79 -1.02 10.53 4.01
C VAL C 79 -2.36 10.43 4.73
N PRO C 80 -2.84 9.22 4.99
CA PRO C 80 -3.96 9.08 5.94
C PRO C 80 -3.54 9.60 7.30
N ILE C 81 -4.53 10.14 8.04
CA ILE C 81 -4.25 10.82 9.30
C ILE C 81 -3.64 9.84 10.31
N GLY C 82 -2.60 10.30 11.01
CA GLY C 82 -1.91 9.49 11.98
C GLY C 82 -0.82 8.60 11.42
N SER C 83 -0.69 8.51 10.10
CA SER C 83 0.38 7.72 9.51
C SER C 83 1.60 8.61 9.28
N VAL C 84 2.77 7.98 9.22
CA VAL C 84 4.01 8.76 9.07
C VAL C 84 4.09 9.30 7.66
N PRO C 85 4.63 10.49 7.47
CA PRO C 85 4.92 10.96 6.11
C PRO C 85 6.15 10.26 5.56
N SER C 86 5.94 9.27 4.71
CA SER C 86 7.03 8.47 4.18
C SER C 86 6.92 8.40 2.67
N PRO C 87 8.04 8.25 1.95
CA PRO C 87 7.97 8.07 0.49
C PRO C 87 7.18 6.85 0.07
N TYR C 88 7.08 5.83 0.92
CA TYR C 88 6.43 4.58 0.55
C TYR C 88 4.92 4.61 0.74
N ASN C 89 4.36 5.58 1.46
CA ASN C 89 2.92 5.66 1.66
C ASN C 89 2.31 7.01 1.35
N ALA C 90 3.10 8.05 1.05
CA ALA C 90 2.53 9.36 0.79
C ALA C 90 2.03 9.46 -0.65
N ARG C 91 0.94 10.19 -0.82
CA ARG C 91 0.36 10.43 -2.13
C ARG C 91 0.68 11.85 -2.57
N PHE C 92 1.24 11.99 -3.77
CA PHE C 92 1.58 13.30 -4.29
C PHE C 92 0.33 14.09 -4.60
N GLU C 93 0.35 15.38 -4.26
CA GLU C 93 -0.77 16.27 -4.55
C GLU C 93 -0.40 17.35 -5.57
N SER C 94 0.61 18.16 -5.28
CA SER C 94 1.01 19.24 -6.18
C SER C 94 2.39 19.72 -5.80
N ILE C 95 3.00 20.46 -6.72
CA ILE C 95 4.23 21.20 -6.45
C ILE C 95 3.84 22.51 -5.79
N ALA C 96 4.37 22.76 -4.60
CA ALA C 96 3.92 23.89 -3.79
C ALA C 96 4.92 24.18 -2.68
N TRP C 97 5.24 25.45 -2.49
CA TRP C 97 5.81 25.91 -1.23
C TRP C 97 4.81 26.69 -0.38
N SER C 98 3.59 26.88 -0.87
CA SER C 98 2.46 27.37 -0.09
C SER C 98 1.22 26.67 -0.62
N ALA C 99 0.40 26.12 0.28
CA ALA C 99 -0.60 25.17 -0.15
C ALA C 99 -1.89 25.31 0.64
N SER C 100 -2.96 24.79 0.04
CA SER C 100 -4.24 24.57 0.69
C SER C 100 -4.88 23.37 0.01
N ALA C 101 -5.80 22.72 0.71
CA ALA C 101 -6.49 21.56 0.17
C ALA C 101 -7.84 21.40 0.85
N CYS C 102 -8.84 20.98 0.09
CA CYS C 102 -10.15 20.69 0.65
C CYS C 102 -10.91 19.75 -0.25
N HIS C 103 -11.85 19.03 0.34
CA HIS C 103 -12.70 18.08 -0.38
C HIS C 103 -14.12 18.64 -0.37
N ASP C 104 -14.71 18.77 -1.55
CA ASP C 104 -16.05 19.34 -1.67
C ASP C 104 -17.14 18.29 -1.53
N GLY C 105 -16.79 17.04 -1.24
CA GLY C 105 -17.72 15.95 -1.22
C GLY C 105 -17.63 15.04 -2.43
N ILE C 106 -17.11 15.56 -3.55
CA ILE C 106 -16.90 14.76 -4.76
C ILE C 106 -15.42 14.42 -4.93
N ASN C 107 -14.56 15.42 -5.03
CA ASN C 107 -13.14 15.20 -5.27
C ASN C 107 -12.31 16.12 -4.39
N TRP C 108 -11.01 15.89 -4.41
CA TRP C 108 -10.07 16.75 -3.70
C TRP C 108 -9.70 17.96 -4.53
N LEU C 109 -9.89 19.15 -3.95
CA LEU C 109 -9.30 20.36 -4.49
C LEU C 109 -7.97 20.61 -3.78
N THR C 110 -6.94 20.90 -4.54
CA THR C 110 -5.63 21.24 -4.00
C THR C 110 -5.16 22.52 -4.65
N ILE C 111 -4.75 23.49 -3.84
CA ILE C 111 -4.23 24.76 -4.32
C ILE C 111 -2.76 24.81 -3.98
N GLY C 112 -1.92 24.79 -5.01
CA GLY C 112 -0.48 24.78 -4.78
C GLY C 112 0.21 25.98 -5.39
N ILE C 113 0.97 26.70 -4.58
CA ILE C 113 1.67 27.89 -5.03
C ILE C 113 3.15 27.57 -5.19
N THR C 114 3.67 27.77 -6.40
CA THR C 114 5.09 27.62 -6.68
C THR C 114 5.51 28.79 -7.56
N GLY C 115 6.79 28.82 -7.92
CA GLY C 115 7.31 29.89 -8.73
C GLY C 115 8.20 30.84 -7.94
N PRO C 116 8.75 31.84 -8.62
CA PRO C 116 9.60 32.82 -7.93
C PRO C 116 8.79 33.75 -7.04
N ASP C 117 9.50 34.46 -6.17
CA ASP C 117 8.85 35.36 -5.22
C ASP C 117 8.16 36.52 -5.90
N ASN C 118 8.70 37.01 -7.01
CA ASN C 118 8.08 38.09 -7.76
C ASN C 118 7.24 37.59 -8.92
N GLY C 119 7.05 36.29 -9.06
CA GLY C 119 6.25 35.76 -10.15
C GLY C 119 5.46 34.51 -9.83
N ALA C 120 5.08 34.31 -8.57
CA ALA C 120 4.48 33.06 -8.13
C ALA C 120 3.09 32.87 -8.73
N VAL C 121 2.70 31.61 -8.90
CA VAL C 121 1.41 31.24 -9.47
C VAL C 121 0.78 30.17 -8.59
N ALA C 122 -0.48 30.37 -8.22
CA ALA C 122 -1.26 29.37 -7.51
C ALA C 122 -1.83 28.37 -8.49
N ILE C 123 -1.43 27.11 -8.36
CA ILE C 123 -1.90 26.05 -9.26
C ILE C 123 -3.05 25.32 -8.58
N LEU C 124 -4.22 25.38 -9.19
CA LEU C 124 -5.41 24.73 -8.64
C LEU C 124 -5.61 23.38 -9.34
N LYS C 125 -5.66 22.32 -8.55
CA LYS C 125 -5.88 20.98 -9.07
C LYS C 125 -7.16 20.41 -8.49
N TYR C 126 -8.03 19.94 -9.36
CA TYR C 126 -9.25 19.24 -8.96
C TYR C 126 -9.16 17.81 -9.46
N ASN C 127 -9.21 16.85 -8.52
CA ASN C 127 -9.07 15.42 -8.79
C ASN C 127 -7.77 15.12 -9.54
N GLY C 128 -6.70 15.80 -9.11
CA GLY C 128 -5.40 15.64 -9.73
C GLY C 128 -5.23 16.31 -11.06
N ILE C 129 -6.24 17.03 -11.55
CA ILE C 129 -6.21 17.66 -12.87
C ILE C 129 -6.05 19.16 -12.67
N ILE C 130 -5.08 19.76 -13.35
CA ILE C 130 -4.90 21.21 -13.30
C ILE C 130 -6.09 21.88 -13.97
N THR C 131 -6.86 22.63 -13.19
CA THR C 131 -8.11 23.24 -13.64
C THR C 131 -8.03 24.75 -13.81
N ASP C 132 -7.22 25.42 -13.00
CA ASP C 132 -7.12 26.87 -13.07
C ASP C 132 -5.79 27.28 -12.43
N THR C 133 -5.35 28.50 -12.77
CA THR C 133 -4.18 29.10 -12.15
C THR C 133 -4.46 30.56 -11.83
N ILE C 134 -3.80 31.08 -10.80
CA ILE C 134 -3.88 32.47 -10.41
C ILE C 134 -2.47 33.04 -10.39
N LYS C 135 -2.24 34.07 -11.20
CA LYS C 135 -0.98 34.80 -11.16
C LYS C 135 -0.89 35.65 -9.90
N SER C 136 0.34 35.93 -9.48
CA SER C 136 0.58 36.95 -8.47
C SER C 136 0.17 38.31 -8.98
N TRP C 137 -0.60 39.04 -8.18
CA TRP C 137 -1.08 40.36 -8.58
C TRP C 137 -0.29 41.49 -7.93
N ARG C 138 0.67 41.19 -7.06
CA ARG C 138 1.54 42.20 -6.45
C ARG C 138 3.01 41.84 -6.53
N ASN C 139 3.34 40.63 -6.99
CA ASN C 139 4.72 40.17 -7.20
C ASN C 139 5.55 40.18 -5.92
N ASN C 140 4.92 39.92 -4.78
CA ASN C 140 5.63 39.88 -3.50
C ASN C 140 5.11 38.68 -2.70
N ILE C 141 5.68 37.50 -3.00
CA ILE C 141 5.40 36.22 -2.34
C ILE C 141 3.90 35.95 -2.21
N LEU C 142 3.27 35.51 -3.29
CA LEU C 142 1.89 35.05 -3.23
C LEU C 142 1.78 33.83 -2.33
N ARG C 143 0.83 33.86 -1.40
CA ARG C 143 0.77 32.84 -0.36
C ARG C 143 -0.67 32.63 0.08
N THR C 144 -0.91 31.49 0.72
CA THR C 144 -2.27 31.06 1.02
C THR C 144 -2.30 30.47 2.43
N GLN C 145 -3.37 29.72 2.72
CA GLN C 145 -3.79 29.41 4.09
C GLN C 145 -2.79 28.57 4.87
N GLU C 146 -2.10 27.63 4.22
CA GLU C 146 -1.40 26.51 4.88
C GLU C 146 -2.33 25.70 5.77
N SER C 147 -3.61 25.65 5.42
CA SER C 147 -4.58 24.81 6.11
C SER C 147 -5.68 24.47 5.11
N GLU C 148 -6.70 23.79 5.59
CA GLU C 148 -7.78 23.36 4.72
C GLU C 148 -8.62 24.55 4.26
N CYS C 149 -9.10 24.49 3.02
CA CYS C 149 -10.10 25.45 2.60
C CYS C 149 -11.48 24.97 3.02
N ALA C 150 -12.45 25.88 2.95
CA ALA C 150 -13.78 25.63 3.45
C ALA C 150 -14.75 25.51 2.28
N CYS C 151 -15.45 24.39 2.20
CA CYS C 151 -16.38 24.12 1.12
C CYS C 151 -17.82 24.21 1.62
N VAL C 152 -18.65 24.96 0.89
CA VAL C 152 -20.08 25.05 1.15
C VAL C 152 -20.80 24.85 -0.17
N ASN C 153 -21.66 23.82 -0.23
CA ASN C 153 -22.59 23.59 -1.33
C ASN C 153 -21.88 23.48 -2.68
N GLY C 154 -20.91 22.56 -2.73
CA GLY C 154 -20.19 22.32 -3.96
C GLY C 154 -19.21 23.41 -4.36
N SER C 155 -18.92 24.35 -3.47
CA SER C 155 -18.03 25.46 -3.76
C SER C 155 -17.07 25.65 -2.61
N CYS C 156 -15.79 25.80 -2.90
CA CYS C 156 -14.76 25.90 -1.87
C CYS C 156 -14.10 27.27 -1.90
N PHE C 157 -13.68 27.73 -0.73
CA PHE C 157 -13.28 29.11 -0.53
C PHE C 157 -11.92 29.16 0.14
N THR C 158 -11.06 30.03 -0.37
CA THR C 158 -9.75 30.24 0.22
C THR C 158 -9.42 31.73 0.21
N VAL C 159 -8.46 32.10 1.07
CA VAL C 159 -7.96 33.46 1.18
C VAL C 159 -6.49 33.43 0.79
N MET C 160 -6.07 34.40 -0.01
CA MET C 160 -4.69 34.49 -0.48
C MET C 160 -4.16 35.90 -0.29
N THR C 161 -2.86 35.99 0.00
CA THR C 161 -2.19 37.24 0.31
C THR C 161 -1.05 37.46 -0.67
N ASP C 162 -0.92 38.71 -1.15
CA ASP C 162 0.18 39.14 -2.00
C ASP C 162 0.64 40.49 -1.51
N GLY C 163 1.91 40.59 -1.13
CA GLY C 163 2.44 41.82 -0.58
C GLY C 163 3.37 41.56 0.58
N PRO C 164 3.83 42.64 1.22
CA PRO C 164 4.81 42.49 2.32
C PRO C 164 4.21 41.83 3.55
N SER C 165 5.05 41.06 4.24
CA SER C 165 4.69 40.42 5.50
C SER C 165 5.00 41.31 6.71
N ASN C 166 5.48 42.53 6.48
CA ASN C 166 5.80 43.47 7.54
C ASN C 166 5.18 44.84 7.26
N GLY C 167 4.00 44.84 6.63
CA GLY C 167 3.34 46.06 6.26
C GLY C 167 2.02 45.76 5.60
N GLN C 168 1.40 46.79 5.04
CA GLN C 168 0.12 46.61 4.37
C GLN C 168 0.30 45.76 3.11
N ALA C 169 -0.51 44.73 2.98
CA ALA C 169 -0.49 43.81 1.84
C ALA C 169 -1.88 43.75 1.23
N SER C 170 -2.04 42.87 0.24
CA SER C 170 -3.27 42.75 -0.51
C SER C 170 -3.88 41.38 -0.26
N TYR C 171 -5.18 41.35 0.06
CA TYR C 171 -5.86 40.14 0.48
C TYR C 171 -7.05 39.89 -0.44
N LYS C 172 -7.16 38.66 -0.93
CA LYS C 172 -8.18 38.29 -1.89
C LYS C 172 -8.94 37.07 -1.39
N ILE C 173 -10.23 37.04 -1.70
CA ILE C 173 -11.10 35.91 -1.40
C ILE C 173 -11.51 35.27 -2.72
N PHE C 174 -11.49 33.94 -2.77
CA PHE C 174 -11.76 33.20 -3.99
C PHE C 174 -12.90 32.23 -3.79
N ARG C 175 -13.78 32.14 -4.80
CA ARG C 175 -14.82 31.12 -4.85
C ARG C 175 -14.45 30.14 -5.96
N ILE C 176 -14.32 28.86 -5.60
CA ILE C 176 -13.80 27.84 -6.49
C ILE C 176 -14.82 26.72 -6.62
N GLU C 177 -15.15 26.34 -7.84
CA GLU C 177 -16.10 25.28 -8.11
C GLU C 177 -15.48 24.32 -9.10
N LYS C 178 -15.30 23.07 -8.66
CA LYS C 178 -14.66 22.00 -9.45
C LYS C 178 -13.25 22.41 -9.90
N GLY C 179 -12.55 23.14 -9.05
CA GLY C 179 -11.22 23.60 -9.34
C GLY C 179 -11.13 24.87 -10.17
N LYS C 180 -12.26 25.46 -10.54
CA LYS C 180 -12.28 26.66 -11.35
C LYS C 180 -12.73 27.86 -10.53
N ILE C 181 -11.96 28.95 -10.62
CA ILE C 181 -12.31 30.18 -9.92
C ILE C 181 -13.50 30.83 -10.63
N VAL C 182 -14.63 30.89 -9.95
CA VAL C 182 -15.83 31.47 -10.54
C VAL C 182 -16.12 32.89 -10.02
N LYS C 183 -15.48 33.29 -8.92
CA LYS C 183 -15.63 34.65 -8.42
C LYS C 183 -14.41 34.99 -7.57
N SER C 184 -13.85 36.17 -7.78
CA SER C 184 -12.74 36.68 -6.99
C SER C 184 -13.10 38.06 -6.47
N VAL C 185 -12.75 38.33 -5.22
CA VAL C 185 -13.04 39.60 -4.57
C VAL C 185 -11.81 40.03 -3.80
N GLU C 186 -11.35 41.25 -4.04
CA GLU C 186 -10.25 41.83 -3.29
C GLU C 186 -10.79 42.58 -2.08
N MET C 187 -10.28 42.23 -0.90
CA MET C 187 -10.71 42.86 0.34
C MET C 187 -10.16 44.28 0.44
N ASN C 188 -11.01 45.20 0.88
CA ASN C 188 -10.59 46.58 1.16
C ASN C 188 -10.43 46.69 2.67
N ALA C 189 -9.22 46.41 3.15
CA ALA C 189 -8.92 46.37 4.58
C ALA C 189 -7.66 47.18 4.88
N PRO C 190 -7.76 48.51 4.91
CA PRO C 190 -6.61 49.31 5.32
C PRO C 190 -6.32 49.11 6.80
N ASN C 191 -5.02 49.08 7.13
CA ASN C 191 -4.45 48.85 8.45
C ASN C 191 -4.66 47.44 8.98
N TYR C 192 -5.14 46.52 8.15
CA TYR C 192 -5.26 45.11 8.51
C TYR C 192 -4.08 44.33 7.93
N HIS C 193 -3.95 43.08 8.38
CA HIS C 193 -2.95 42.18 7.80
C HIS C 193 -3.42 40.75 7.99
N TYR C 194 -3.52 40.01 6.89
CA TYR C 194 -4.06 38.66 6.88
C TYR C 194 -3.02 37.70 6.29
N GLU C 195 -2.53 36.79 7.12
CA GLU C 195 -1.65 35.71 6.67
C GLU C 195 -2.15 34.38 7.20
N GLU C 196 -2.10 33.36 6.33
CA GLU C 196 -2.28 31.96 6.70
C GLU C 196 -3.62 31.73 7.42
N CYS C 197 -4.69 32.00 6.69
CA CYS C 197 -6.02 32.02 7.28
C CYS C 197 -6.51 30.61 7.59
N SER C 198 -7.16 30.46 8.74
CA SER C 198 -7.82 29.22 9.13
C SER C 198 -9.31 29.42 8.92
N CYS C 199 -9.81 28.90 7.79
CA CYS C 199 -11.18 29.11 7.38
C CYS C 199 -12.00 27.85 7.65
N TYR C 200 -13.23 28.04 8.12
CA TYR C 200 -14.14 26.93 8.35
C TYR C 200 -15.55 27.32 7.93
N PRO C 201 -16.35 26.36 7.49
CA PRO C 201 -17.76 26.65 7.17
C PRO C 201 -18.64 26.59 8.41
N ASP C 202 -19.63 27.48 8.43
CA ASP C 202 -20.59 27.53 9.53
C ASP C 202 -21.85 28.20 8.99
N SER C 203 -22.92 27.41 8.82
CA SER C 203 -24.25 27.89 8.41
C SER C 203 -24.21 28.65 7.08
N SER C 204 -23.70 27.97 6.05
CA SER C 204 -23.60 28.46 4.67
C SER C 204 -22.71 29.70 4.54
N GLU C 205 -21.87 29.97 5.53
CA GLU C 205 -20.95 31.10 5.51
C GLU C 205 -19.57 30.62 5.94
N ILE C 206 -18.56 31.38 5.55
CA ILE C 206 -17.17 31.06 5.84
C ILE C 206 -16.64 32.09 6.82
N THR C 207 -15.90 31.61 7.84
CA THR C 207 -15.20 32.47 8.77
C THR C 207 -13.73 32.07 8.79
N CYS C 208 -12.85 33.04 8.53
CA CYS C 208 -11.41 32.81 8.54
C CYS C 208 -10.78 33.58 9.68
N VAL C 209 -9.92 32.91 10.45
CA VAL C 209 -9.17 33.56 11.52
C VAL C 209 -7.69 33.47 11.15
N CYS C 210 -7.07 34.63 10.97
CA CYS C 210 -5.78 34.72 10.31
C CYS C 210 -4.74 35.31 11.26
N ARG C 211 -3.57 35.61 10.70
CA ARG C 211 -2.41 36.07 11.44
C ARG C 211 -2.02 37.46 10.98
N ASP C 212 -1.94 38.41 11.92
CA ASP C 212 -1.41 39.74 11.65
C ASP C 212 0.08 39.70 11.91
N ASN C 213 0.87 39.68 10.83
CA ASN C 213 2.32 39.72 10.95
C ASN C 213 2.88 41.13 11.06
N TRP C 214 2.05 42.15 10.87
CA TRP C 214 2.54 43.53 10.77
C TRP C 214 2.52 44.23 12.11
N HIS C 215 1.32 44.46 12.67
CA HIS C 215 1.19 45.27 13.87
C HIS C 215 0.07 44.76 14.77
N GLY C 216 -0.20 43.46 14.75
CA GLY C 216 -1.29 42.92 15.55
C GLY C 216 -0.92 41.68 16.33
N SER C 217 -1.19 41.70 17.63
CA SER C 217 -1.01 40.52 18.47
C SER C 217 -2.33 39.84 18.80
N ASN C 218 -3.45 40.43 18.43
CA ASN C 218 -4.72 39.72 18.35
C ASN C 218 -4.96 39.32 16.91
N ARG C 219 -5.88 38.40 16.72
CA ARG C 219 -5.98 37.82 15.39
C ARG C 219 -7.05 38.54 14.58
N PRO C 220 -6.74 38.89 13.33
CA PRO C 220 -7.77 39.40 12.43
C PRO C 220 -8.69 38.29 11.96
N TRP C 221 -9.90 38.68 11.56
CA TRP C 221 -10.84 37.73 11.01
C TRP C 221 -11.56 38.33 9.82
N VAL C 222 -12.00 37.45 8.92
CA VAL C 222 -12.84 37.83 7.79
C VAL C 222 -13.94 36.78 7.67
N SER C 223 -15.18 37.25 7.53
CA SER C 223 -16.33 36.37 7.35
C SER C 223 -17.06 36.79 6.08
N PHE C 224 -17.48 35.82 5.28
CA PHE C 224 -18.09 36.11 3.99
C PHE C 224 -19.06 35.01 3.62
N ASN C 225 -19.97 35.32 2.71
CA ASN C 225 -20.95 34.38 2.20
C ASN C 225 -20.49 33.88 0.83
N GLN C 226 -21.36 33.11 0.16
CA GLN C 226 -20.98 32.45 -1.08
C GLN C 226 -20.80 33.42 -2.24
N ASN C 227 -21.39 34.61 -2.16
CA ASN C 227 -21.16 35.63 -3.17
C ASN C 227 -20.07 36.61 -2.76
N LEU C 228 -19.33 36.28 -1.68
CA LEU C 228 -18.10 36.96 -1.26
C LEU C 228 -18.34 38.40 -0.78
N GLU C 229 -19.51 38.67 -0.22
CA GLU C 229 -19.70 39.88 0.58
C GLU C 229 -19.09 39.63 1.95
N TYR C 230 -18.09 40.42 2.31
CA TYR C 230 -17.24 40.11 3.44
C TYR C 230 -17.42 41.14 4.57
N GLN C 231 -17.06 40.70 5.77
CA GLN C 231 -16.94 41.56 6.93
C GLN C 231 -15.59 41.29 7.59
N ILE C 232 -14.98 42.33 8.14
CA ILE C 232 -13.63 42.22 8.68
C ILE C 232 -13.59 42.80 10.09
N GLY C 233 -12.59 42.34 10.83
CA GLY C 233 -12.33 42.85 12.16
C GLY C 233 -11.22 42.05 12.79
N TYR C 234 -10.89 42.41 14.02
CA TYR C 234 -9.98 41.65 14.85
C TYR C 234 -10.77 41.01 15.99
N ILE C 235 -10.27 39.88 16.48
CA ILE C 235 -10.88 39.26 17.65
C ILE C 235 -10.62 40.17 18.85
N CYS C 236 -11.69 40.72 19.41
CA CYS C 236 -11.58 41.84 20.35
C CYS C 236 -11.27 41.40 21.77
N SER C 237 -11.09 40.11 22.02
CA SER C 237 -10.79 39.61 23.35
C SER C 237 -9.42 40.08 23.83
N GLY C 238 -9.31 40.30 25.14
CA GLY C 238 -8.03 40.58 25.76
C GLY C 238 -7.13 39.37 25.91
N ILE C 239 -7.67 38.17 25.73
CA ILE C 239 -6.88 36.96 25.63
C ILE C 239 -6.37 36.88 24.20
N PHE C 240 -5.16 37.38 23.97
CA PHE C 240 -4.64 37.56 22.63
C PHE C 240 -4.18 36.23 22.04
N GLY C 241 -4.41 36.05 20.75
CA GLY C 241 -4.19 34.77 20.12
C GLY C 241 -2.82 34.55 19.49
N ASP C 242 -2.16 35.62 19.06
CA ASP C 242 -0.94 35.48 18.30
C ASP C 242 0.26 35.20 19.21
N ASN C 243 1.38 34.84 18.59
CA ASN C 243 2.64 34.62 19.26
C ASN C 243 3.78 35.11 18.38
N PRO C 244 4.51 36.18 18.77
CA PRO C 244 4.54 36.87 20.07
C PRO C 244 3.33 37.74 20.40
N ARG C 245 3.13 38.03 21.67
CA ARG C 245 1.99 38.79 22.17
C ARG C 245 2.36 39.37 23.52
N PRO C 246 1.67 40.43 23.96
CA PRO C 246 1.90 40.95 25.31
C PRO C 246 1.10 40.16 26.34
N ASN C 247 1.18 40.61 27.59
CA ASN C 247 0.41 40.00 28.65
C ASN C 247 -1.08 40.30 28.46
N ASP C 248 -1.92 39.47 29.07
CA ASP C 248 -3.35 39.64 28.98
C ASP C 248 -3.78 40.93 29.66
N LYS C 249 -4.55 41.74 28.94
CA LYS C 249 -4.97 43.04 29.43
C LYS C 249 -6.30 43.38 28.75
N THR C 250 -6.73 44.63 28.87
CA THR C 250 -7.93 45.08 28.19
C THR C 250 -7.62 45.24 26.70
N GLY C 251 -7.97 44.23 25.92
CA GLY C 251 -7.60 44.18 24.53
C GLY C 251 -8.38 45.17 23.69
N SER C 252 -7.90 45.34 22.46
CA SER C 252 -8.53 46.25 21.52
C SER C 252 -9.33 45.45 20.52
N CYS C 253 -10.28 46.14 19.87
CA CYS C 253 -11.13 45.48 18.90
C CYS C 253 -10.57 45.62 17.49
N GLY C 254 -9.62 46.53 17.29
CA GLY C 254 -8.74 46.51 16.15
C GLY C 254 -7.42 45.86 16.51
N PRO C 255 -6.38 46.09 15.72
CA PRO C 255 -5.10 45.42 15.98
C PRO C 255 -4.40 45.97 17.22
N VAL C 256 -3.84 45.06 18.00
CA VAL C 256 -3.07 45.42 19.19
C VAL C 256 -1.62 45.58 18.79
N SER C 257 -1.10 46.81 18.89
CA SER C 257 0.20 47.12 18.32
C SER C 257 1.35 46.58 19.16
N SER C 258 1.17 46.46 20.48
CA SER C 258 2.24 46.00 21.34
C SER C 258 2.56 44.54 21.07
N ASN C 259 3.83 44.27 20.73
CA ASN C 259 4.32 42.96 20.29
C ASN C 259 3.53 42.44 19.10
N GLY C 260 3.12 43.36 18.22
CA GLY C 260 2.24 43.02 17.11
C GLY C 260 2.96 42.46 15.90
N ALA C 261 4.26 42.76 15.79
CA ALA C 261 5.05 42.27 14.68
C ALA C 261 5.27 40.77 14.81
N ASN C 262 5.59 40.13 13.68
CA ASN C 262 5.75 38.68 13.53
C ASN C 262 4.46 37.97 13.92
N GLY C 263 4.54 36.69 14.24
CA GLY C 263 3.34 35.96 14.63
C GLY C 263 3.48 34.48 14.33
N VAL C 264 2.35 33.79 14.42
CA VAL C 264 2.27 32.37 14.13
C VAL C 264 0.88 32.10 13.56
N LYS C 265 0.81 31.14 12.65
CA LYS C 265 -0.48 30.72 12.12
C LYS C 265 -1.33 30.12 13.23
N GLY C 266 -2.56 30.59 13.35
CA GLY C 266 -3.46 30.09 14.34
C GLY C 266 -4.88 29.97 13.85
N PHE C 267 -5.82 29.85 14.77
CA PHE C 267 -7.22 29.65 14.44
C PHE C 267 -8.06 30.17 15.59
N SER C 268 -9.36 30.26 15.35
CA SER C 268 -10.34 30.50 16.40
C SER C 268 -11.71 30.10 15.87
N PHE C 269 -12.56 29.62 16.78
CA PHE C 269 -13.91 29.21 16.44
C PHE C 269 -14.90 30.16 17.08
N LYS C 270 -15.73 30.79 16.26
CA LYS C 270 -16.69 31.77 16.73
C LYS C 270 -18.00 31.09 17.07
N TYR C 271 -18.52 31.38 18.26
CA TYR C 271 -19.81 30.85 18.73
C TYR C 271 -20.62 32.04 19.22
N GLY C 272 -21.35 32.67 18.30
CA GLY C 272 -22.06 33.89 18.60
C GLY C 272 -21.13 35.02 19.01
N ASN C 273 -21.34 35.56 20.21
CA ASN C 273 -20.42 36.52 20.79
C ASN C 273 -19.20 35.86 21.40
N GLY C 274 -19.20 34.53 21.54
CA GLY C 274 -18.09 33.84 22.14
C GLY C 274 -17.13 33.24 21.14
N VAL C 275 -15.93 32.93 21.61
CA VAL C 275 -14.88 32.40 20.76
C VAL C 275 -14.09 31.34 21.53
N TRP C 276 -13.79 30.24 20.86
CA TRP C 276 -12.76 29.30 21.31
C TRP C 276 -11.43 29.76 20.72
N ILE C 277 -10.46 30.05 21.59
CA ILE C 277 -9.17 30.57 21.17
C ILE C 277 -8.10 29.52 21.41
N GLY C 278 -7.39 29.15 20.35
CA GLY C 278 -6.19 28.36 20.48
C GLY C 278 -4.98 29.27 20.36
N ARG C 279 -4.03 29.09 21.28
CA ARG C 279 -2.84 29.93 21.29
C ARG C 279 -1.72 29.19 22.00
N THR C 280 -0.49 29.67 21.77
CA THR C 280 0.65 29.16 22.53
C THR C 280 0.56 29.62 23.98
N LYS C 281 1.16 28.82 24.87
CA LYS C 281 1.22 29.20 26.27
C LYS C 281 2.18 30.36 26.50
N SER C 282 3.39 30.27 25.94
CA SER C 282 4.40 31.30 26.07
C SER C 282 4.05 32.50 25.20
N ILE C 283 4.32 33.70 25.72
CA ILE C 283 3.98 34.92 24.99
C ILE C 283 5.07 35.37 24.03
N SER C 284 6.23 34.70 24.02
CA SER C 284 7.34 35.10 23.17
C SER C 284 7.76 34.00 22.20
N SER C 285 7.91 32.78 22.66
CA SER C 285 8.35 31.66 21.84
C SER C 285 7.19 30.71 21.59
N ARG C 286 7.31 29.94 20.50
CA ARG C 286 6.28 28.97 20.12
C ARG C 286 6.38 27.74 21.02
N ASN C 287 5.92 27.93 22.26
CA ASN C 287 5.99 26.90 23.30
C ASN C 287 4.62 26.78 23.96
N GLY C 288 4.14 25.55 24.11
CA GLY C 288 2.87 25.29 24.73
C GLY C 288 1.70 25.53 23.79
N PHE C 289 0.55 25.00 24.20
CA PHE C 289 -0.70 25.27 23.48
C PHE C 289 -1.87 25.06 24.43
N GLU C 290 -2.85 25.95 24.35
CA GLU C 290 -4.04 25.87 25.18
C GLU C 290 -5.25 26.29 24.39
N MET C 291 -6.40 25.73 24.75
CA MET C 291 -7.69 26.13 24.21
C MET C 291 -8.47 26.88 25.28
N ILE C 292 -8.88 28.10 24.96
CA ILE C 292 -9.53 28.98 25.90
C ILE C 292 -10.91 29.32 25.37
N TRP C 293 -11.93 29.07 26.20
CA TRP C 293 -13.30 29.44 25.88
C TRP C 293 -13.59 30.78 26.52
N ASP C 294 -13.88 31.79 25.70
CA ASP C 294 -14.29 33.11 26.16
C ASP C 294 -15.70 33.37 25.65
N PRO C 295 -16.72 33.37 26.51
CA PRO C 295 -18.11 33.50 26.02
C PRO C 295 -18.46 34.88 25.46
N ASN C 296 -17.61 35.90 25.64
CA ASN C 296 -17.84 37.20 25.04
C ASN C 296 -16.62 37.70 24.26
N GLY C 297 -15.67 36.81 23.96
CA GLY C 297 -14.39 37.22 23.42
C GLY C 297 -14.39 37.67 21.97
N TRP C 298 -15.41 37.34 21.19
CA TRP C 298 -15.40 37.76 19.78
C TRP C 298 -15.64 39.27 19.65
N THR C 299 -16.39 39.87 20.59
CA THR C 299 -16.68 41.29 20.57
C THR C 299 -16.25 42.03 21.83
N GLY C 300 -16.36 41.40 23.00
CA GLY C 300 -15.97 42.07 24.23
C GLY C 300 -14.46 42.14 24.39
N THR C 301 -14.03 43.11 25.19
CA THR C 301 -12.62 43.45 25.30
C THR C 301 -12.00 43.09 26.65
N ASP C 302 -12.71 42.37 27.51
CA ASP C 302 -12.13 41.97 28.79
C ASP C 302 -11.17 40.80 28.60
N ASN C 303 -10.34 40.55 29.61
CA ASN C 303 -9.47 39.39 29.65
C ASN C 303 -10.01 38.29 30.55
N ASN C 304 -11.34 38.18 30.66
CA ASN C 304 -11.98 37.16 31.46
C ASN C 304 -12.30 35.95 30.59
N PHE C 305 -12.06 34.75 31.12
CA PHE C 305 -12.28 33.52 30.38
C PHE C 305 -12.89 32.48 31.29
N SER C 306 -13.60 31.52 30.69
CA SER C 306 -14.34 30.52 31.45
C SER C 306 -13.62 29.17 31.50
N ILE C 307 -13.21 28.65 30.36
CA ILE C 307 -12.57 27.33 30.28
C ILE C 307 -11.17 27.50 29.72
N LYS C 308 -10.21 26.80 30.31
CA LYS C 308 -8.88 26.64 29.74
C LYS C 308 -8.51 25.17 29.81
N GLN C 309 -8.20 24.59 28.64
CA GLN C 309 -7.74 23.21 28.55
C GLN C 309 -6.31 23.21 28.03
N ASP C 310 -5.43 22.49 28.73
CA ASP C 310 -4.05 22.35 28.30
C ASP C 310 -3.95 21.40 27.12
N ILE C 311 -3.21 21.81 26.09
CA ILE C 311 -2.95 20.97 24.93
C ILE C 311 -1.49 20.52 24.89
N VAL C 312 -0.56 21.47 24.86
CA VAL C 312 0.87 21.19 24.90
C VAL C 312 1.45 21.95 26.08
N GLY C 313 2.33 21.27 26.84
CA GLY C 313 2.96 21.91 27.98
C GLY C 313 3.93 23.00 27.57
N ILE C 314 4.18 23.93 28.49
CA ILE C 314 4.95 25.14 28.19
C ILE C 314 6.42 24.83 27.91
N ASN C 315 6.93 23.69 28.35
CA ASN C 315 8.32 23.33 28.10
C ASN C 315 8.53 22.62 26.76
N GLU C 316 7.45 22.25 26.08
CA GLU C 316 7.56 21.55 24.81
C GLU C 316 7.28 22.48 23.64
N TRP C 317 7.90 22.19 22.51
CA TRP C 317 7.81 23.07 21.35
C TRP C 317 6.47 22.91 20.65
N SER C 318 5.86 24.05 20.34
CA SER C 318 4.64 24.12 19.55
C SER C 318 4.97 24.86 18.26
N GLY C 319 3.93 25.26 17.54
CA GLY C 319 4.15 25.95 16.29
C GLY C 319 2.86 26.36 15.63
N TYR C 320 2.77 26.09 14.33
CA TYR C 320 1.57 26.38 13.58
C TYR C 320 0.38 25.60 14.11
N SER C 321 -0.76 26.26 14.18
CA SER C 321 -2.02 25.61 14.45
C SER C 321 -3.03 26.07 13.41
N GLY C 322 -3.99 25.20 13.13
CA GLY C 322 -5.03 25.53 12.16
C GLY C 322 -6.26 24.67 12.38
N SER C 323 -7.38 25.19 11.91
CA SER C 323 -8.67 24.53 12.07
C SER C 323 -8.92 23.53 10.95
N PHE C 324 -9.78 22.57 11.23
CA PHE C 324 -10.46 21.80 10.20
C PHE C 324 -11.79 21.33 10.75
N VAL C 325 -12.67 20.90 9.86
CA VAL C 325 -14.01 20.51 10.27
C VAL C 325 -14.33 19.12 9.78
N MET C 326 -15.27 18.49 10.47
CA MET C 326 -15.85 17.23 10.05
C MET C 326 -17.32 17.48 9.75
N HIS C 327 -17.71 17.32 8.50
CA HIS C 327 -19.05 17.61 8.03
C HIS C 327 -20.02 16.51 8.46
N PRO C 328 -21.33 16.81 8.47
CA PRO C 328 -22.33 15.76 8.73
C PRO C 328 -22.32 14.61 7.73
N GLU C 329 -21.78 14.82 6.53
CA GLU C 329 -21.73 13.76 5.53
C GLU C 329 -20.76 12.65 5.93
N LEU C 330 -19.84 12.96 6.83
CA LEU C 330 -18.85 11.99 7.32
C LEU C 330 -19.18 11.50 8.73
N THR C 331 -19.64 12.40 9.60
CA THR C 331 -19.91 12.04 10.98
C THR C 331 -21.27 11.40 11.19
N GLY C 332 -22.21 11.65 10.29
CA GLY C 332 -23.59 11.23 10.49
C GLY C 332 -24.39 12.14 11.41
N LEU C 333 -23.79 13.21 11.91
CA LEU C 333 -24.43 14.10 12.85
C LEU C 333 -25.31 15.11 12.11
N ASP C 334 -25.85 16.07 12.87
CA ASP C 334 -26.64 17.15 12.30
C ASP C 334 -25.88 18.46 12.29
N CYS C 335 -24.64 18.48 12.77
CA CYS C 335 -23.87 19.70 12.93
C CYS C 335 -22.44 19.47 12.44
N ILE C 336 -21.74 20.57 12.24
CA ILE C 336 -20.35 20.55 11.79
C ILE C 336 -19.45 20.50 13.02
N VAL C 337 -18.59 19.49 13.09
CA VAL C 337 -17.70 19.31 14.25
C VAL C 337 -16.43 20.12 14.07
N PRO C 338 -16.15 21.08 14.96
CA PRO C 338 -14.88 21.80 14.89
C PRO C 338 -13.72 20.93 15.35
N CYS C 339 -12.59 21.08 14.67
CA CYS C 339 -11.39 20.32 14.99
C CYS C 339 -10.19 21.21 14.70
N PHE C 340 -9.05 20.86 15.29
CA PHE C 340 -7.84 21.60 15.01
C PHE C 340 -6.63 20.70 15.10
N TRP C 341 -5.54 21.14 14.49
CA TRP C 341 -4.25 20.49 14.55
C TRP C 341 -3.20 21.47 15.07
N VAL C 342 -2.14 20.95 15.68
CA VAL C 342 -1.01 21.74 16.14
C VAL C 342 0.26 21.12 15.60
N GLU C 343 1.14 21.95 15.03
CA GLU C 343 2.43 21.47 14.54
C GLU C 343 3.47 21.61 15.65
N LEU C 344 4.14 20.50 15.97
CA LEU C 344 5.18 20.47 17.01
C LEU C 344 6.53 20.48 16.30
N ILE C 345 7.10 21.68 16.13
CA ILE C 345 8.29 21.87 15.32
C ILE C 345 9.51 21.35 16.09
N ARG C 346 10.35 20.57 15.41
CA ARG C 346 11.64 20.15 15.94
C ARG C 346 12.75 20.76 15.09
N GLY C 347 13.93 20.90 15.68
CA GLY C 347 15.08 21.41 14.96
C GLY C 347 15.37 22.88 15.23
N TRP C 355 18.49 20.06 10.19
CA TRP C 355 17.16 20.02 9.58
C TRP C 355 16.12 20.70 10.46
N THR C 356 14.93 20.89 9.89
CA THR C 356 13.80 21.48 10.61
C THR C 356 12.54 20.75 10.15
N SER C 357 12.03 19.87 11.00
CA SER C 357 10.81 19.12 10.72
C SER C 357 9.83 19.30 11.87
N GLY C 358 8.68 18.64 11.76
CA GLY C 358 7.74 18.65 12.86
C GLY C 358 6.52 17.80 12.66
N SER C 359 6.22 16.96 13.64
CA SER C 359 5.03 16.13 13.63
C SER C 359 3.81 16.99 13.99
N SER C 360 2.64 16.36 14.03
CA SER C 360 1.41 17.10 14.27
C SER C 360 0.48 16.28 15.15
N ILE C 361 -0.22 16.98 16.04
CA ILE C 361 -1.27 16.38 16.86
C ILE C 361 -2.58 17.10 16.53
N SER C 362 -3.68 16.36 16.53
CA SER C 362 -4.98 16.91 16.15
C SER C 362 -6.02 16.58 17.22
N PHE C 363 -6.97 17.50 17.36
CA PHE C 363 -8.01 17.42 18.37
C PHE C 363 -9.34 17.77 17.72
N CYS C 364 -10.41 17.17 18.20
CA CYS C 364 -11.76 17.46 17.72
C CYS C 364 -12.65 17.83 18.91
N GLY C 365 -13.55 18.77 18.68
CA GLY C 365 -14.40 19.25 19.76
C GLY C 365 -15.47 18.23 20.12
N VAL C 366 -15.68 18.08 21.43
CA VAL C 366 -16.68 17.17 21.97
C VAL C 366 -17.48 17.91 23.04
N ASN C 367 -18.70 17.44 23.26
CA ASN C 367 -19.52 17.90 24.37
C ASN C 367 -19.54 16.93 25.53
N SER C 368 -18.53 16.07 25.64
CA SER C 368 -18.37 15.15 26.74
C SER C 368 -17.09 15.47 27.49
N ASP C 369 -16.75 14.63 28.48
CA ASP C 369 -15.61 14.89 29.34
C ASP C 369 -14.29 14.69 28.61
N THR C 370 -13.34 15.58 28.89
CA THR C 370 -11.97 15.47 28.37
C THR C 370 -11.01 15.84 29.49
N VAL C 371 -9.72 15.80 29.18
CA VAL C 371 -8.66 16.11 30.14
C VAL C 371 -7.60 16.94 29.44
N GLY C 372 -7.04 17.90 30.16
CA GLY C 372 -5.93 18.70 29.65
C GLY C 372 -4.59 18.07 29.94
N TRP C 373 -4.02 17.39 28.96
CA TRP C 373 -2.70 16.77 29.07
C TRP C 373 -1.73 17.50 28.15
N SER C 374 -0.53 16.94 28.03
CA SER C 374 0.45 17.37 27.04
C SER C 374 0.76 16.19 26.13
N TRP C 375 0.73 16.43 24.82
CA TRP C 375 1.00 15.40 23.83
C TRP C 375 2.14 15.91 22.94
N PRO C 376 3.38 15.86 23.43
CA PRO C 376 4.48 16.48 22.70
C PRO C 376 5.09 15.56 21.65
N ASP C 377 6.04 16.10 20.88
CA ASP C 377 6.68 15.33 19.82
C ASP C 377 7.50 14.17 20.40
N GLY C 378 8.37 14.45 21.36
CA GLY C 378 9.10 13.42 22.06
C GLY C 378 10.26 12.79 21.32
N ALA C 379 10.93 13.53 20.44
CA ALA C 379 12.12 13.02 19.76
C ALA C 379 13.38 13.58 20.41
N GLU C 380 14.41 12.73 20.47
CA GLU C 380 15.68 13.09 21.09
C GLU C 380 16.57 13.75 20.05
N LEU C 381 16.84 15.04 20.22
CA LEU C 381 17.67 15.78 19.28
C LEU C 381 18.97 16.23 19.95
N VAL D 1 -24.33 -4.99 6.68
CA VAL D 1 -25.27 -5.40 7.71
C VAL D 1 -24.50 -5.67 9.01
N LYS D 2 -25.19 -5.53 10.14
CA LYS D 2 -24.53 -5.68 11.43
C LYS D 2 -24.51 -7.13 11.86
N LEU D 3 -23.50 -7.48 12.67
CA LEU D 3 -23.37 -8.85 13.16
C LEU D 3 -24.53 -9.19 14.08
N ALA D 4 -25.06 -10.40 13.92
CA ALA D 4 -26.24 -10.81 14.70
C ALA D 4 -25.84 -11.26 16.09
N GLY D 5 -24.85 -12.17 16.18
CA GLY D 5 -24.36 -12.64 17.46
C GLY D 5 -25.30 -13.53 18.23
N ASN D 6 -26.32 -14.11 17.58
CA ASN D 6 -27.26 -14.97 18.28
C ASN D 6 -26.91 -16.46 18.19
N SER D 7 -25.91 -16.83 17.40
CA SER D 7 -25.53 -18.22 17.29
C SER D 7 -24.62 -18.62 18.45
N SER D 8 -24.54 -19.93 18.69
CA SER D 8 -23.69 -20.43 19.75
C SER D 8 -22.25 -20.55 19.26
N LEU D 9 -21.34 -20.74 20.21
CA LEU D 9 -19.97 -21.10 19.87
C LEU D 9 -19.96 -22.49 19.25
N CYS D 10 -19.20 -22.64 18.17
CA CYS D 10 -19.00 -23.98 17.61
C CYS D 10 -18.23 -24.84 18.58
N PRO D 11 -18.66 -26.07 18.84
CA PRO D 11 -17.87 -26.96 19.70
C PRO D 11 -16.60 -27.39 18.98
N VAL D 12 -15.48 -27.25 19.67
CA VAL D 12 -14.17 -27.49 19.07
C VAL D 12 -13.43 -28.53 19.90
N SER D 13 -12.59 -29.30 19.21
CA SER D 13 -11.77 -30.33 19.86
C SER D 13 -10.29 -30.02 19.77
N GLY D 14 -9.90 -29.01 19.02
CA GLY D 14 -8.50 -28.66 18.87
C GLY D 14 -8.38 -27.26 18.34
N TRP D 15 -7.13 -26.79 18.24
CA TRP D 15 -6.85 -25.43 17.83
C TRP D 15 -5.85 -25.45 16.70
N ALA D 16 -6.19 -24.82 15.60
CA ALA D 16 -5.37 -24.80 14.41
C ALA D 16 -4.66 -23.46 14.27
N PRO D 17 -3.39 -23.45 13.87
CA PRO D 17 -2.66 -22.19 13.76
C PRO D 17 -3.21 -21.30 12.65
N LEU D 18 -3.57 -20.09 13.02
CA LEU D 18 -4.13 -19.12 12.08
C LEU D 18 -3.06 -18.18 11.53
N SER D 19 -2.24 -17.60 12.40
CA SER D 19 -1.34 -16.55 11.95
C SER D 19 -0.08 -16.52 12.78
N LYS D 20 0.96 -15.93 12.18
CA LYS D 20 2.24 -15.68 12.85
C LYS D 20 2.94 -14.57 12.09
N ASP D 21 3.29 -13.50 12.79
CA ASP D 21 3.83 -12.31 12.15
C ASP D 21 5.34 -12.32 12.00
N ASN D 22 6.06 -12.96 12.95
CA ASN D 22 7.53 -12.99 12.98
C ASN D 22 8.12 -11.57 12.99
N SER D 23 7.55 -10.71 13.85
CA SER D 23 7.83 -9.28 13.76
C SER D 23 9.25 -8.95 14.20
N VAL D 24 9.77 -9.61 15.23
CA VAL D 24 11.08 -9.26 15.74
C VAL D 24 12.18 -9.74 14.80
N ARG D 25 12.00 -10.92 14.19
CA ARG D 25 12.95 -11.41 13.21
C ARG D 25 13.06 -10.49 12.00
N ILE D 26 11.92 -10.01 11.50
CA ILE D 26 11.92 -9.07 10.38
C ILE D 26 12.45 -7.71 10.82
N GLY D 27 12.11 -7.28 12.03
CA GLY D 27 12.56 -6.02 12.59
C GLY D 27 14.03 -6.01 12.97
N SER D 28 14.71 -7.15 12.86
CA SER D 28 16.17 -7.14 12.99
C SER D 28 16.82 -6.25 11.92
N LYS D 29 16.32 -6.31 10.69
CA LYS D 29 16.81 -5.45 9.61
C LYS D 29 15.76 -4.47 9.09
N GLY D 30 14.49 -4.86 9.08
CA GLY D 30 13.45 -3.97 8.59
C GLY D 30 13.04 -2.93 9.61
N ASP D 31 12.16 -2.03 9.16
CA ASP D 31 11.64 -0.95 10.01
C ASP D 31 10.30 -1.42 10.56
N VAL D 32 10.34 -2.01 11.75
CA VAL D 32 9.19 -2.63 12.39
C VAL D 32 8.97 -1.98 13.75
N PHE D 33 7.72 -1.65 14.06
CA PHE D 33 7.38 -1.05 15.34
C PHE D 33 7.75 -1.96 16.51
N VAL D 34 8.23 -1.34 17.59
CA VAL D 34 8.26 -1.98 18.89
C VAL D 34 6.82 -1.94 19.42
N ILE D 35 6.22 -3.10 19.62
CA ILE D 35 4.80 -3.19 19.95
C ILE D 35 4.62 -3.92 21.27
N ARG D 36 3.55 -3.53 21.96
CA ARG D 36 3.12 -4.21 23.18
C ARG D 36 1.60 -4.31 23.16
N GLU D 37 1.10 -5.31 23.89
CA GLU D 37 -0.32 -5.66 23.94
C GLU D 37 -0.98 -5.81 22.57
N PRO D 38 -0.53 -6.74 21.74
CA PRO D 38 -1.21 -6.96 20.46
C PRO D 38 -2.46 -7.80 20.65
N PHE D 39 -3.51 -7.46 19.92
CA PHE D 39 -4.73 -8.26 19.93
C PHE D 39 -5.33 -8.23 18.54
N ILE D 40 -6.17 -9.22 18.27
CA ILE D 40 -6.75 -9.42 16.96
C ILE D 40 -8.25 -9.24 17.06
N SER D 41 -8.80 -8.43 16.16
CA SER D 41 -10.24 -8.32 15.98
C SER D 41 -10.56 -8.48 14.51
N CYS D 42 -11.77 -8.96 14.22
CA CYS D 42 -12.15 -9.32 12.86
C CYS D 42 -13.35 -8.50 12.41
N SER D 43 -13.27 -8.01 11.18
CA SER D 43 -14.41 -7.43 10.48
C SER D 43 -15.10 -8.54 9.69
N PRO D 44 -16.31 -8.29 9.15
CA PRO D 44 -16.93 -9.30 8.28
C PRO D 44 -16.16 -9.59 6.99
N LEU D 45 -15.13 -8.82 6.66
CA LEU D 45 -14.29 -9.09 5.51
C LEU D 45 -12.96 -9.73 5.89
N GLU D 46 -12.27 -9.20 6.90
CA GLU D 46 -10.93 -9.64 7.22
C GLU D 46 -10.65 -9.40 8.69
N CYS D 47 -9.58 -10.04 9.18
CA CYS D 47 -9.12 -9.88 10.54
C CYS D 47 -7.89 -8.98 10.57
N ARG D 48 -7.82 -8.13 11.59
CA ARG D 48 -6.70 -7.21 11.76
C ARG D 48 -6.01 -7.46 13.09
N THR D 49 -4.71 -7.19 13.13
CA THR D 49 -3.97 -7.21 14.38
C THR D 49 -3.79 -5.79 14.87
N PHE D 50 -4.36 -5.49 16.02
CA PHE D 50 -4.22 -4.20 16.68
C PHE D 50 -3.06 -4.28 17.66
N PHE D 51 -2.38 -3.15 17.87
CA PHE D 51 -1.23 -3.11 18.76
C PHE D 51 -1.01 -1.69 19.25
N LEU D 52 -0.34 -1.59 20.39
CA LEU D 52 0.08 -0.31 20.96
C LEU D 52 1.56 -0.09 20.70
N THR D 53 1.92 1.12 20.30
CA THR D 53 3.30 1.46 20.02
C THR D 53 3.57 2.89 20.43
N GLN D 54 4.84 3.17 20.75
CA GLN D 54 5.26 4.52 21.09
C GLN D 54 5.86 5.27 19.92
N GLY D 55 5.83 4.69 18.73
CA GLY D 55 6.53 5.28 17.60
C GLY D 55 8.01 5.00 17.61
N ALA D 56 8.44 3.92 18.24
CA ALA D 56 9.83 3.51 18.25
C ALA D 56 9.98 2.21 17.46
N LEU D 57 10.98 2.16 16.60
CA LEU D 57 11.22 0.98 15.80
C LEU D 57 12.19 0.05 16.50
N LEU D 58 12.20 -1.21 16.08
CA LEU D 58 13.17 -2.18 16.58
C LEU D 58 14.57 -1.79 16.10
N ASN D 59 15.56 -2.04 16.96
CA ASN D 59 16.96 -1.59 16.76
C ASN D 59 17.01 -0.08 16.54
N ASP D 60 16.53 0.67 17.51
CA ASP D 60 16.47 2.12 17.45
C ASP D 60 16.49 2.69 18.86
N LYS D 61 17.10 3.88 19.02
CA LYS D 61 17.39 4.40 20.34
C LYS D 61 16.15 4.94 21.06
N HIS D 62 15.06 5.18 20.35
CA HIS D 62 13.82 5.64 21.00
C HIS D 62 13.05 4.50 21.65
N SER D 63 13.53 3.27 21.55
CA SER D 63 12.90 2.13 22.20
C SER D 63 13.68 1.70 23.43
N ASP D 69 5.09 2.85 30.22
CA ASP D 69 3.90 2.17 29.73
C ASP D 69 2.85 3.16 29.24
N ARG D 70 2.46 4.09 30.11
CA ARG D 70 1.37 5.02 29.80
C ARG D 70 1.92 6.39 29.40
N SER D 71 2.67 6.40 28.32
CA SER D 71 3.27 7.61 27.79
C SER D 71 2.26 8.38 26.94
N PRO D 72 2.48 9.69 26.75
CA PRO D 72 1.63 10.44 25.80
C PRO D 72 1.82 10.02 24.35
N TYR D 73 2.92 9.35 24.02
CA TYR D 73 3.22 8.99 22.65
C TYR D 73 2.61 7.65 22.25
N ARG D 74 2.00 6.93 23.19
CA ARG D 74 1.45 5.61 22.88
C ARG D 74 0.21 5.76 22.00
N THR D 75 0.19 5.04 20.89
CA THR D 75 -0.91 5.07 19.95
C THR D 75 -1.37 3.65 19.67
N LEU D 76 -2.63 3.50 19.31
CA LEU D 76 -3.15 2.24 18.82
C LEU D 76 -3.11 2.23 17.30
N MET D 77 -2.49 1.20 16.74
CA MET D 77 -2.36 1.06 15.30
C MET D 77 -2.80 -0.34 14.93
N SER D 78 -3.02 -0.57 13.64
CA SER D 78 -3.44 -1.90 13.19
C SER D 78 -2.84 -2.23 11.83
N VAL D 79 -2.68 -3.52 11.59
CA VAL D 79 -2.24 -4.06 10.31
C VAL D 79 -3.16 -5.22 9.97
N PRO D 80 -3.19 -5.66 8.70
CA PRO D 80 -3.81 -6.95 8.40
C PRO D 80 -3.09 -8.07 9.13
N ILE D 81 -3.85 -9.11 9.49
CA ILE D 81 -3.33 -10.17 10.34
C ILE D 81 -2.17 -10.90 9.65
N GLY D 82 -1.12 -11.16 10.41
CA GLY D 82 0.07 -11.81 9.89
C GLY D 82 1.08 -10.89 9.24
N SER D 83 0.75 -9.61 9.05
CA SER D 83 1.71 -8.68 8.50
C SER D 83 2.49 -8.01 9.62
N VAL D 84 3.67 -7.52 9.29
CA VAL D 84 4.53 -6.92 10.32
C VAL D 84 3.97 -5.57 10.73
N PRO D 85 4.08 -5.20 11.99
CA PRO D 85 3.74 -3.82 12.37
C PRO D 85 4.83 -2.86 11.94
N SER D 86 4.59 -2.16 10.85
CA SER D 86 5.59 -1.26 10.29
C SER D 86 4.96 0.10 10.06
N PRO D 87 5.76 1.18 10.11
CA PRO D 87 5.23 2.51 9.77
C PRO D 87 4.68 2.60 8.35
N TYR D 88 5.16 1.78 7.43
CA TYR D 88 4.76 1.88 6.03
C TYR D 88 3.47 1.14 5.71
N ASN D 89 2.97 0.28 6.60
CA ASN D 89 1.73 -0.43 6.33
C ASN D 89 0.70 -0.38 7.45
N ALA D 90 1.02 0.22 8.60
CA ALA D 90 0.08 0.25 9.71
C ALA D 90 -0.92 1.38 9.55
N ARG D 91 -2.14 1.12 9.99
CA ARG D 91 -3.21 2.10 9.98
C ARG D 91 -3.39 2.66 11.38
N PHE D 92 -3.37 3.98 11.49
CA PHE D 92 -3.58 4.61 12.79
C PHE D 92 -5.03 4.44 13.22
N GLU D 93 -5.22 4.14 14.50
CA GLU D 93 -6.56 3.99 15.07
C GLU D 93 -6.87 5.08 16.09
N SER D 94 -6.07 5.19 17.15
CA SER D 94 -6.33 6.18 18.20
C SER D 94 -5.08 6.34 19.04
N ILE D 95 -5.05 7.41 19.82
CA ILE D 95 -4.03 7.63 20.84
C ILE D 95 -4.49 6.87 22.08
N ALA D 96 -3.65 5.96 22.57
CA ALA D 96 -4.06 5.05 23.63
C ALA D 96 -2.85 4.38 24.25
N TRP D 97 -2.83 4.33 25.59
CA TRP D 97 -1.99 3.37 26.29
C TRP D 97 -2.79 2.21 26.89
N SER D 98 -4.10 2.22 26.73
CA SER D 98 -4.97 1.09 27.00
C SER D 98 -6.09 1.11 25.97
N ALA D 99 -6.37 -0.02 25.34
CA ALA D 99 -7.16 0.00 24.13
C ALA D 99 -8.08 -1.21 24.04
N SER D 100 -9.12 -1.05 23.22
CA SER D 100 -9.98 -2.12 22.76
C SER D 100 -10.48 -1.74 21.38
N ALA D 101 -10.89 -2.73 20.60
CA ALA D 101 -11.40 -2.49 19.26
C ALA D 101 -12.32 -3.62 18.85
N CYS D 102 -13.38 -3.28 18.13
CA CYS D 102 -14.28 -4.29 17.59
C CYS D 102 -15.04 -3.73 16.41
N HIS D 103 -15.48 -4.63 15.54
CA HIS D 103 -16.24 -4.28 14.36
C HIS D 103 -17.66 -4.81 14.54
N ASP D 104 -18.65 -3.94 14.41
CA ASP D 104 -20.03 -4.32 14.62
C ASP D 104 -20.70 -4.85 13.36
N GLY D 105 -19.96 -4.99 12.27
CA GLY D 105 -20.50 -5.35 10.98
C GLY D 105 -20.62 -4.20 10.02
N ILE D 106 -20.68 -2.96 10.53
CA ILE D 106 -20.72 -1.76 9.70
C ILE D 106 -19.35 -1.06 9.70
N ASN D 107 -18.88 -0.64 10.86
CA ASN D 107 -17.63 0.10 10.98
C ASN D 107 -16.82 -0.41 12.15
N TRP D 108 -15.59 0.08 12.24
CA TRP D 108 -14.72 -0.23 13.37
C TRP D 108 -15.00 0.69 14.55
N LEU D 109 -15.28 0.08 15.70
CA LEU D 109 -15.25 0.80 16.96
C LEU D 109 -13.88 0.63 17.59
N THR D 110 -13.29 1.72 18.05
CA THR D 110 -12.02 1.71 18.74
C THR D 110 -12.17 2.49 20.03
N ILE D 111 -11.76 1.90 21.14
CA ILE D 111 -11.80 2.53 22.45
C ILE D 111 -10.37 2.76 22.89
N GLY D 112 -9.97 4.03 22.97
CA GLY D 112 -8.61 4.35 23.32
C GLY D 112 -8.51 5.17 24.59
N ILE D 113 -7.73 4.70 25.56
CA ILE D 113 -7.57 5.39 26.83
C ILE D 113 -6.22 6.08 26.86
N THR D 114 -6.24 7.39 27.05
CA THR D 114 -5.02 8.17 27.23
C THR D 114 -5.26 9.16 28.37
N GLY D 115 -4.25 9.96 28.67
CA GLY D 115 -4.35 10.91 29.75
C GLY D 115 -3.52 10.51 30.96
N PRO D 116 -3.53 11.35 31.99
CA PRO D 116 -2.77 11.02 33.21
C PRO D 116 -3.43 9.90 34.00
N ASP D 117 -2.67 9.36 34.94
CA ASP D 117 -3.14 8.23 35.75
C ASP D 117 -4.32 8.62 36.64
N ASN D 118 -4.35 9.85 37.13
CA ASN D 118 -5.45 10.32 37.94
C ASN D 118 -6.50 11.09 37.15
N GLY D 119 -6.37 11.14 35.83
CA GLY D 119 -7.34 11.86 35.02
C GLY D 119 -7.61 11.26 33.65
N ALA D 120 -7.44 9.95 33.49
CA ALA D 120 -7.50 9.32 32.19
C ALA D 120 -8.91 9.36 31.61
N VAL D 121 -9.00 9.37 30.27
CA VAL D 121 -10.26 9.42 29.56
C VAL D 121 -10.24 8.37 28.46
N ALA D 122 -11.29 7.56 28.38
CA ALA D 122 -11.46 6.60 27.30
C ALA D 122 -12.07 7.32 26.09
N ILE D 123 -11.34 7.34 24.98
CA ILE D 123 -11.80 7.98 23.76
C ILE D 123 -12.40 6.93 22.85
N LEU D 124 -13.68 7.06 22.56
CA LEU D 124 -14.40 6.11 21.70
C LEU D 124 -14.47 6.68 20.29
N LYS D 125 -13.95 5.93 19.33
CA LYS D 125 -13.98 6.33 17.94
C LYS D 125 -14.77 5.32 17.13
N TYR D 126 -15.74 5.79 16.38
CA TYR D 126 -16.51 4.98 15.45
C TYR D 126 -16.23 5.47 14.04
N ASN D 127 -15.69 4.57 13.20
CA ASN D 127 -15.30 4.87 11.82
C ASN D 127 -14.32 6.04 11.77
N GLY D 128 -13.38 6.05 12.72
CA GLY D 128 -12.39 7.10 12.83
C GLY D 128 -12.89 8.40 13.39
N ILE D 129 -14.15 8.49 13.79
CA ILE D 129 -14.76 9.72 14.27
C ILE D 129 -14.94 9.60 15.78
N ILE D 130 -14.46 10.59 16.53
CA ILE D 130 -14.67 10.62 17.97
C ILE D 130 -16.15 10.80 18.26
N THR D 131 -16.76 9.80 18.88
CA THR D 131 -18.20 9.75 19.12
C THR D 131 -18.58 9.95 20.58
N ASP D 132 -17.74 9.50 21.50
CA ASP D 132 -18.04 9.61 22.92
C ASP D 132 -16.75 9.51 23.71
N THR D 133 -16.79 9.98 24.95
CA THR D 133 -15.67 9.84 25.87
C THR D 133 -16.19 9.45 27.26
N ILE D 134 -15.36 8.73 28.01
CA ILE D 134 -15.66 8.35 29.38
C ILE D 134 -14.54 8.85 30.28
N LYS D 135 -14.89 9.68 31.24
CA LYS D 135 -13.94 10.13 32.26
C LYS D 135 -13.63 8.99 33.22
N SER D 136 -12.46 9.07 33.84
CA SER D 136 -12.14 8.21 34.96
C SER D 136 -13.05 8.53 36.15
N TRP D 137 -13.65 7.50 36.73
CA TRP D 137 -14.56 7.70 37.86
C TRP D 137 -13.92 7.39 39.20
N ARG D 138 -12.66 6.95 39.21
CA ARG D 138 -11.93 6.71 40.46
C ARG D 138 -10.55 7.32 40.46
N ASN D 139 -10.10 7.87 39.33
CA ASN D 139 -8.81 8.56 39.19
C ASN D 139 -7.62 7.68 39.54
N ASN D 140 -7.71 6.38 39.25
CA ASN D 140 -6.61 5.46 39.51
C ASN D 140 -6.47 4.53 38.30
N ILE D 141 -5.77 5.01 37.27
CA ILE D 141 -5.45 4.28 36.03
C ILE D 141 -6.67 3.61 35.43
N LEU D 142 -7.50 4.38 34.74
CA LEU D 142 -8.61 3.81 33.97
C LEU D 142 -8.06 2.93 32.87
N ARG D 143 -8.58 1.71 32.75
CA ARG D 143 -8.00 0.73 31.85
C ARG D 143 -9.09 -0.21 31.34
N THR D 144 -8.78 -0.90 30.25
CA THR D 144 -9.79 -1.68 29.53
C THR D 144 -9.16 -3.01 29.10
N GLN D 145 -9.82 -3.68 28.15
CA GLN D 145 -9.63 -5.10 27.88
C GLN D 145 -8.23 -5.46 27.39
N GLU D 146 -7.60 -4.61 26.58
CA GLU D 146 -6.45 -4.96 25.74
C GLU D 146 -6.75 -6.14 24.82
N SER D 147 -8.01 -6.29 24.42
CA SER D 147 -8.41 -7.28 23.44
C SER D 147 -9.66 -6.77 22.76
N GLU D 148 -10.24 -7.59 21.90
CA GLU D 148 -11.40 -7.18 21.14
C GLU D 148 -12.63 -7.07 22.04
N CYS D 149 -13.48 -6.10 21.75
CA CYS D 149 -14.78 -6.06 22.38
C CYS D 149 -15.75 -6.97 21.63
N ALA D 150 -16.88 -7.25 22.27
CA ALA D 150 -17.84 -8.21 21.76
C ALA D 150 -19.09 -7.48 21.30
N CYS D 151 -19.45 -7.67 20.03
CA CYS D 151 -20.60 -7.00 19.45
C CYS D 151 -21.73 -8.01 19.23
N VAL D 152 -22.92 -7.64 19.69
CA VAL D 152 -24.15 -8.41 19.45
C VAL D 152 -25.21 -7.45 18.95
N ASN D 153 -25.74 -7.71 17.74
CA ASN D 153 -26.91 -7.03 17.18
C ASN D 153 -26.70 -5.52 17.11
N GLY D 154 -25.62 -5.11 16.45
CA GLY D 154 -25.35 -3.70 16.28
C GLY D 154 -24.90 -2.97 17.53
N SER D 155 -24.57 -3.68 18.60
CA SER D 155 -24.16 -3.07 19.86
C SER D 155 -22.94 -3.81 20.38
N CYS D 156 -21.94 -3.06 20.81
CA CYS D 156 -20.68 -3.63 21.25
C CYS D 156 -20.45 -3.35 22.73
N PHE D 157 -19.78 -4.29 23.39
CA PHE D 157 -19.71 -4.32 24.84
C PHE D 157 -18.27 -4.44 25.28
N THR D 158 -17.90 -3.64 26.29
CA THR D 158 -16.56 -3.71 26.86
C THR D 158 -16.65 -3.57 28.37
N VAL D 159 -15.60 -4.01 29.05
CA VAL D 159 -15.46 -3.92 30.50
C VAL D 159 -14.27 -3.02 30.79
N MET D 160 -14.44 -2.10 31.74
CA MET D 160 -13.39 -1.17 32.12
C MET D 160 -13.21 -1.14 33.63
N THR D 161 -11.97 -0.94 34.05
CA THR D 161 -11.58 -0.98 35.46
C THR D 161 -10.97 0.36 35.86
N ASP D 162 -11.36 0.85 37.03
CA ASP D 162 -10.77 2.05 37.62
C ASP D 162 -10.54 1.78 39.10
N GLY D 163 -9.28 1.87 39.53
CA GLY D 163 -8.94 1.55 40.89
C GLY D 163 -7.61 0.84 41.00
N PRO D 164 -7.25 0.41 42.21
CA PRO D 164 -5.96 -0.25 42.41
C PRO D 164 -5.88 -1.61 41.74
N SER D 165 -4.68 -1.95 41.27
CA SER D 165 -4.38 -3.25 40.70
C SER D 165 -3.91 -4.24 41.74
N ASN D 166 -3.88 -3.86 43.01
CA ASN D 166 -3.46 -4.73 44.11
C ASN D 166 -4.48 -4.68 45.25
N GLY D 167 -5.76 -4.53 44.90
CA GLY D 167 -6.80 -4.43 45.89
C GLY D 167 -8.14 -4.31 45.21
N GLN D 168 -9.16 -4.01 46.01
CA GLN D 168 -10.51 -3.86 45.46
C GLN D 168 -10.58 -2.63 44.57
N ALA D 169 -11.08 -2.82 43.35
CA ALA D 169 -11.21 -1.76 42.37
C ALA D 169 -12.68 -1.69 41.91
N SER D 170 -12.93 -0.83 40.92
CA SER D 170 -14.28 -0.59 40.43
C SER D 170 -14.38 -1.04 38.98
N TYR D 171 -15.41 -1.81 38.66
CA TYR D 171 -15.56 -2.47 37.38
C TYR D 171 -16.89 -2.06 36.76
N LYS D 172 -16.85 -1.65 35.50
CA LYS D 172 -18.01 -1.14 34.79
C LYS D 172 -18.19 -1.89 33.49
N ILE D 173 -19.46 -2.07 33.12
CA ILE D 173 -19.85 -2.68 31.84
C ILE D 173 -20.52 -1.61 30.99
N PHE D 174 -20.16 -1.56 29.71
CA PHE D 174 -20.64 -0.53 28.82
C PHE D 174 -21.34 -1.15 27.61
N ARG D 175 -22.45 -0.53 27.21
CA ARG D 175 -23.15 -0.86 25.98
C ARG D 175 -22.96 0.30 25.01
N ILE D 176 -22.38 0.01 23.85
CA ILE D 176 -21.96 1.03 22.90
C ILE D 176 -22.63 0.76 21.56
N GLU D 177 -23.26 1.78 20.99
CA GLU D 177 -23.94 1.68 19.71
C GLU D 177 -23.48 2.82 18.83
N LYS D 178 -22.83 2.47 17.71
CA LYS D 178 -22.26 3.44 16.76
C LYS D 178 -21.27 4.38 17.44
N GLY D 179 -20.52 3.85 18.41
CA GLY D 179 -19.56 4.62 19.14
C GLY D 179 -20.10 5.42 20.31
N LYS D 180 -21.39 5.36 20.57
CA LYS D 180 -22.02 6.11 21.64
C LYS D 180 -22.44 5.18 22.77
N ILE D 181 -22.07 5.55 24.00
CA ILE D 181 -22.46 4.77 25.18
C ILE D 181 -23.93 5.00 25.44
N VAL D 182 -24.73 3.94 25.30
CA VAL D 182 -26.17 4.06 25.52
C VAL D 182 -26.60 3.46 26.86
N LYS D 183 -25.75 2.68 27.52
CA LYS D 183 -26.06 2.17 28.85
C LYS D 183 -24.75 1.83 29.55
N SER D 184 -24.64 2.22 30.81
CA SER D 184 -23.50 1.91 31.64
C SER D 184 -24.00 1.30 32.94
N VAL D 185 -23.31 0.25 33.39
CA VAL D 185 -23.66 -0.44 34.62
C VAL D 185 -22.39 -0.71 35.41
N GLU D 186 -22.38 -0.30 36.68
CA GLU D 186 -21.27 -0.60 37.58
C GLU D 186 -21.53 -1.92 38.27
N MET D 187 -20.56 -2.83 38.19
CA MET D 187 -20.69 -4.13 38.82
C MET D 187 -20.54 -4.02 40.33
N ASN D 188 -21.37 -4.75 41.06
CA ASN D 188 -21.26 -4.84 42.51
C ASN D 188 -20.61 -6.18 42.82
N ALA D 189 -19.28 -6.18 42.89
CA ALA D 189 -18.49 -7.40 43.06
C ALA D 189 -17.47 -7.21 44.17
N PRO D 190 -17.89 -7.27 45.44
CA PRO D 190 -16.92 -7.22 46.53
C PRO D 190 -16.08 -8.48 46.56
N ASN D 191 -14.79 -8.31 46.88
CA ASN D 191 -13.74 -9.34 46.92
C ASN D 191 -13.38 -9.91 45.56
N TYR D 192 -13.86 -9.32 44.47
CA TYR D 192 -13.47 -9.70 43.12
C TYR D 192 -12.42 -8.73 42.59
N HIS D 193 -11.81 -9.10 41.47
CA HIS D 193 -10.89 -8.20 40.78
C HIS D 193 -10.87 -8.55 39.30
N TYR D 194 -11.16 -7.57 38.46
CA TYR D 194 -11.29 -7.76 37.02
C TYR D 194 -10.32 -6.84 36.29
N GLU D 195 -9.34 -7.43 35.61
CA GLU D 195 -8.43 -6.70 34.74
C GLU D 195 -8.36 -7.37 33.39
N GLU D 196 -8.35 -6.55 32.33
CA GLU D 196 -8.01 -6.96 30.96
C GLU D 196 -8.89 -8.12 30.49
N CYS D 197 -10.19 -7.85 30.42
CA CYS D 197 -11.18 -8.88 30.17
C CYS D 197 -11.14 -9.36 28.72
N SER D 198 -11.27 -10.66 28.55
CA SER D 198 -11.40 -11.27 27.23
C SER D 198 -12.86 -11.62 27.03
N CYS D 199 -13.58 -10.77 26.31
CA CYS D 199 -15.02 -10.89 26.14
C CYS D 199 -15.32 -11.44 24.76
N TYR D 200 -16.30 -12.34 24.68
CA TYR D 200 -16.74 -12.89 23.41
C TYR D 200 -18.26 -13.02 23.41
N PRO D 201 -18.88 -12.91 22.24
CA PRO D 201 -20.33 -13.13 22.16
C PRO D 201 -20.67 -14.61 22.00
N ASP D 202 -21.79 -15.00 22.61
CA ASP D 202 -22.26 -16.37 22.54
C ASP D 202 -23.76 -16.35 22.83
N SER D 203 -24.56 -16.62 21.80
CA SER D 203 -26.03 -16.73 21.90
C SER D 203 -26.66 -15.47 22.48
N SER D 204 -26.37 -14.33 21.84
CA SER D 204 -26.89 -13.01 22.19
C SER D 204 -26.50 -12.54 23.59
N GLU D 205 -25.47 -13.15 24.17
CA GLU D 205 -24.97 -12.76 25.48
C GLU D 205 -23.45 -12.65 25.41
N ILE D 206 -22.88 -11.90 26.36
CA ILE D 206 -21.45 -11.67 26.42
C ILE D 206 -20.89 -12.39 27.62
N THR D 207 -19.75 -13.04 27.46
CA THR D 207 -19.00 -13.66 28.55
C THR D 207 -17.57 -13.13 28.51
N CYS D 208 -17.12 -12.58 29.64
CA CYS D 208 -15.78 -12.04 29.76
C CYS D 208 -15.00 -12.87 30.77
N VAL D 209 -13.78 -13.27 30.41
CA VAL D 209 -12.89 -13.99 31.32
C VAL D 209 -11.67 -13.10 31.56
N CYS D 210 -11.49 -12.69 32.81
CA CYS D 210 -10.59 -11.60 33.14
C CYS D 210 -9.47 -12.10 34.06
N ARG D 211 -8.70 -11.14 34.58
CA ARG D 211 -7.51 -11.42 35.37
C ARG D 211 -7.68 -10.83 36.76
N ASP D 212 -7.53 -11.67 37.79
CA ASP D 212 -7.50 -11.22 39.18
C ASP D 212 -6.05 -10.91 39.52
N ASN D 213 -5.73 -9.63 39.59
CA ASN D 213 -4.40 -9.19 39.98
C ASN D 213 -4.22 -9.08 41.50
N TRP D 214 -5.30 -9.22 42.27
CA TRP D 214 -5.25 -8.93 43.70
C TRP D 214 -4.98 -10.19 44.52
N HIS D 215 -5.92 -11.14 44.49
CA HIS D 215 -5.82 -12.30 45.36
C HIS D 215 -6.36 -13.56 44.69
N GLY D 216 -6.28 -13.64 43.37
CA GLY D 216 -6.83 -14.78 42.68
C GLY D 216 -5.90 -15.38 41.64
N SER D 217 -5.69 -16.69 41.72
CA SER D 217 -4.92 -17.41 40.72
C SER D 217 -5.81 -18.20 39.76
N ASN D 218 -7.09 -18.27 40.03
CA ASN D 218 -8.08 -18.67 39.03
C ASN D 218 -8.71 -17.42 38.43
N ARG D 219 -9.36 -17.59 37.31
CA ARG D 219 -9.77 -16.39 36.60
C ARG D 219 -11.20 -16.03 36.95
N PRO D 220 -11.46 -14.75 37.24
CA PRO D 220 -12.84 -14.29 37.39
C PRO D 220 -13.54 -14.20 36.05
N TRP D 221 -14.87 -14.28 36.10
CA TRP D 221 -15.66 -14.12 34.89
C TRP D 221 -16.89 -13.27 35.18
N VAL D 222 -17.37 -12.60 34.14
CA VAL D 222 -18.62 -11.86 34.19
C VAL D 222 -19.38 -12.15 32.90
N SER D 223 -20.67 -12.48 33.04
CA SER D 223 -21.54 -12.73 31.89
C SER D 223 -22.76 -11.83 32.00
N PHE D 224 -23.15 -11.24 30.88
CA PHE D 224 -24.23 -10.27 30.89
C PHE D 224 -24.96 -10.30 29.55
N ASN D 225 -26.18 -9.78 29.55
CA ASN D 225 -26.98 -9.67 28.35
C ASN D 225 -26.94 -8.22 27.83
N GLN D 226 -27.77 -7.93 26.82
CA GLN D 226 -27.69 -6.64 26.15
C GLN D 226 -28.18 -5.49 27.02
N ASN D 227 -29.00 -5.78 28.03
CA ASN D 227 -29.42 -4.75 28.97
C ASN D 227 -28.55 -4.73 30.22
N LEU D 228 -27.42 -5.46 30.19
CA LEU D 228 -26.34 -5.39 31.18
C LEU D 228 -26.76 -5.92 32.56
N GLU D 229 -27.69 -6.88 32.59
CA GLU D 229 -27.88 -7.68 33.80
C GLU D 229 -26.79 -8.73 33.84
N TYR D 230 -25.96 -8.69 34.88
CA TYR D 230 -24.71 -9.44 34.90
C TYR D 230 -24.74 -10.55 35.96
N GLN D 231 -23.88 -11.53 35.74
CA GLN D 231 -23.59 -12.56 36.72
C GLN D 231 -22.07 -12.68 36.84
N ILE D 232 -21.60 -12.95 38.06
CA ILE D 232 -20.17 -12.96 38.34
C ILE D 232 -19.78 -14.25 39.03
N GLY D 233 -18.50 -14.57 38.90
CA GLY D 233 -17.92 -15.71 39.59
C GLY D 233 -16.50 -15.89 39.14
N TYR D 234 -15.86 -16.92 39.71
CA TYR D 234 -14.55 -17.35 39.27
C TYR D 234 -14.69 -18.70 38.58
N ILE D 235 -13.77 -18.99 37.66
CA ILE D 235 -13.73 -20.30 37.02
C ILE D 235 -13.31 -21.31 38.09
N CYS D 236 -14.22 -22.22 38.42
CA CYS D 236 -14.08 -23.05 39.61
C CYS D 236 -13.18 -24.26 39.41
N SER D 237 -12.59 -24.43 38.22
CA SER D 237 -11.72 -25.56 37.95
C SER D 237 -10.45 -25.49 38.78
N GLY D 238 -9.93 -26.67 39.15
CA GLY D 238 -8.63 -26.78 39.79
C GLY D 238 -7.46 -26.58 38.86
N ILE D 239 -7.70 -26.62 37.55
CA ILE D 239 -6.70 -26.24 36.56
C ILE D 239 -6.74 -24.72 36.47
N PHE D 240 -5.86 -24.07 37.22
CA PHE D 240 -5.92 -22.62 37.39
C PHE D 240 -5.37 -21.91 36.16
N GLY D 241 -5.99 -20.79 35.80
CA GLY D 241 -5.67 -20.14 34.54
C GLY D 241 -4.62 -19.04 34.60
N ASP D 242 -4.46 -18.40 35.75
CA ASP D 242 -3.60 -17.23 35.84
C ASP D 242 -2.12 -17.64 35.95
N ASN D 243 -1.25 -16.65 35.81
CA ASN D 243 0.18 -16.82 35.97
C ASN D 243 0.77 -15.57 36.63
N PRO D 244 1.28 -15.66 37.87
CA PRO D 244 1.59 -16.86 38.68
C PRO D 244 0.39 -17.60 39.26
N ARG D 245 0.60 -18.87 39.63
CA ARG D 245 -0.45 -19.74 40.13
C ARG D 245 0.21 -20.86 40.92
N PRO D 246 -0.52 -21.52 41.80
CA PRO D 246 0.02 -22.69 42.51
C PRO D 246 -0.12 -23.94 41.65
N ASN D 247 0.27 -25.07 42.23
CA ASN D 247 0.11 -26.35 41.56
C ASN D 247 -1.36 -26.72 41.47
N ASP D 248 -1.68 -27.60 40.52
CA ASP D 248 -3.05 -28.04 40.33
C ASP D 248 -3.53 -28.82 41.55
N LYS D 249 -4.69 -28.44 42.07
CA LYS D 249 -5.23 -29.04 43.27
C LYS D 249 -6.75 -28.90 43.21
N THR D 250 -7.42 -29.17 44.33
CA THR D 250 -8.87 -28.98 44.40
C THR D 250 -9.15 -27.48 44.48
N GLY D 251 -9.48 -26.89 43.34
CA GLY D 251 -9.64 -25.46 43.25
C GLY D 251 -10.90 -24.96 43.94
N SER D 252 -10.95 -23.64 44.09
CA SER D 252 -12.08 -23.00 44.73
C SER D 252 -12.95 -22.36 43.66
N CYS D 253 -14.20 -22.11 44.03
CA CYS D 253 -15.15 -21.53 43.10
C CYS D 253 -15.19 -20.01 43.22
N GLY D 254 -14.63 -19.47 44.31
CA GLY D 254 -14.25 -18.08 44.39
C GLY D 254 -12.77 -17.93 44.11
N PRO D 255 -12.18 -16.81 44.51
CA PRO D 255 -10.76 -16.58 44.20
C PRO D 255 -9.84 -17.48 45.02
N VAL D 256 -8.81 -18.00 44.36
CA VAL D 256 -7.80 -18.83 45.00
C VAL D 256 -6.67 -17.91 45.46
N SER D 257 -6.50 -17.81 46.78
CA SER D 257 -5.60 -16.81 47.35
C SER D 257 -4.13 -17.17 47.19
N SER D 258 -3.79 -18.46 47.18
CA SER D 258 -2.40 -18.87 47.07
C SER D 258 -1.84 -18.49 45.71
N ASN D 259 -0.75 -17.71 45.73
CA ASN D 259 -0.13 -17.12 44.54
C ASN D 259 -1.13 -16.31 43.73
N GLY D 260 -2.05 -15.64 44.43
CA GLY D 260 -3.14 -14.94 43.79
C GLY D 260 -2.78 -13.54 43.31
N ALA D 261 -1.75 -12.97 43.90
CA ALA D 261 -1.31 -11.64 43.48
C ALA D 261 -0.66 -11.70 42.11
N ASN D 262 -0.60 -10.54 41.45
CA ASN D 262 -0.13 -10.37 40.07
C ASN D 262 -0.97 -11.21 39.13
N GLY D 263 -0.46 -11.47 37.93
CA GLY D 263 -1.20 -12.26 36.97
C GLY D 263 -0.79 -11.93 35.55
N VAL D 264 -1.59 -12.43 34.62
CA VAL D 264 -1.40 -12.20 33.20
C VAL D 264 -2.76 -12.18 32.54
N LYS D 265 -2.91 -11.36 31.51
CA LYS D 265 -4.15 -11.34 30.74
C LYS D 265 -4.35 -12.68 30.06
N GLY D 266 -5.53 -13.25 30.24
CA GLY D 266 -5.87 -14.52 29.63
C GLY D 266 -7.29 -14.57 29.12
N PHE D 267 -7.77 -15.78 28.88
CA PHE D 267 -9.09 -15.98 28.31
C PHE D 267 -9.56 -17.36 28.72
N SER D 268 -10.84 -17.62 28.48
CA SER D 268 -11.41 -18.96 28.57
C SER D 268 -12.72 -18.98 27.80
N PHE D 269 -13.04 -20.14 27.23
CA PHE D 269 -14.26 -20.32 26.47
C PHE D 269 -15.17 -21.29 27.22
N LYS D 270 -16.36 -20.82 27.56
CA LYS D 270 -17.32 -21.61 28.32
C LYS D 270 -18.19 -22.41 27.36
N TYR D 271 -18.32 -23.71 27.63
CA TYR D 271 -19.16 -24.62 26.87
C TYR D 271 -20.03 -25.37 27.87
N GLY D 272 -21.17 -24.78 28.21
CA GLY D 272 -22.03 -25.32 29.24
C GLY D 272 -21.34 -25.35 30.59
N ASN D 273 -21.25 -26.55 31.18
CA ASN D 273 -20.47 -26.74 32.39
C ASN D 273 -18.98 -26.87 32.11
N GLY D 274 -18.59 -26.99 30.84
CA GLY D 274 -17.20 -27.15 30.50
C GLY D 274 -16.53 -25.86 30.05
N VAL D 275 -15.21 -25.86 30.09
CA VAL D 275 -14.42 -24.68 29.74
C VAL D 275 -13.16 -25.11 28.99
N TRP D 276 -12.84 -24.37 27.93
CA TRP D 276 -11.52 -24.42 27.32
C TRP D 276 -10.66 -23.38 28.03
N ILE D 277 -9.55 -23.82 28.62
CA ILE D 277 -8.68 -22.96 29.40
C ILE D 277 -7.37 -22.79 28.67
N GLY D 278 -7.01 -21.54 28.38
CA GLY D 278 -5.68 -21.20 27.92
C GLY D 278 -4.87 -20.66 29.08
N ARG D 279 -3.64 -21.16 29.23
CA ARG D 279 -2.79 -20.74 30.32
C ARG D 279 -1.34 -20.99 29.95
N THR D 280 -0.45 -20.32 30.68
CA THR D 280 0.97 -20.60 30.54
C THR D 280 1.30 -21.98 31.09
N LYS D 281 2.36 -22.59 30.56
CA LYS D 281 2.79 -23.89 31.07
C LYS D 281 3.45 -23.74 32.44
N SER D 282 4.34 -22.77 32.59
CA SER D 282 5.03 -22.53 33.85
C SER D 282 4.11 -21.83 34.83
N ILE D 283 4.22 -22.21 36.11
CA ILE D 283 3.34 -21.65 37.13
C ILE D 283 3.86 -20.36 37.74
N SER D 284 5.07 -19.93 37.37
CA SER D 284 5.67 -18.72 37.94
C SER D 284 5.99 -17.67 36.90
N SER D 285 6.61 -18.04 35.79
CA SER D 285 6.99 -17.11 34.75
C SER D 285 6.12 -17.32 33.52
N ARG D 286 6.03 -16.26 32.70
CA ARG D 286 5.23 -16.29 31.48
C ARG D 286 5.96 -17.09 30.41
N ASN D 287 5.94 -18.41 30.60
CA ASN D 287 6.63 -19.35 29.73
C ASN D 287 5.67 -20.46 29.34
N GLY D 288 5.63 -20.79 28.05
CA GLY D 288 4.77 -21.83 27.54
C GLY D 288 3.32 -21.40 27.41
N PHE D 289 2.56 -22.20 26.67
CA PHE D 289 1.12 -21.99 26.57
C PHE D 289 0.47 -23.31 26.18
N GLU D 290 -0.68 -23.59 26.79
CA GLU D 290 -1.41 -24.81 26.51
C GLU D 290 -2.91 -24.53 26.54
N MET D 291 -3.65 -25.31 25.74
CA MET D 291 -5.10 -25.28 25.72
C MET D 291 -5.61 -26.54 26.39
N ILE D 292 -6.42 -26.38 27.42
CA ILE D 292 -6.90 -27.49 28.23
C ILE D 292 -8.42 -27.50 28.17
N TRP D 293 -8.98 -28.64 27.78
CA TRP D 293 -10.41 -28.85 27.78
C TRP D 293 -10.80 -29.55 29.07
N ASP D 294 -11.61 -28.89 29.89
CA ASP D 294 -12.16 -29.48 31.10
C ASP D 294 -13.67 -29.52 30.97
N PRO D 295 -14.29 -30.70 30.80
CA PRO D 295 -15.73 -30.76 30.56
C PRO D 295 -16.60 -30.37 31.75
N ASN D 296 -16.05 -30.22 32.94
CA ASN D 296 -16.82 -29.74 34.09
C ASN D 296 -16.13 -28.56 34.78
N GLY D 297 -15.15 -27.93 34.13
CA GLY D 297 -14.30 -26.95 34.78
C GLY D 297 -14.94 -25.61 35.07
N TRP D 298 -16.04 -25.26 34.43
CA TRP D 298 -16.64 -23.95 34.70
C TRP D 298 -17.30 -23.91 36.08
N THR D 299 -17.79 -25.05 36.57
CA THR D 299 -18.43 -25.14 37.88
C THR D 299 -17.80 -26.15 38.81
N GLY D 300 -17.31 -27.29 38.30
CA GLY D 300 -16.69 -28.27 39.15
C GLY D 300 -15.31 -27.87 39.61
N THR D 301 -14.88 -28.45 40.73
CA THR D 301 -13.67 -28.04 41.40
C THR D 301 -12.54 -29.06 41.34
N ASP D 302 -12.68 -30.12 40.56
CA ASP D 302 -11.60 -31.09 40.45
C ASP D 302 -10.50 -30.57 39.53
N ASN D 303 -9.33 -31.21 39.59
CA ASN D 303 -8.24 -30.92 38.68
C ASN D 303 -8.11 -31.97 37.58
N ASN D 304 -9.24 -32.54 37.16
CA ASN D 304 -9.26 -33.53 36.10
C ASN D 304 -9.54 -32.86 34.77
N PHE D 305 -8.82 -33.24 33.73
CA PHE D 305 -8.96 -32.64 32.42
C PHE D 305 -8.92 -33.73 31.35
N SER D 306 -9.52 -33.43 30.20
CA SER D 306 -9.66 -34.42 29.13
C SER D 306 -8.65 -34.21 28.01
N ILE D 307 -8.54 -32.99 27.49
CA ILE D 307 -7.66 -32.68 26.36
C ILE D 307 -6.64 -31.65 26.81
N LYS D 308 -5.38 -31.85 26.43
CA LYS D 308 -4.35 -30.84 26.53
C LYS D 308 -3.62 -30.76 25.21
N GLN D 309 -3.60 -29.57 24.60
CA GLN D 309 -2.86 -29.32 23.38
C GLN D 309 -1.76 -28.31 23.66
N ASP D 310 -0.54 -28.63 23.28
CA ASP D 310 0.59 -27.72 23.45
C ASP D 310 0.52 -26.60 22.42
N ILE D 311 0.70 -25.37 22.88
CA ILE D 311 0.73 -24.20 22.02
C ILE D 311 2.15 -23.63 21.94
N VAL D 312 2.72 -23.25 23.08
CA VAL D 312 4.10 -22.78 23.17
C VAL D 312 4.83 -23.66 24.16
N GLY D 313 6.06 -24.04 23.80
CA GLY D 313 6.85 -24.87 24.69
C GLY D 313 7.32 -24.11 25.92
N ILE D 314 7.63 -24.88 26.97
CA ILE D 314 7.91 -24.30 28.29
C ILE D 314 9.21 -23.48 28.31
N ASN D 315 10.12 -23.71 27.37
CA ASN D 315 11.37 -22.96 27.32
C ASN D 315 11.26 -21.65 26.56
N GLU D 316 10.15 -21.41 25.86
CA GLU D 316 9.98 -20.20 25.08
C GLU D 316 9.07 -19.22 25.80
N TRP D 317 9.31 -17.93 25.56
CA TRP D 317 8.59 -16.89 26.28
C TRP D 317 7.17 -16.73 25.74
N SER D 318 6.21 -16.66 26.65
CA SER D 318 4.83 -16.38 26.34
C SER D 318 4.46 -15.07 27.01
N GLY D 319 3.17 -14.77 27.06
CA GLY D 319 2.75 -13.53 27.67
C GLY D 319 1.25 -13.39 27.68
N TYR D 320 0.78 -12.23 27.27
CA TYR D 320 -0.65 -11.96 27.19
C TYR D 320 -1.31 -12.91 26.19
N SER D 321 -2.49 -13.40 26.57
CA SER D 321 -3.37 -14.11 25.66
C SER D 321 -4.75 -13.51 25.75
N GLY D 322 -5.49 -13.60 24.66
CA GLY D 322 -6.84 -13.07 24.62
C GLY D 322 -7.65 -13.73 23.52
N SER D 323 -8.96 -13.72 23.71
CA SER D 323 -9.89 -14.34 22.79
C SER D 323 -10.25 -13.39 21.65
N PHE D 324 -10.67 -13.97 20.53
CA PHE D 324 -11.45 -13.27 19.53
C PHE D 324 -12.32 -14.27 18.81
N VAL D 325 -13.31 -13.77 18.09
CA VAL D 325 -14.27 -14.65 17.45
C VAL D 325 -14.37 -14.32 15.97
N MET D 326 -14.80 -15.31 15.20
CA MET D 326 -15.15 -15.14 13.80
C MET D 326 -16.64 -15.40 13.66
N HIS D 327 -17.39 -14.38 13.29
CA HIS D 327 -18.83 -14.44 13.19
C HIS D 327 -19.27 -15.20 11.94
N PRO D 328 -20.52 -15.69 11.92
CA PRO D 328 -21.04 -16.31 10.69
C PRO D 328 -21.09 -15.38 9.48
N GLU D 329 -21.09 -14.06 9.69
CA GLU D 329 -21.13 -13.12 8.59
C GLU D 329 -19.83 -13.14 7.79
N LEU D 330 -18.75 -13.63 8.40
CA LEU D 330 -17.44 -13.73 7.75
C LEU D 330 -17.11 -15.15 7.34
N THR D 331 -17.44 -16.13 8.18
CA THR D 331 -17.10 -17.52 7.91
C THR D 331 -18.08 -18.21 6.98
N GLY D 332 -19.32 -17.73 6.90
CA GLY D 332 -20.37 -18.43 6.19
C GLY D 332 -21.00 -19.57 6.96
N LEU D 333 -20.56 -19.81 8.19
CA LEU D 333 -21.03 -20.92 8.99
C LEU D 333 -22.35 -20.56 9.68
N ASP D 334 -22.82 -21.46 10.54
CA ASP D 334 -24.01 -21.22 11.35
C ASP D 334 -23.67 -20.92 12.80
N CYS D 335 -22.39 -20.91 13.16
CA CYS D 335 -21.96 -20.77 14.54
C CYS D 335 -20.80 -19.79 14.61
N ILE D 336 -20.52 -19.33 15.83
CA ILE D 336 -19.43 -18.40 16.09
C ILE D 336 -18.17 -19.21 16.39
N VAL D 337 -17.11 -18.97 15.63
CA VAL D 337 -15.86 -19.72 15.78
C VAL D 337 -14.99 -19.08 16.86
N PRO D 338 -14.67 -19.80 17.94
CA PRO D 338 -13.75 -19.25 18.92
C PRO D 338 -12.32 -19.26 18.42
N CYS D 339 -11.58 -18.21 18.77
CA CYS D 339 -10.20 -18.06 18.35
C CYS D 339 -9.45 -17.35 19.46
N PHE D 340 -8.12 -17.49 19.46
CA PHE D 340 -7.33 -16.78 20.45
C PHE D 340 -5.97 -16.42 19.87
N TRP D 341 -5.34 -15.43 20.50
CA TRP D 341 -3.98 -15.02 20.19
C TRP D 341 -3.12 -15.12 21.45
N VAL D 342 -1.82 -15.29 21.25
CA VAL D 342 -0.84 -15.31 22.34
C VAL D 342 0.27 -14.33 22.00
N GLU D 343 0.63 -13.47 22.95
CA GLU D 343 1.74 -12.53 22.76
C GLU D 343 3.03 -13.19 23.24
N LEU D 344 4.03 -13.24 22.37
CA LEU D 344 5.34 -13.80 22.69
C LEU D 344 6.30 -12.64 22.96
N ILE D 345 6.44 -12.28 24.22
CA ILE D 345 7.18 -11.09 24.62
C ILE D 345 8.68 -11.36 24.50
N ARG D 346 9.40 -10.41 23.91
CA ARG D 346 10.86 -10.42 23.87
C ARG D 346 11.38 -9.23 24.64
N GLY D 347 12.63 -9.33 25.10
CA GLY D 347 13.27 -8.24 25.81
C GLY D 347 13.27 -8.40 27.32
N TRP D 355 14.95 -2.58 24.85
CA TRP D 355 13.55 -2.51 24.43
C TRP D 355 12.75 -3.71 24.90
N THR D 356 11.43 -3.64 24.72
CA THR D 356 10.52 -4.73 25.07
C THR D 356 9.43 -4.76 24.00
N SER D 357 9.48 -5.76 23.13
CA SER D 357 8.52 -5.94 22.06
C SER D 357 8.02 -7.39 22.07
N GLY D 358 6.92 -7.63 21.36
CA GLY D 358 6.43 -8.99 21.27
C GLY D 358 5.57 -9.26 20.07
N SER D 359 5.95 -10.28 19.29
CA SER D 359 5.13 -10.74 18.19
C SER D 359 3.97 -11.56 18.73
N SER D 360 3.06 -11.96 17.84
CA SER D 360 1.85 -12.65 18.26
C SER D 360 1.55 -13.81 17.32
N ILE D 361 1.07 -14.90 17.91
CA ILE D 361 0.57 -16.04 17.16
C ILE D 361 -0.90 -16.24 17.52
N SER D 362 -1.69 -16.68 16.55
CA SER D 362 -3.12 -16.81 16.73
C SER D 362 -3.60 -18.17 16.26
N PHE D 363 -4.64 -18.66 16.93
CA PHE D 363 -5.21 -19.98 16.71
C PHE D 363 -6.72 -19.87 16.66
N CYS D 364 -7.36 -20.71 15.87
CA CYS D 364 -8.81 -20.76 15.78
C CYS D 364 -9.28 -22.19 16.03
N GLY D 365 -10.43 -22.30 16.70
CA GLY D 365 -10.92 -23.62 17.06
C GLY D 365 -11.48 -24.36 15.87
N VAL D 366 -11.18 -25.65 15.80
CA VAL D 366 -11.64 -26.52 14.73
C VAL D 366 -12.17 -27.81 15.35
N ASN D 367 -13.06 -28.48 14.62
CA ASN D 367 -13.51 -29.80 15.00
C ASN D 367 -12.87 -30.89 14.17
N SER D 368 -11.71 -30.61 13.56
CA SER D 368 -10.93 -31.58 12.83
C SER D 368 -9.59 -31.81 13.54
N ASP D 369 -8.73 -32.60 12.90
CA ASP D 369 -7.47 -32.98 13.51
C ASP D 369 -6.49 -31.81 13.57
N THR D 370 -5.76 -31.72 14.69
CA THR D 370 -4.70 -30.75 14.86
C THR D 370 -3.54 -31.42 15.57
N VAL D 371 -2.46 -30.65 15.79
CA VAL D 371 -1.26 -31.16 16.44
C VAL D 371 -0.76 -30.11 17.43
N GLY D 372 -0.28 -30.58 18.58
CA GLY D 372 0.33 -29.70 19.54
C GLY D 372 1.80 -29.49 19.29
N TRP D 373 2.15 -28.34 18.72
CA TRP D 373 3.53 -27.97 18.45
C TRP D 373 3.89 -26.74 19.28
N SER D 374 5.06 -26.18 19.01
CA SER D 374 5.48 -24.90 19.55
C SER D 374 5.75 -23.94 18.40
N TRP D 375 5.19 -22.75 18.48
CA TRP D 375 5.36 -21.72 17.46
C TRP D 375 5.92 -20.48 18.15
N PRO D 376 7.23 -20.48 18.45
CA PRO D 376 7.79 -19.39 19.25
C PRO D 376 8.21 -18.19 18.41
N ASP D 377 8.65 -17.12 19.08
CA ASP D 377 9.05 -15.90 18.38
C ASP D 377 10.28 -16.13 17.52
N GLY D 378 11.34 -16.71 18.10
CA GLY D 378 12.52 -17.09 17.35
C GLY D 378 13.45 -15.98 16.95
N ALA D 379 13.56 -14.91 17.73
CA ALA D 379 14.52 -13.85 17.46
C ALA D 379 15.73 -13.98 18.36
N GLU D 380 16.90 -13.66 17.79
CA GLU D 380 18.16 -13.77 18.51
C GLU D 380 18.43 -12.47 19.25
N LEU D 381 18.37 -12.52 20.58
CA LEU D 381 18.58 -11.33 21.40
C LEU D 381 19.86 -11.47 22.22
C4 A1IVW E . 15.45 -32.86 -1.04
C14 A1IVW E . 12.06 -31.05 -0.47
C5 A1IVW E . 15.46 -31.85 0.09
C6 A1IVW E . 13.48 -30.79 -0.98
C11 A1IVW E . 11.71 -29.96 0.55
C7 A1IVW E . 13.61 -29.38 -1.52
C8 A1IVW E . 14.58 -29.14 -2.50
C9 A1IVW E . 12.83 -28.38 -1.11
C10 A1IVW E . 11.74 -28.56 -0.09
C12 A1IVW E . 10.24 -30.28 2.49
C13 A1IVW E . 8.83 -30.53 2.93
N1 A1IVW E . 14.48 -30.93 0.06
N2 A1IVW E . 11.93 -27.52 0.97
C3 A1IVW E . 16.71 -32.76 -1.91
N3 A1IVW E . 10.42 -30.19 1.18
C1 A1IVW E . 16.87 -34.88 -3.49
C15 A1IVW E . 10.87 -33.17 -0.24
C16 A1IVW E . 10.84 -34.36 0.71
C17 A1IVW E . 10.65 -33.96 2.17
C18 A1IVW E . 10.94 -33.56 -1.71
C19 A1IVW E . 12.10 -34.48 -2.03
C2 A1IVW E . 16.80 -33.91 -2.81
O1 A1IVW E . 16.32 -31.88 0.97
O2 A1IVW E . 15.07 -30.14 -3.07
O3 A1IVW E . 14.89 -27.96 -2.75
O4 A1IVW E . 11.16 -30.16 3.29
O5 A1IVW E . 12.00 -32.35 0.10
C1 NAG F . -17.86 -24.93 -20.96
C2 NAG F . -18.92 -25.50 -21.91
C3 NAG F . -19.73 -24.37 -22.53
C4 NAG F . -20.27 -23.41 -21.47
C5 NAG F . -19.10 -22.93 -20.59
C6 NAG F . -19.49 -21.96 -19.50
C7 NAG F . -18.83 -27.47 -23.39
C8 NAG F . -18.00 -28.15 -24.46
N2 NAG F . -18.32 -26.32 -22.92
O3 NAG F . -20.77 -24.95 -23.28
O4 NAG F . -20.88 -22.35 -22.14
O5 NAG F . -18.47 -24.07 -20.03
O6 NAG F . -20.53 -22.51 -18.71
O7 NAG F . -19.88 -27.95 -23.01
CA CA G . 14.55 -38.43 -9.89
C4 A1IVW H . 22.09 6.56 -28.10
C14 A1IVW H . 18.77 4.80 -27.11
C5 A1IVW H . 22.24 5.51 -27.02
C6 A1IVW H . 19.80 5.80 -26.58
C11 A1IVW H . 18.55 3.72 -26.06
C7 A1IVW H . 19.36 6.35 -25.24
C8 A1IVW H . 19.82 7.63 -24.89
C9 A1IVW H . 18.56 5.69 -24.42
C10 A1IVW H . 18.01 4.32 -24.73
C12 A1IVW H . 17.99 1.38 -26.52
C13 A1IVW H . 16.95 0.45 -27.05
N1 A1IVW H . 21.11 5.19 -26.37
N2 A1IVW H . 18.32 3.41 -23.59
C3 A1IVW H . 22.88 7.82 -27.79
N3 A1IVW H . 17.67 2.66 -26.50
C1 A1IVW H . 23.01 9.36 -29.94
C15 A1IVW H . 18.33 4.13 -29.42
C16 A1IVW H . 18.96 3.22 -30.48
C17 A1IVW H . 19.20 1.81 -29.99
C18 A1IVW H . 17.97 5.51 -29.93
C19 A1IVW H . 19.13 6.24 -30.58
C2 A1IVW H . 22.95 8.70 -28.96
O1 A1IVW H . 23.32 5.01 -26.76
O2 A1IVW H . 20.28 8.35 -25.79
O3 A1IVW H . 19.69 7.99 -23.69
O4 A1IVW H . 19.07 0.96 -26.11
O5 A1IVW H . 19.26 4.23 -28.33
C1 NAG I . -16.87 11.61 -30.22
C2 NAG I . -17.79 12.78 -30.57
C3 NAG I . -19.05 12.77 -29.71
C4 NAG I . -19.71 11.39 -29.74
C5 NAG I . -18.68 10.32 -29.36
C6 NAG I . -19.25 8.92 -29.35
C7 NAG I . -16.85 14.90 -31.44
C8 NAG I . -16.10 16.15 -31.06
N2 NAG I . -17.09 14.04 -30.43
O3 NAG I . -19.90 13.77 -30.18
O4 NAG I . -20.78 11.43 -28.82
O5 NAG I . -17.60 10.39 -30.27
O6 NAG I . -18.22 7.97 -29.31
O7 NAG I . -17.20 14.70 -32.59
CA CA J . 19.57 14.44 -34.56
C4 A1IVW K . 8.58 33.91 9.24
C14 A1IVW K . 5.97 32.22 6.52
C5 A1IVW K . 9.12 33.24 8.00
C6 A1IVW K . 6.91 32.11 7.73
C11 A1IVW K . 6.42 31.18 5.49
C7 A1IVW K . 6.81 30.71 8.31
C8 A1IVW K . 6.99 30.54 9.67
C9 A1IVW K . 6.56 29.65 7.54
C10 A1IVW K . 6.33 29.74 6.06
C12 A1IVW K . 6.29 31.32 3.06
C13 A1IVW K . 5.37 31.40 1.87
N1 A1IVW K . 8.28 32.39 7.38
N2 A1IVW K . 7.31 28.85 5.37
C3 A1IVW K . 8.52 35.43 9.11
N3 A1IVW K . 5.70 31.25 4.23
C1 A1IVW K . 7.48 36.54 11.26
C15 A1IVW K . 4.87 34.18 5.52
C16 A1IVW K . 5.26 35.39 4.70
C17 A1IVW K . 6.06 35.02 3.46
C18 A1IVW K . 3.99 34.51 6.72
C19 A1IVW K . 4.59 35.57 7.63
C2 A1IVW K . 7.93 36.02 10.31
O1 A1IVW K . 10.26 33.46 7.59
O2 A1IVW K . 6.75 31.52 10.41
O3 A1IVW K . 7.33 29.41 10.09
O4 A1IVW K . 7.52 31.32 2.92
O5 A1IVW K . 6.07 33.54 5.98
C1 NAG L . -28.92 21.90 4.17
C2 NAG L . -30.16 21.88 5.07
C3 NAG L . -31.00 20.62 4.82
C4 NAG L . -31.25 20.40 3.33
C5 NAG L . -29.90 20.41 2.60
C6 NAG L . -30.00 20.15 1.12
C7 NAG L . -30.15 22.96 7.29
C8 NAG L . -29.63 22.84 8.71
N2 NAG L . -29.79 21.97 6.45
O3 NAG L . -32.20 20.76 5.54
O4 NAG L . -31.91 19.16 3.19
O5 NAG L . -29.28 21.66 2.82
O6 NAG L . -30.53 18.86 0.92
O7 NAG L . -30.85 23.90 6.95
CA CA M . 1.50 39.39 15.22
C4 A1IVW N . 1.48 -5.13 35.95
C14 A1IVW N . -0.75 -3.71 33.10
C5 A1IVW N . 2.12 -4.02 35.12
C6 A1IVW N . 0.50 -4.57 33.33
C11 A1IVW N . -0.42 -2.62 32.08
C7 A1IVW N . 1.00 -5.12 32.02
C8 A1IVW N . 1.71 -6.32 32.04
C9 A1IVW N . 0.77 -4.53 30.85
C10 A1IVW N . -0.01 -3.24 30.72
C12 A1IVW N . -1.40 -0.38 32.04
C13 A1IVW N . -2.64 0.42 31.80
N1 A1IVW N . 1.59 -3.81 33.91
N2 A1IVW N . 0.81 -2.26 29.94
C3 A1IVW N . 2.45 -6.28 36.21
N3 A1IVW N . -1.51 -1.69 31.88
C1 A1IVW N . 1.44 -7.88 38.04
C15 A1IVW N . -2.56 -3.17 34.68
C16 A1IVW N . -2.79 -2.25 35.86
C17 A1IVW N . -2.46 -0.80 35.56
C18 A1IVW N . -3.00 -4.61 34.91
C19 A1IVW N . -2.38 -5.23 36.16
C2 A1IVW N . 1.89 -7.19 37.20
O1 A1IVW N . 3.08 -3.39 35.55
O2 A1IVW N . 1.63 -7.02 33.08
O3 A1IVW N . 2.37 -6.64 31.01
O4 A1IVW N . -0.34 0.16 32.34
O5 A1IVW N . -1.16 -3.14 34.35
C1 NAG O . -30.09 -13.79 14.36
C2 NAG O . -31.00 -14.80 13.65
C3 NAG O . -31.31 -14.32 12.23
C4 NAG O . -31.76 -12.85 12.20
C5 NAG O . -30.74 -11.99 12.95
C6 NAG O . -31.14 -10.53 13.06
C7 NAG O . -30.95 -17.29 13.62
C8 NAG O . -30.02 -18.48 13.59
N2 NAG O . -30.34 -16.09 13.62
O3 NAG O . -32.30 -15.16 11.70
O4 NAG O . -31.89 -12.46 10.85
O5 NAG O . -30.62 -12.49 14.26
O6 NAG O . -32.08 -10.39 14.09
O7 NAG O . -32.17 -17.43 13.65
CA CA P . -3.52 -13.47 39.90
#